data_4PNH
#
_entry.id   4PNH
#
_cell.length_a   245.904
_cell.length_b   245.904
_cell.length_c   41.398
_cell.angle_alpha   90.00
_cell.angle_beta   90.00
_cell.angle_gamma   120.00
#
_symmetry.space_group_name_H-M   'P 31'
#
loop_
_entity.id
_entity.type
_entity.pdbx_description
1 polymer 'D,D-heptose 1,7-bisphosphate phosphatase'
2 water water
#
_entity_poly.entity_id   1
_entity_poly.type   'polypeptide(L)'
_entity_poly.pdbx_seq_one_letter_code
;MHHHHHHGGGGGMPTSPSKKLVVLDRDGVINVDSDAFVKSPDEWVALPGSLEAIARLNHAGYRVVVATNQSGIGRGLFDM
ATLNAMHLKMHRAAAAVGGRIDAVFFCPHTADDHCDCRKPMPGMMKLIAERFEIDPADTPVVGDSLRDLQAGAALGFRPH
LVLTGKGKKTLAAGGLPEGTRVHDDLRAFALDFLSKEHE
;
_entity_poly.pdbx_strand_id   A,B,C,D,E,F,G,H,I,J,K,L
#
# COMPACT_ATOMS: atom_id res chain seq x y z
N LYS A 19 67.64 61.94 43.13
CA LYS A 19 67.22 61.91 44.53
C LYS A 19 66.61 60.54 44.87
N LYS A 20 67.34 59.78 45.68
CA LYS A 20 67.00 58.40 45.98
C LYS A 20 65.88 58.25 47.01
N LEU A 21 65.24 57.08 47.02
CA LEU A 21 64.04 56.88 47.82
C LEU A 21 64.00 55.50 48.46
N VAL A 22 63.24 55.40 49.55
CA VAL A 22 63.04 54.16 50.29
C VAL A 22 61.60 54.08 50.78
N VAL A 23 60.91 53.00 50.41
CA VAL A 23 59.50 52.84 50.80
C VAL A 23 59.31 51.98 52.03
N LEU A 24 58.65 52.55 53.04
CA LEU A 24 58.36 51.84 54.27
C LEU A 24 56.87 51.70 54.54
N ASP A 25 56.43 50.50 54.92
CA ASP A 25 55.14 50.38 55.56
C ASP A 25 55.29 50.97 56.94
N ARG A 26 54.21 51.52 57.47
CA ARG A 26 54.22 52.12 58.80
C ARG A 26 54.04 51.11 59.93
N ASP A 27 52.93 50.38 59.89
CA ASP A 27 52.56 49.47 60.98
C ASP A 27 53.50 48.28 61.14
N GLY A 28 53.93 48.06 62.37
CA GLY A 28 54.81 46.95 62.71
C GLY A 28 56.22 47.14 62.20
N VAL A 29 56.45 48.29 61.55
CA VAL A 29 57.75 48.63 61.01
C VAL A 29 58.34 49.82 61.77
N ILE A 30 57.54 50.87 61.94
CA ILE A 30 58.00 52.07 62.62
C ILE A 30 57.40 52.22 64.02
N ASN A 31 56.11 51.90 64.15
CA ASN A 31 55.45 52.03 65.44
C ASN A 31 55.02 50.71 66.07
N VAL A 32 54.67 50.78 67.35
CA VAL A 32 54.21 49.63 68.11
C VAL A 32 52.80 49.21 67.70
N SER A 40 43.46 53.18 70.06
CA SER A 40 43.23 54.49 69.46
C SER A 40 44.40 54.87 68.55
N PRO A 41 44.07 55.31 67.33
CA PRO A 41 45.03 55.68 66.27
C PRO A 41 45.98 56.82 66.65
N ASP A 42 45.58 57.63 67.63
CA ASP A 42 46.40 58.77 68.06
C ASP A 42 47.35 58.35 69.16
N GLU A 43 47.02 57.24 69.82
CA GLU A 43 47.90 56.69 70.84
C GLU A 43 49.00 55.93 70.09
N TRP A 44 49.64 56.66 69.18
CA TRP A 44 50.65 56.17 68.24
C TRP A 44 52.05 56.39 68.78
N VAL A 45 52.86 55.34 68.82
CA VAL A 45 54.16 55.42 69.45
C VAL A 45 55.21 54.67 68.61
N ALA A 46 56.30 55.35 68.29
CA ALA A 46 57.32 54.76 67.42
C ALA A 46 58.38 54.00 68.22
N LEU A 47 58.92 52.96 67.60
CA LEU A 47 60.11 52.31 68.12
C LEU A 47 61.28 53.26 67.97
N PRO A 48 62.03 53.46 69.06
CA PRO A 48 63.14 54.42 69.09
C PRO A 48 64.21 54.13 68.05
N GLY A 49 64.45 52.85 67.76
CA GLY A 49 65.40 52.46 66.74
C GLY A 49 64.94 52.79 65.32
N SER A 50 63.63 52.87 65.13
CA SER A 50 63.08 53.18 63.81
C SER A 50 63.25 54.65 63.48
N LEU A 51 63.23 55.49 64.51
CA LEU A 51 63.49 56.91 64.34
C LEU A 51 64.94 57.14 63.94
N GLU A 52 65.85 56.46 64.61
CA GLU A 52 67.26 56.49 64.25
C GLU A 52 67.44 56.10 62.79
N ALA A 53 66.79 55.01 62.38
CA ALA A 53 66.87 54.50 61.01
C ALA A 53 66.50 55.55 59.98
N ILE A 54 65.41 56.26 60.24
CA ILE A 54 64.92 57.28 59.31
C ILE A 54 65.92 58.42 59.16
N ALA A 55 66.44 58.88 60.30
CA ALA A 55 67.44 59.93 60.30
C ALA A 55 68.71 59.51 59.55
N ARG A 56 69.19 58.28 59.81
CA ARG A 56 70.38 57.77 59.13
C ARG A 56 70.16 57.68 57.63
N LEU A 57 68.95 57.27 57.24
CA LEU A 57 68.58 57.23 55.82
C LEU A 57 68.51 58.64 55.26
N ASN A 58 67.96 59.57 56.05
CA ASN A 58 67.87 60.96 55.63
C ASN A 58 69.23 61.60 55.42
N HIS A 59 70.10 61.45 56.43
CA HIS A 59 71.42 62.07 56.41
C HIS A 59 72.26 61.55 55.24
N ALA A 60 71.95 60.33 54.80
CA ALA A 60 72.62 59.74 53.65
C ALA A 60 71.93 60.11 52.34
N GLY A 61 70.92 60.97 52.42
CA GLY A 61 70.33 61.54 51.23
C GLY A 61 69.14 60.81 50.65
N TYR A 62 68.48 60.00 51.47
CA TYR A 62 67.30 59.27 51.03
C TYR A 62 66.01 59.94 51.45
N ARG A 63 65.04 59.96 50.54
CA ARG A 63 63.69 60.36 50.91
C ARG A 63 62.94 59.15 51.44
N VAL A 64 62.38 59.29 52.65
CA VAL A 64 61.73 58.18 53.32
C VAL A 64 60.21 58.30 53.24
N VAL A 65 59.59 57.39 52.50
CA VAL A 65 58.13 57.39 52.35
C VAL A 65 57.50 56.37 53.28
N VAL A 66 56.60 56.84 54.14
CA VAL A 66 55.94 55.96 55.10
C VAL A 66 54.51 55.67 54.64
N ALA A 67 54.28 54.41 54.25
CA ALA A 67 53.02 54.02 53.65
C ALA A 67 52.07 53.46 54.69
N THR A 68 50.94 54.13 54.89
CA THR A 68 49.94 53.70 55.85
C THR A 68 48.71 53.11 55.17
N ASN A 69 48.50 51.82 55.35
CA ASN A 69 47.32 51.16 54.82
C ASN A 69 46.12 51.62 55.64
N GLN A 70 45.25 52.43 55.03
CA GLN A 70 44.18 53.08 55.76
C GLN A 70 43.15 52.12 56.39
N SER A 71 43.09 50.90 55.89
CA SER A 71 42.27 49.85 56.52
C SER A 71 42.90 49.42 57.83
N GLY A 72 44.04 50.05 58.15
CA GLY A 72 44.76 49.79 59.38
C GLY A 72 44.87 51.05 60.21
N ILE A 73 43.81 51.85 60.17
CA ILE A 73 43.66 53.00 61.05
C ILE A 73 42.55 52.45 61.91
N GLY A 74 42.97 51.78 63.00
CA GLY A 74 42.02 51.07 63.82
C GLY A 74 40.96 50.31 63.04
N ARG A 75 41.42 49.66 61.98
CA ARG A 75 40.58 48.87 61.08
C ARG A 75 39.55 49.74 60.33
N GLY A 76 40.06 50.81 59.72
CA GLY A 76 39.32 51.67 58.82
C GLY A 76 38.17 52.54 59.29
N LEU A 77 38.14 52.88 60.58
CA LEU A 77 37.11 53.77 61.13
C LEU A 77 37.71 55.11 61.58
N PHE A 78 37.54 56.17 60.79
CA PHE A 78 38.14 57.45 61.20
C PHE A 78 37.58 58.72 60.57
N ASP A 79 37.53 59.76 61.40
CA ASP A 79 37.23 61.13 61.01
C ASP A 79 38.50 61.88 60.65
N MET A 80 38.40 63.18 60.37
CA MET A 80 39.58 63.97 60.04
C MET A 80 40.45 64.33 61.24
N ALA A 81 39.84 64.55 62.39
CA ALA A 81 40.56 64.90 63.60
C ALA A 81 41.53 63.80 64.01
N THR A 82 41.05 62.57 64.03
CA THR A 82 41.87 61.41 64.35
C THR A 82 43.00 61.24 63.33
N LEU A 83 42.69 61.48 62.07
CA LEU A 83 43.66 61.37 60.99
C LEU A 83 44.76 62.43 61.07
N ASN A 84 44.37 63.66 61.38
CA ASN A 84 45.32 64.76 61.47
C ASN A 84 46.34 64.63 62.60
N ALA A 85 45.84 64.33 63.79
CA ALA A 85 46.70 64.13 64.97
C ALA A 85 47.68 63.00 64.73
N MET A 86 47.19 61.96 64.06
CA MET A 86 47.97 60.77 63.78
C MET A 86 49.12 61.12 62.86
N HIS A 87 48.85 61.98 61.87
CA HIS A 87 49.90 62.43 60.97
C HIS A 87 50.85 63.36 61.72
N LEU A 88 50.30 64.11 62.67
CA LEU A 88 51.09 65.05 63.47
C LEU A 88 51.93 64.31 64.49
N LYS A 89 51.34 63.30 65.13
CA LYS A 89 52.08 62.41 66.02
C LYS A 89 53.25 61.81 65.25
N MET A 90 52.95 61.37 64.03
CA MET A 90 53.96 60.84 63.12
C MET A 90 55.03 61.87 62.79
N HIS A 91 54.59 63.08 62.50
CA HIS A 91 55.49 64.15 62.08
C HIS A 91 56.37 64.55 63.26
N ARG A 92 55.78 64.55 64.45
CA ARG A 92 56.45 64.97 65.66
C ARG A 92 57.47 63.94 66.15
N ALA A 93 57.19 62.67 65.88
CA ALA A 93 58.12 61.60 66.22
C ALA A 93 59.43 61.75 65.44
N ALA A 94 59.31 61.94 64.13
CA ALA A 94 60.46 62.15 63.26
C ALA A 94 61.26 63.41 63.59
N ALA A 95 60.55 64.51 63.81
CA ALA A 95 61.19 65.79 64.10
C ALA A 95 62.03 65.74 65.37
N ALA A 96 61.62 64.90 66.31
CA ALA A 96 62.32 64.75 67.58
C ALA A 96 63.78 64.36 67.40
N VAL A 97 64.09 63.64 66.32
CA VAL A 97 65.45 63.23 66.03
C VAL A 97 66.00 63.82 64.73
N GLY A 98 65.29 64.79 64.16
CA GLY A 98 65.76 65.49 62.98
C GLY A 98 65.57 64.77 61.66
N GLY A 99 64.48 64.01 61.55
CA GLY A 99 64.23 63.25 60.35
C GLY A 99 63.16 63.85 59.45
N ARG A 100 63.10 63.39 58.22
CA ARG A 100 62.08 63.86 57.29
C ARG A 100 61.44 62.67 56.60
N ILE A 101 60.12 62.62 56.63
CA ILE A 101 59.38 61.56 55.95
C ILE A 101 58.30 62.09 55.03
N ASP A 102 57.90 61.28 54.04
CA ASP A 102 56.73 61.58 53.22
C ASP A 102 55.64 60.55 53.50
N ALA A 103 54.65 60.93 54.31
CA ALA A 103 53.60 60.02 54.72
C ALA A 103 52.46 60.00 53.71
N VAL A 104 52.22 58.83 53.13
CA VAL A 104 51.11 58.65 52.21
C VAL A 104 50.17 57.58 52.78
N PHE A 105 48.90 57.64 52.37
CA PHE A 105 47.87 56.80 52.96
C PHE A 105 47.10 56.06 51.86
N PHE A 106 46.90 54.76 52.04
CA PHE A 106 46.35 53.90 50.99
C PHE A 106 45.04 53.20 51.33
N CYS A 107 44.16 53.10 50.33
CA CYS A 107 42.88 52.45 50.52
C CYS A 107 42.50 51.62 49.29
N MET A 124 48.66 49.32 45.41
CA MET A 124 49.38 50.23 46.29
C MET A 124 50.73 50.63 45.70
N MET A 125 51.65 49.67 45.68
CA MET A 125 52.99 49.88 45.12
C MET A 125 52.90 50.39 43.69
N LYS A 126 51.87 49.93 43.02
CA LYS A 126 51.56 50.25 41.63
C LYS A 126 51.37 51.75 41.41
N LEU A 127 50.98 52.46 42.45
CA LEU A 127 50.70 53.90 42.36
C LEU A 127 51.82 54.74 42.99
N ILE A 128 52.50 54.16 43.97
CA ILE A 128 53.57 54.84 44.70
C ILE A 128 54.68 55.21 43.73
N ALA A 129 54.93 54.31 42.79
CA ALA A 129 55.91 54.51 41.73
C ALA A 129 55.52 55.66 40.81
N GLU A 130 54.28 56.14 40.93
CA GLU A 130 53.81 57.23 40.08
C GLU A 130 53.82 58.59 40.79
N ARG A 131 53.41 58.62 42.05
CA ARG A 131 53.44 59.86 42.82
C ARG A 131 54.88 60.31 42.98
N PHE A 132 55.75 59.32 43.08
CA PHE A 132 57.18 59.56 43.13
C PHE A 132 57.76 59.05 41.83
N GLU A 133 58.90 59.58 41.42
CA GLU A 133 59.44 59.24 40.10
C GLU A 133 60.71 58.48 40.44
N ILE A 134 60.60 57.15 40.42
CA ILE A 134 61.67 56.27 40.84
C ILE A 134 61.55 54.97 40.05
N ASP A 135 62.69 54.35 39.77
CA ASP A 135 62.71 53.00 39.23
C ASP A 135 62.62 51.97 40.35
N PRO A 136 61.57 51.14 40.33
CA PRO A 136 61.33 50.08 41.31
C PRO A 136 62.53 49.17 41.48
N ALA A 137 63.29 48.98 40.42
CA ALA A 137 64.46 48.11 40.45
C ALA A 137 65.55 48.68 41.34
N ASP A 138 65.44 49.97 41.65
CA ASP A 138 66.42 50.63 42.51
C ASP A 138 65.83 51.01 43.87
N THR A 139 64.68 50.45 44.21
CA THR A 139 63.99 50.86 45.43
C THR A 139 63.59 49.68 46.31
N PRO A 140 64.02 49.72 47.58
CA PRO A 140 63.55 48.75 48.56
C PRO A 140 62.15 49.08 49.08
N VAL A 141 61.31 48.06 49.25
CA VAL A 141 60.09 48.23 50.00
C VAL A 141 60.26 47.41 51.28
N VAL A 142 59.93 48.02 52.42
CA VAL A 142 60.17 47.38 53.70
C VAL A 142 58.88 47.21 54.47
N GLY A 143 58.66 46.00 54.96
CA GLY A 143 57.43 45.67 55.66
C GLY A 143 57.63 44.47 56.58
N ASP A 144 56.56 44.08 57.26
CA ASP A 144 56.60 42.91 58.12
C ASP A 144 55.59 41.89 57.62
N SER A 145 55.03 42.16 56.43
CA SER A 145 53.92 41.39 55.90
C SER A 145 54.13 40.90 54.46
N LEU A 146 53.47 39.81 54.11
CA LEU A 146 53.52 39.23 52.77
C LEU A 146 52.88 40.12 51.72
N ARG A 147 51.69 40.62 52.05
CA ARG A 147 50.88 41.43 51.14
C ARG A 147 51.68 42.49 50.39
N ASP A 148 52.41 43.28 51.16
CA ASP A 148 53.13 44.44 50.64
C ASP A 148 54.37 44.06 49.85
N LEU A 149 55.15 43.15 50.42
CA LEU A 149 56.42 42.77 49.81
C LEU A 149 56.18 42.01 48.51
N GLN A 150 55.13 41.18 48.50
CA GLN A 150 54.77 40.44 47.31
C GLN A 150 54.26 41.41 46.25
N ALA A 151 53.50 42.41 46.70
CA ALA A 151 53.04 43.48 45.81
C ALA A 151 54.21 44.27 45.26
N GLY A 152 55.14 44.64 46.14
CA GLY A 152 56.29 45.43 45.73
C GLY A 152 57.14 44.65 44.76
N ALA A 153 57.36 43.37 45.06
CA ALA A 153 58.22 42.52 44.25
C ALA A 153 57.64 42.38 42.85
N ALA A 154 56.31 42.45 42.76
CA ALA A 154 55.63 42.38 41.47
C ALA A 154 56.00 43.57 40.57
N LEU A 155 56.51 44.64 41.17
CA LEU A 155 56.88 45.81 40.37
C LEU A 155 58.37 45.91 40.14
N GLY A 156 59.15 45.05 40.81
CA GLY A 156 60.58 45.07 40.61
C GLY A 156 61.26 45.55 41.88
N PHE A 157 60.44 45.98 42.84
CA PHE A 157 60.93 46.46 44.13
C PHE A 157 61.81 45.41 44.80
N ARG A 158 62.77 45.88 45.57
CA ARG A 158 63.67 45.00 46.30
C ARG A 158 63.02 44.72 47.64
N PRO A 159 62.51 43.49 47.81
CA PRO A 159 61.72 43.22 49.02
C PRO A 159 62.58 43.01 50.26
N HIS A 160 62.24 43.74 51.32
CA HIS A 160 62.90 43.59 52.61
C HIS A 160 61.86 43.29 53.69
N LEU A 161 62.16 42.31 54.54
CA LEU A 161 61.28 41.97 55.64
C LEU A 161 61.93 42.31 56.97
N VAL A 162 61.19 42.99 57.83
CA VAL A 162 61.65 43.25 59.20
C VAL A 162 60.85 42.37 60.15
N LEU A 163 61.51 41.84 61.16
CA LEU A 163 60.90 40.84 62.03
C LEU A 163 60.08 41.46 63.16
N THR A 164 59.97 42.78 63.15
CA THR A 164 59.11 43.45 64.11
C THR A 164 57.65 43.22 63.72
N GLY A 165 56.75 43.34 64.69
CA GLY A 165 55.34 43.07 64.46
C GLY A 165 55.13 41.68 63.89
N LYS A 166 54.51 41.63 62.72
CA LYS A 166 54.21 40.37 62.03
C LYS A 166 55.44 39.69 61.42
N GLY A 167 56.59 40.35 61.49
CA GLY A 167 57.78 39.87 60.81
C GLY A 167 58.23 38.44 61.04
N LYS A 168 58.27 38.02 62.30
CA LYS A 168 58.67 36.65 62.64
C LYS A 168 57.57 35.69 62.19
N LYS A 169 56.35 36.15 62.34
CA LYS A 169 55.15 35.44 61.92
C LYS A 169 55.17 35.29 60.40
N THR A 170 55.49 36.38 59.71
CA THR A 170 55.57 36.38 58.26
C THR A 170 56.71 35.49 57.77
N LEU A 171 57.86 35.61 58.41
CA LEU A 171 59.05 34.83 58.08
C LEU A 171 58.78 33.32 58.16
N ALA A 172 58.18 32.90 59.27
CA ALA A 172 57.87 31.51 59.50
C ALA A 172 56.83 30.97 58.53
N ALA A 173 55.88 31.83 58.15
CA ALA A 173 54.79 31.44 57.25
C ALA A 173 55.29 31.13 55.84
N GLY A 174 56.42 31.73 55.47
CA GLY A 174 57.01 31.53 54.16
C GLY A 174 56.13 31.99 53.02
N GLY A 175 56.56 31.68 51.79
CA GLY A 175 55.83 32.08 50.61
C GLY A 175 56.26 33.46 50.16
N LEU A 176 57.45 33.86 50.62
CA LEU A 176 57.99 35.17 50.31
C LEU A 176 58.78 35.13 49.00
N PRO A 177 58.79 36.26 48.27
CA PRO A 177 59.54 36.42 47.01
C PRO A 177 61.01 36.02 47.09
N GLU A 178 61.57 35.63 45.95
CA GLU A 178 62.91 35.04 45.88
C GLU A 178 64.06 35.84 46.49
N GLY A 179 64.07 37.15 46.27
CA GLY A 179 65.20 37.96 46.70
C GLY A 179 64.88 38.77 47.96
N THR A 180 64.08 38.18 48.83
CA THR A 180 63.64 38.84 50.06
C THR A 180 64.74 38.87 51.10
N ARG A 181 65.07 40.06 51.57
CA ARG A 181 66.08 40.24 52.62
C ARG A 181 65.44 40.43 53.99
N VAL A 182 66.07 39.89 55.03
CA VAL A 182 65.47 39.85 56.35
C VAL A 182 66.32 40.58 57.39
N HIS A 183 65.68 41.43 58.18
CA HIS A 183 66.38 42.22 59.18
C HIS A 183 65.64 42.16 60.51
N ASP A 184 66.39 42.18 61.62
CA ASP A 184 65.78 42.14 62.95
C ASP A 184 64.76 43.26 63.14
N ASP A 185 65.13 44.47 62.70
CA ASP A 185 64.22 45.62 62.79
C ASP A 185 64.65 46.69 61.79
N LEU A 186 63.99 47.84 61.82
CA LEU A 186 64.29 48.91 60.89
C LEU A 186 65.66 49.52 61.13
N ARG A 187 66.08 49.59 62.38
CA ARG A 187 67.44 50.03 62.69
C ARG A 187 68.46 49.17 61.94
N ALA A 188 68.21 47.87 61.91
CA ALA A 188 69.08 46.91 61.24
C ALA A 188 69.02 47.05 59.72
N PHE A 189 67.83 47.25 59.18
CA PHE A 189 67.66 47.43 57.75
C PHE A 189 68.57 48.54 57.22
N ALA A 190 68.50 49.69 57.88
CA ALA A 190 69.25 50.87 57.46
C ALA A 190 70.75 50.57 57.45
N LEU A 191 71.20 49.85 58.48
CA LEU A 191 72.61 49.49 58.57
C LEU A 191 73.02 48.60 57.41
N ASP A 192 72.22 47.56 57.16
CA ASP A 192 72.50 46.67 56.04
C ASP A 192 72.31 47.40 54.72
N PHE A 193 71.23 48.17 54.61
CA PHE A 193 70.95 48.86 53.37
C PHE A 193 72.06 49.87 53.05
N LEU A 194 72.57 50.56 54.07
CA LEU A 194 73.66 51.50 53.85
C LEU A 194 74.98 50.73 53.86
N SER A 195 75.11 49.86 52.86
CA SER A 195 76.29 49.03 52.66
C SER A 195 76.56 48.98 51.17
N LYS A 196 75.51 49.26 50.41
CA LYS A 196 75.54 49.18 48.95
C LYS A 196 74.45 50.05 48.34
N LYS B 19 -7.76 -20.78 -52.28
CA LYS B 19 -9.11 -21.27 -51.99
C LYS B 19 -9.14 -22.78 -51.78
N LYS B 20 -9.29 -23.19 -50.52
CA LYS B 20 -9.25 -24.61 -50.17
C LYS B 20 -10.20 -24.86 -48.99
N LEU B 21 -10.65 -26.11 -48.85
CA LEU B 21 -11.73 -26.44 -47.93
C LEU B 21 -11.65 -27.78 -47.21
N VAL B 22 -12.44 -27.88 -46.14
CA VAL B 22 -12.62 -29.09 -45.36
C VAL B 22 -14.10 -29.13 -45.01
N VAL B 23 -14.79 -30.19 -45.41
CA VAL B 23 -16.23 -30.28 -45.15
C VAL B 23 -16.55 -31.10 -43.92
N LEU B 24 -17.27 -30.49 -42.99
CA LEU B 24 -17.64 -31.18 -41.77
C LEU B 24 -19.15 -31.36 -41.67
N ASP B 25 -19.57 -32.58 -41.31
CA ASP B 25 -20.92 -32.77 -40.85
C ASP B 25 -21.02 -32.08 -39.49
N ARG B 26 -22.18 -31.54 -39.17
CA ARG B 26 -22.33 -30.87 -37.89
C ARG B 26 -22.66 -31.91 -36.81
N ASP B 27 -23.71 -32.69 -37.07
CA ASP B 27 -24.21 -33.65 -36.10
C ASP B 27 -23.18 -34.74 -35.79
N GLY B 28 -22.93 -34.96 -34.51
CA GLY B 28 -22.02 -36.00 -34.07
C GLY B 28 -20.55 -35.75 -34.34
N VAL B 29 -20.23 -34.59 -34.90
CA VAL B 29 -18.84 -34.25 -35.20
C VAL B 29 -18.34 -33.08 -34.35
N ILE B 30 -19.14 -32.03 -34.26
CA ILE B 30 -18.74 -30.85 -33.51
C ILE B 30 -19.47 -30.77 -32.17
N ASN B 31 -20.75 -31.06 -32.19
CA ASN B 31 -21.56 -31.03 -30.97
C ASN B 31 -22.09 -32.40 -30.59
N VAL B 32 -22.64 -32.50 -29.39
CA VAL B 32 -23.22 -33.76 -28.93
C VAL B 32 -24.53 -34.06 -29.62
N SER B 40 -32.77 -30.53 -27.66
CA SER B 40 -33.46 -29.24 -27.69
C SER B 40 -32.57 -28.18 -28.30
N PRO B 41 -33.11 -27.41 -29.26
CA PRO B 41 -32.31 -26.38 -29.94
C PRO B 41 -31.84 -25.25 -29.04
N ASP B 42 -32.26 -25.28 -27.78
CA ASP B 42 -31.86 -24.24 -26.84
C ASP B 42 -30.64 -24.79 -26.10
N GLU B 43 -30.62 -26.11 -25.98
CA GLU B 43 -29.53 -26.85 -25.34
C GLU B 43 -28.36 -27.20 -26.27
N TRP B 44 -27.78 -26.23 -26.97
CA TRP B 44 -26.75 -26.59 -27.96
C TRP B 44 -25.31 -26.44 -27.40
N VAL B 45 -24.53 -27.51 -27.48
CA VAL B 45 -23.18 -27.51 -26.90
C VAL B 45 -22.16 -28.27 -27.76
N ALA B 46 -21.05 -27.62 -28.10
CA ALA B 46 -20.02 -28.21 -28.94
C ALA B 46 -18.96 -28.94 -28.12
N LEU B 47 -18.37 -29.98 -28.71
CA LEU B 47 -17.19 -30.60 -28.13
C LEU B 47 -16.00 -29.66 -28.20
N PRO B 48 -15.32 -29.45 -27.06
CA PRO B 48 -14.21 -28.51 -26.95
C PRO B 48 -13.05 -28.84 -27.89
N GLY B 49 -12.81 -30.13 -28.11
CA GLY B 49 -11.77 -30.54 -29.04
C GLY B 49 -12.12 -30.19 -30.47
N SER B 50 -13.40 -30.12 -30.75
CA SER B 50 -13.87 -29.82 -32.10
C SER B 50 -13.67 -28.34 -32.40
N LEU B 51 -13.81 -27.50 -31.38
CA LEU B 51 -13.54 -26.07 -31.53
C LEU B 51 -12.05 -25.86 -31.77
N GLU B 52 -11.23 -26.55 -30.98
CA GLU B 52 -9.78 -26.57 -31.16
C GLU B 52 -9.45 -27.00 -32.58
N ALA B 53 -10.12 -28.05 -33.04
CA ALA B 53 -9.93 -28.57 -34.38
C ALA B 53 -10.14 -27.50 -35.44
N ILE B 54 -11.22 -26.75 -35.31
CA ILE B 54 -11.58 -25.72 -36.29
C ILE B 54 -10.55 -24.59 -36.36
N ALA B 55 -10.10 -24.09 -35.21
CA ALA B 55 -9.09 -23.04 -35.15
C ALA B 55 -7.79 -23.49 -35.79
N ARG B 56 -7.37 -24.72 -35.48
CA ARG B 56 -6.17 -25.32 -36.06
C ARG B 56 -6.25 -25.43 -37.58
N LEU B 57 -7.44 -25.77 -38.07
CA LEU B 57 -7.67 -25.84 -39.51
C LEU B 57 -7.58 -24.45 -40.12
N ASN B 58 -8.12 -23.46 -39.41
CA ASN B 58 -8.05 -22.07 -39.85
C ASN B 58 -6.61 -21.58 -39.88
N HIS B 59 -5.90 -21.79 -38.78
CA HIS B 59 -4.51 -21.34 -38.69
C HIS B 59 -3.67 -22.05 -39.75
N ALA B 60 -4.12 -23.22 -40.19
CA ALA B 60 -3.43 -23.94 -41.24
C ALA B 60 -3.92 -23.47 -42.60
N GLY B 61 -4.82 -22.49 -42.60
CA GLY B 61 -5.22 -21.81 -43.81
C GLY B 61 -6.43 -22.40 -44.51
N TYR B 62 -7.24 -23.15 -43.77
CA TYR B 62 -8.40 -23.82 -44.36
C TYR B 62 -9.71 -23.09 -44.10
N ARG B 63 -10.57 -23.05 -45.11
CA ARG B 63 -11.95 -22.63 -44.90
C ARG B 63 -12.74 -23.84 -44.43
N VAL B 64 -13.41 -23.69 -43.30
CA VAL B 64 -14.11 -24.82 -42.70
C VAL B 64 -15.61 -24.70 -42.90
N VAL B 65 -16.15 -25.61 -43.70
CA VAL B 65 -17.58 -25.63 -43.98
C VAL B 65 -18.29 -26.63 -43.08
N VAL B 66 -19.27 -26.15 -42.33
CA VAL B 66 -20.02 -27.03 -41.45
C VAL B 66 -21.38 -27.31 -42.06
N ALA B 67 -21.57 -28.54 -42.50
CA ALA B 67 -22.78 -28.92 -43.23
C ALA B 67 -23.81 -29.51 -42.27
N THR B 68 -24.94 -28.83 -42.15
CA THR B 68 -26.01 -29.28 -41.28
C THR B 68 -27.17 -29.86 -42.09
N ASN B 69 -27.37 -31.17 -41.94
CA ASN B 69 -28.47 -31.83 -42.60
C ASN B 69 -29.76 -31.40 -41.90
N GLN B 70 -30.55 -30.56 -42.57
CA GLN B 70 -31.72 -29.93 -41.94
C GLN B 70 -32.77 -30.92 -41.50
N SER B 71 -32.74 -32.13 -42.07
CA SER B 71 -33.62 -33.20 -41.61
C SER B 71 -33.14 -33.72 -40.24
N GLY B 72 -32.06 -33.12 -39.73
CA GLY B 72 -31.54 -33.47 -38.43
C GLY B 72 -31.52 -32.25 -37.53
N ILE B 73 -32.54 -31.40 -37.70
CA ILE B 73 -32.78 -30.25 -36.83
C ILE B 73 -34.06 -30.78 -36.17
N GLY B 74 -33.88 -31.42 -35.01
CA GLY B 74 -35.00 -32.03 -34.30
C GLY B 74 -36.05 -32.71 -35.17
N ARG B 75 -35.57 -33.37 -36.21
CA ARG B 75 -36.39 -34.11 -37.16
C ARG B 75 -37.31 -33.18 -37.96
N GLY B 76 -36.71 -32.15 -38.54
CA GLY B 76 -37.35 -31.24 -39.48
C GLY B 76 -38.45 -30.30 -39.00
N LEU B 77 -38.46 -29.98 -37.70
CA LEU B 77 -39.43 -29.04 -37.14
C LEU B 77 -38.74 -27.74 -36.68
N PHE B 78 -38.84 -26.67 -37.47
CA PHE B 78 -38.18 -25.43 -37.08
C PHE B 78 -38.71 -24.16 -37.74
N ASP B 79 -38.76 -23.08 -36.95
CA ASP B 79 -39.01 -21.73 -37.45
C ASP B 79 -37.68 -21.03 -37.73
N MET B 80 -37.74 -19.76 -38.13
CA MET B 80 -36.51 -19.00 -38.41
C MET B 80 -35.79 -18.56 -37.14
N ALA B 81 -36.55 -18.27 -36.09
CA ALA B 81 -35.99 -17.85 -34.81
C ALA B 81 -35.07 -18.92 -34.25
N THR B 82 -35.55 -20.16 -34.27
CA THR B 82 -34.77 -21.30 -33.81
C THR B 82 -33.53 -21.47 -34.67
N LEU B 83 -33.68 -21.26 -35.97
CA LEU B 83 -32.56 -21.41 -36.91
C LEU B 83 -31.46 -20.38 -36.69
N ASN B 84 -31.85 -19.13 -36.51
CA ASN B 84 -30.86 -18.06 -36.29
C ASN B 84 -30.13 -18.23 -34.97
N ALA B 85 -30.89 -18.53 -33.91
CA ALA B 85 -30.33 -18.76 -32.59
C ALA B 85 -29.34 -19.91 -32.63
N MET B 86 -29.71 -20.95 -33.37
CA MET B 86 -28.90 -22.14 -33.52
C MET B 86 -27.64 -21.78 -34.30
N HIS B 87 -27.82 -20.93 -35.30
CA HIS B 87 -26.71 -20.48 -36.13
C HIS B 87 -25.80 -19.54 -35.34
N LEU B 88 -26.38 -18.77 -34.42
CA LEU B 88 -25.60 -17.84 -33.62
C LEU B 88 -24.78 -18.57 -32.57
N LYS B 89 -25.37 -19.59 -31.97
CA LYS B 89 -24.66 -20.47 -31.07
C LYS B 89 -23.44 -21.05 -31.76
N MET B 90 -23.64 -21.49 -33.00
CA MET B 90 -22.58 -22.02 -33.84
C MET B 90 -21.46 -21.00 -34.09
N HIS B 91 -21.87 -19.78 -34.39
CA HIS B 91 -20.93 -18.73 -34.78
C HIS B 91 -20.06 -18.21 -33.64
N ARG B 92 -20.67 -18.03 -32.47
CA ARG B 92 -19.96 -17.43 -31.35
C ARG B 92 -19.03 -18.42 -30.65
N ALA B 93 -19.38 -19.70 -30.70
CA ALA B 93 -18.53 -20.75 -30.15
C ALA B 93 -17.19 -20.73 -30.89
N ALA B 94 -17.26 -20.65 -32.21
CA ALA B 94 -16.07 -20.55 -33.06
C ALA B 94 -15.28 -19.30 -32.73
N ALA B 95 -15.99 -18.18 -32.60
CA ALA B 95 -15.34 -16.91 -32.28
C ALA B 95 -14.67 -16.97 -30.93
N ALA B 96 -15.25 -17.75 -30.02
CA ALA B 96 -14.71 -17.90 -28.66
C ALA B 96 -13.27 -18.39 -28.65
N VAL B 97 -12.89 -19.17 -29.67
CA VAL B 97 -11.53 -19.69 -29.75
C VAL B 97 -10.80 -19.13 -30.97
N GLY B 98 -11.39 -18.12 -31.58
CA GLY B 98 -10.77 -17.42 -32.70
C GLY B 98 -10.92 -18.12 -34.03
N GLY B 99 -12.03 -18.83 -34.19
CA GLY B 99 -12.28 -19.59 -35.40
C GLY B 99 -13.28 -18.99 -36.37
N ARG B 100 -13.25 -19.49 -37.60
CA ARG B 100 -14.19 -19.07 -38.63
C ARG B 100 -14.74 -20.30 -39.34
N ILE B 101 -16.06 -20.38 -39.44
CA ILE B 101 -16.70 -21.47 -40.15
C ILE B 101 -17.70 -20.96 -41.19
N ASP B 102 -18.03 -21.83 -42.14
CA ASP B 102 -19.09 -21.56 -43.10
C ASP B 102 -20.25 -22.52 -42.82
N ALA B 103 -21.28 -22.03 -42.15
CA ALA B 103 -22.40 -22.88 -41.76
C ALA B 103 -23.41 -22.98 -42.88
N VAL B 104 -23.62 -24.20 -43.37
CA VAL B 104 -24.61 -24.42 -44.43
C VAL B 104 -25.66 -25.44 -43.97
N PHE B 105 -26.85 -25.34 -44.57
CA PHE B 105 -27.99 -26.14 -44.14
C PHE B 105 -28.66 -26.82 -45.34
N PHE B 106 -28.87 -28.13 -45.24
CA PHE B 106 -29.31 -28.91 -46.40
C PHE B 106 -30.63 -29.65 -46.19
N CYS B 107 -31.51 -29.59 -47.18
CA CYS B 107 -32.81 -30.26 -47.10
C CYS B 107 -33.18 -30.89 -48.44
N MET B 124 -26.20 -33.50 -51.22
CA MET B 124 -25.40 -32.52 -50.51
C MET B 124 -24.06 -32.28 -51.19
N MET B 125 -23.17 -33.26 -51.10
CA MET B 125 -21.84 -33.19 -51.70
C MET B 125 -21.88 -32.89 -53.20
N LYS B 126 -22.92 -33.38 -53.85
CA LYS B 126 -23.15 -33.21 -55.28
C LYS B 126 -23.23 -31.74 -55.70
N LEU B 127 -23.57 -30.88 -54.75
CA LEU B 127 -23.80 -29.46 -55.03
C LEU B 127 -22.61 -28.60 -54.60
N ILE B 128 -21.94 -29.08 -53.57
CA ILE B 128 -20.84 -28.38 -52.88
C ILE B 128 -19.56 -28.11 -53.68
N ALA B 129 -19.16 -29.00 -54.57
CA ALA B 129 -17.83 -28.89 -55.19
C ALA B 129 -17.53 -27.64 -56.06
N GLU B 130 -18.52 -27.00 -56.66
CA GLU B 130 -18.21 -25.81 -57.45
C GLU B 130 -18.64 -24.50 -56.78
N ARG B 131 -19.65 -24.56 -55.92
CA ARG B 131 -20.06 -23.37 -55.18
C ARG B 131 -18.86 -22.84 -54.42
N PHE B 132 -18.04 -23.79 -53.98
CA PHE B 132 -16.69 -23.53 -53.47
C PHE B 132 -15.77 -24.19 -54.47
N GLU B 133 -15.45 -23.45 -55.53
CA GLU B 133 -14.88 -24.01 -56.77
C GLU B 133 -13.79 -24.87 -56.16
N ILE B 134 -13.95 -26.19 -56.26
CA ILE B 134 -12.96 -27.12 -55.72
C ILE B 134 -13.20 -28.55 -56.20
N ASP B 135 -12.12 -29.20 -56.63
CA ASP B 135 -12.18 -30.59 -57.07
C ASP B 135 -12.35 -31.46 -55.83
N PRO B 136 -13.43 -32.23 -55.76
CA PRO B 136 -13.73 -33.11 -54.62
C PRO B 136 -12.54 -34.00 -54.24
N ALA B 137 -11.74 -34.36 -55.24
CA ALA B 137 -10.59 -35.24 -55.01
C ALA B 137 -9.50 -34.60 -54.16
N ASP B 138 -9.58 -33.28 -53.96
CA ASP B 138 -8.58 -32.57 -53.19
C ASP B 138 -9.10 -32.12 -51.83
N THR B 139 -10.28 -32.63 -51.45
CA THR B 139 -10.97 -32.17 -50.25
C THR B 139 -11.46 -33.32 -49.36
N PRO B 140 -11.13 -33.26 -48.06
CA PRO B 140 -11.70 -34.21 -47.10
C PRO B 140 -13.14 -33.86 -46.71
N VAL B 141 -13.99 -34.88 -46.58
CA VAL B 141 -15.30 -34.73 -45.94
C VAL B 141 -15.34 -35.54 -44.64
N VAL B 142 -15.83 -34.93 -43.56
CA VAL B 142 -15.80 -35.58 -42.25
C VAL B 142 -17.18 -35.75 -41.62
N GLY B 143 -17.49 -36.97 -41.21
CA GLY B 143 -18.81 -37.28 -40.66
C GLY B 143 -18.82 -38.48 -39.74
N ASP B 144 -20.00 -38.81 -39.21
CA ASP B 144 -20.14 -39.95 -38.32
C ASP B 144 -21.06 -41.04 -38.88
N SER B 145 -21.50 -40.85 -40.12
CA SER B 145 -22.43 -41.79 -40.74
C SER B 145 -21.93 -42.22 -42.12
N LEU B 146 -22.32 -43.41 -42.55
CA LEU B 146 -21.89 -43.94 -43.85
C LEU B 146 -22.48 -43.22 -45.04
N ARG B 147 -23.80 -43.02 -45.02
CA ARG B 147 -24.56 -42.45 -46.13
C ARG B 147 -23.85 -41.24 -46.73
N ASP B 148 -23.44 -40.34 -45.86
CA ASP B 148 -22.83 -39.07 -46.24
C ASP B 148 -21.40 -39.25 -46.73
N LEU B 149 -20.62 -40.08 -46.04
CA LEU B 149 -19.22 -40.29 -46.39
C LEU B 149 -19.09 -41.02 -47.71
N GLN B 150 -19.95 -42.00 -47.89
CA GLN B 150 -20.00 -42.81 -49.09
C GLN B 150 -20.54 -42.02 -50.28
N ALA B 151 -21.49 -41.13 -50.01
CA ALA B 151 -21.97 -40.20 -51.03
C ALA B 151 -20.84 -39.27 -51.47
N GLY B 152 -20.10 -38.74 -50.51
CA GLY B 152 -19.00 -37.83 -50.80
C GLY B 152 -17.85 -38.49 -51.56
N ALA B 153 -17.47 -39.69 -51.15
CA ALA B 153 -16.33 -40.40 -51.76
C ALA B 153 -16.63 -40.75 -53.21
N ALA B 154 -17.90 -40.95 -53.52
CA ALA B 154 -18.32 -41.25 -54.88
C ALA B 154 -18.01 -40.09 -55.83
N LEU B 155 -17.79 -38.91 -55.27
CA LEU B 155 -17.51 -37.73 -56.07
C LEU B 155 -16.01 -37.48 -56.09
N GLY B 156 -15.30 -38.25 -55.27
CA GLY B 156 -13.86 -38.16 -55.20
C GLY B 156 -13.41 -37.62 -53.86
N PHE B 157 -14.37 -37.15 -53.06
CA PHE B 157 -14.06 -36.60 -51.74
C PHE B 157 -13.30 -37.61 -50.89
N ARG B 158 -12.43 -37.10 -50.03
CA ARG B 158 -11.60 -37.92 -49.15
C ARG B 158 -12.33 -38.20 -47.84
N PRO B 159 -12.82 -39.45 -47.69
CA PRO B 159 -13.68 -39.76 -46.55
C PRO B 159 -12.91 -39.95 -45.25
N HIS B 160 -13.35 -39.26 -44.20
CA HIS B 160 -12.79 -39.45 -42.88
C HIS B 160 -13.93 -39.77 -41.93
N LEU B 161 -13.75 -40.78 -41.09
CA LEU B 161 -14.78 -41.13 -40.11
C LEU B 161 -14.32 -40.77 -38.71
N VAL B 162 -15.16 -40.08 -37.97
CA VAL B 162 -14.87 -39.80 -36.58
C VAL B 162 -15.76 -40.66 -35.70
N LEU B 163 -15.18 -41.16 -34.63
CA LEU B 163 -15.87 -42.14 -33.79
C LEU B 163 -16.76 -41.48 -32.75
N THR B 164 -16.85 -40.15 -32.82
CA THR B 164 -17.77 -39.43 -31.96
C THR B 164 -19.20 -39.62 -32.46
N GLY B 165 -20.15 -39.43 -31.55
CA GLY B 165 -21.55 -39.67 -31.83
C GLY B 165 -21.77 -41.10 -32.30
N LYS B 166 -22.37 -41.25 -33.48
CA LYS B 166 -22.64 -42.57 -34.06
C LYS B 166 -21.40 -43.22 -34.65
N GLY B 167 -20.26 -42.54 -34.60
CA GLY B 167 -19.05 -42.99 -35.25
C GLY B 167 -18.69 -44.44 -34.97
N LYS B 168 -18.81 -44.85 -33.71
CA LYS B 168 -18.52 -46.22 -33.31
C LYS B 168 -19.54 -47.17 -33.91
N LYS B 169 -20.79 -46.70 -34.03
CA LYS B 169 -21.87 -47.48 -34.63
C LYS B 169 -21.59 -47.75 -36.10
N THR B 170 -21.13 -46.73 -36.81
CA THR B 170 -20.85 -46.82 -38.24
C THR B 170 -19.68 -47.77 -38.52
N LEU B 171 -18.63 -47.64 -37.72
CA LEU B 171 -17.44 -48.46 -37.86
C LEU B 171 -17.74 -49.96 -37.80
N ALA B 172 -18.48 -50.37 -36.77
CA ALA B 172 -18.81 -51.77 -36.58
C ALA B 172 -19.73 -52.27 -37.69
N ALA B 173 -20.61 -51.38 -38.16
CA ALA B 173 -21.55 -51.72 -39.21
C ALA B 173 -20.83 -51.94 -40.54
N GLY B 174 -19.66 -51.32 -40.67
CA GLY B 174 -18.84 -51.46 -41.87
C GLY B 174 -19.53 -50.90 -43.12
N GLY B 175 -18.91 -51.15 -44.27
CA GLY B 175 -19.45 -50.67 -45.54
C GLY B 175 -18.95 -49.30 -45.95
N LEU B 176 -17.81 -48.89 -45.40
CA LEU B 176 -17.25 -47.58 -45.67
C LEU B 176 -16.42 -47.63 -46.96
N PRO B 177 -16.31 -46.48 -47.66
CA PRO B 177 -15.51 -46.37 -48.88
C PRO B 177 -14.08 -46.87 -48.74
N GLU B 178 -13.53 -47.39 -49.83
CA GLU B 178 -12.27 -48.15 -49.78
C GLU B 178 -11.14 -47.50 -48.99
N GLY B 179 -10.97 -46.19 -49.14
CA GLY B 179 -9.88 -45.49 -48.50
C GLY B 179 -10.30 -44.64 -47.31
N THR B 180 -11.31 -45.10 -46.58
CA THR B 180 -11.87 -44.34 -45.45
C THR B 180 -10.99 -44.36 -44.22
N ARG B 181 -10.67 -43.18 -43.72
CA ARG B 181 -9.83 -43.01 -42.54
C ARG B 181 -10.68 -42.78 -41.29
N VAL B 182 -10.23 -43.31 -40.16
CA VAL B 182 -11.03 -43.28 -38.93
C VAL B 182 -10.27 -42.59 -37.79
N HIS B 183 -10.94 -41.67 -37.10
CA HIS B 183 -10.31 -40.89 -36.04
C HIS B 183 -11.14 -40.92 -34.77
N ASP B 184 -10.48 -40.85 -33.62
CA ASP B 184 -11.17 -40.82 -32.34
C ASP B 184 -12.17 -39.67 -32.27
N ASP B 185 -11.75 -38.49 -32.73
CA ASP B 185 -12.61 -37.32 -32.76
C ASP B 185 -12.14 -36.29 -33.79
N LEU B 186 -12.79 -35.13 -33.81
CA LEU B 186 -12.45 -34.09 -34.78
C LEU B 186 -11.11 -33.43 -34.48
N ARG B 187 -10.79 -33.25 -33.20
CA ARG B 187 -9.48 -32.74 -32.80
C ARG B 187 -8.34 -33.59 -33.36
N ALA B 188 -8.54 -34.90 -33.31
CA ALA B 188 -7.56 -35.87 -33.80
C ALA B 188 -7.44 -35.84 -35.31
N PHE B 189 -8.58 -35.73 -35.99
CA PHE B 189 -8.57 -35.60 -37.44
C PHE B 189 -7.66 -34.47 -37.86
N ALA B 190 -7.84 -33.30 -37.23
CA ALA B 190 -7.04 -32.13 -37.55
C ALA B 190 -5.56 -32.42 -37.34
N LEU B 191 -5.23 -33.12 -36.27
CA LEU B 191 -3.85 -33.47 -35.99
C LEU B 191 -3.28 -34.37 -37.09
N ASP B 192 -4.03 -35.41 -37.44
CA ASP B 192 -3.61 -36.34 -38.49
C ASP B 192 -3.60 -35.67 -39.86
N PHE B 193 -4.69 -34.97 -40.16
CA PHE B 193 -4.88 -34.33 -41.46
C PHE B 193 -3.85 -33.28 -41.83
N LEU B 194 -3.39 -32.49 -40.87
CA LEU B 194 -2.46 -31.43 -41.20
C LEU B 194 -1.05 -32.00 -41.37
N SER B 195 -0.89 -32.75 -42.46
CA SER B 195 0.38 -33.36 -42.82
C SER B 195 0.61 -33.13 -44.31
N LYS B 196 -0.48 -33.04 -45.06
CA LYS B 196 -0.44 -32.78 -46.50
C LYS B 196 -1.82 -32.36 -47.00
N LYS C 19 -15.84 -77.75 -65.11
CA LYS C 19 -16.98 -78.19 -64.28
C LYS C 19 -16.56 -78.63 -62.88
N LYS C 20 -16.90 -77.80 -61.90
CA LYS C 20 -16.51 -78.06 -60.52
C LYS C 20 -17.49 -79.03 -59.89
N LEU C 21 -17.01 -79.80 -58.91
CA LEU C 21 -17.82 -80.82 -58.26
C LEU C 21 -17.12 -81.39 -57.04
N VAL C 22 -17.91 -81.93 -56.12
CA VAL C 22 -17.41 -82.59 -54.92
C VAL C 22 -18.33 -83.77 -54.62
N VAL C 23 -17.77 -84.97 -54.53
CA VAL C 23 -18.59 -86.14 -54.28
C VAL C 23 -18.54 -86.51 -52.80
N LEU C 24 -19.72 -86.58 -52.18
CA LEU C 24 -19.78 -86.94 -50.76
C LEU C 24 -20.51 -88.26 -50.54
N ASP C 25 -19.92 -89.10 -49.70
CA ASP C 25 -20.65 -90.21 -49.12
C ASP C 25 -21.65 -89.58 -48.18
N ARG C 26 -22.81 -90.17 -48.02
CA ARG C 26 -23.79 -89.60 -47.11
C ARG C 26 -23.55 -90.05 -45.66
N ASP C 27 -23.56 -91.37 -45.45
CA ASP C 27 -23.46 -91.93 -44.10
C ASP C 27 -22.11 -91.68 -43.45
N GLY C 28 -22.14 -91.20 -42.21
CA GLY C 28 -20.94 -90.94 -41.44
C GLY C 28 -20.16 -89.72 -41.92
N VAL C 29 -20.67 -89.08 -42.96
CA VAL C 29 -20.06 -87.87 -43.51
C VAL C 29 -20.98 -86.68 -43.30
N ILE C 30 -22.25 -86.87 -43.64
CA ILE C 30 -23.25 -85.82 -43.54
C ILE C 30 -24.23 -86.04 -42.38
N ASN C 31 -24.67 -87.28 -42.18
CA ASN C 31 -25.62 -87.59 -41.13
C ASN C 31 -25.05 -88.50 -40.03
N VAL C 32 -25.81 -88.65 -38.96
CA VAL C 32 -25.43 -89.51 -37.85
C VAL C 32 -25.52 -90.98 -38.23
N SER C 40 -34.70 -96.45 -39.00
CA SER C 40 -35.78 -96.00 -39.87
C SER C 40 -35.42 -94.68 -40.54
N PRO C 41 -35.60 -94.61 -41.87
CA PRO C 41 -35.25 -93.42 -42.66
C PRO C 41 -35.95 -92.15 -42.21
N ASP C 42 -37.04 -92.27 -41.44
CA ASP C 42 -37.78 -91.09 -41.02
C ASP C 42 -37.17 -90.29 -39.89
N GLU C 43 -36.48 -90.98 -39.00
CA GLU C 43 -35.80 -90.36 -37.88
C GLU C 43 -34.42 -89.91 -38.35
N TRP C 44 -34.41 -89.14 -39.44
CA TRP C 44 -33.19 -88.76 -40.13
C TRP C 44 -32.68 -87.41 -39.66
N VAL C 45 -31.42 -87.34 -39.25
CA VAL C 45 -30.88 -86.12 -38.64
C VAL C 45 -29.44 -85.81 -39.09
N ALA C 46 -29.24 -84.58 -39.57
CA ALA C 46 -27.95 -84.15 -40.08
C ALA C 46 -27.07 -83.51 -39.01
N LEU C 47 -25.75 -83.67 -39.18
CA LEU C 47 -24.77 -82.91 -38.40
C LEU C 47 -24.76 -81.45 -38.84
N PRO C 48 -24.84 -80.52 -37.88
CA PRO C 48 -24.87 -79.10 -38.22
C PRO C 48 -23.61 -78.65 -38.96
N GLY C 49 -22.47 -79.26 -38.63
CA GLY C 49 -21.22 -78.95 -39.29
C GLY C 49 -21.18 -79.37 -40.74
N SER C 50 -21.94 -80.41 -41.10
CA SER C 50 -22.00 -80.88 -42.47
C SER C 50 -22.83 -79.93 -43.31
N LEU C 51 -23.82 -79.30 -42.68
CA LEU C 51 -24.66 -78.32 -43.36
C LEU C 51 -23.88 -77.06 -43.74
N GLU C 52 -23.08 -76.53 -42.81
CA GLU C 52 -22.21 -75.42 -43.14
C GLU C 52 -21.27 -75.77 -44.30
N ALA C 53 -20.65 -76.94 -44.20
CA ALA C 53 -19.69 -77.41 -45.20
C ALA C 53 -20.31 -77.42 -46.60
N ILE C 54 -21.52 -77.98 -46.70
CA ILE C 54 -22.19 -78.08 -47.99
C ILE C 54 -22.53 -76.72 -48.55
N ALA C 55 -23.04 -75.83 -47.69
CA ALA C 55 -23.37 -74.47 -48.08
C ALA C 55 -22.14 -73.72 -48.59
N ARG C 56 -21.02 -73.86 -47.88
CA ARG C 56 -19.77 -73.23 -48.30
C ARG C 56 -19.29 -73.72 -49.65
N LEU C 57 -19.46 -75.01 -49.90
CA LEU C 57 -19.10 -75.63 -51.17
C LEU C 57 -19.95 -75.07 -52.31
N ASN C 58 -21.23 -74.83 -52.04
CA ASN C 58 -22.09 -74.20 -53.02
C ASN C 58 -21.56 -72.82 -53.33
N HIS C 59 -21.28 -72.08 -52.25
CA HIS C 59 -20.82 -70.71 -52.32
C HIS C 59 -19.50 -70.54 -53.10
N ALA C 60 -18.69 -71.58 -53.09
CA ALA C 60 -17.42 -71.55 -53.83
C ALA C 60 -17.58 -72.05 -55.26
N GLY C 61 -18.81 -72.36 -55.65
CA GLY C 61 -19.11 -72.67 -57.04
C GLY C 61 -19.04 -74.16 -57.32
N TYR C 62 -19.14 -74.96 -56.26
CA TYR C 62 -19.11 -76.41 -56.41
C TYR C 62 -20.49 -77.05 -56.37
N ARG C 63 -20.67 -78.03 -57.23
CA ARG C 63 -21.81 -78.92 -57.20
C ARG C 63 -21.57 -80.02 -56.19
N VAL C 64 -22.51 -80.22 -55.28
CA VAL C 64 -22.34 -81.21 -54.23
C VAL C 64 -23.18 -82.44 -54.53
N VAL C 65 -22.52 -83.55 -54.87
CA VAL C 65 -23.22 -84.78 -55.16
C VAL C 65 -23.19 -85.63 -53.90
N VAL C 66 -24.36 -85.99 -53.39
CA VAL C 66 -24.44 -86.79 -52.18
C VAL C 66 -24.79 -88.22 -52.53
N ALA C 67 -23.85 -89.13 -52.31
CA ALA C 67 -23.99 -90.52 -52.73
C ALA C 67 -24.48 -91.42 -51.59
N THR C 68 -25.68 -91.98 -51.76
CA THR C 68 -26.27 -92.88 -50.77
C THR C 68 -26.29 -94.34 -51.21
N ASN C 69 -25.49 -95.18 -50.56
CA ASN C 69 -25.52 -96.62 -50.82
C ASN C 69 -26.75 -97.26 -50.16
N GLN C 70 -27.74 -97.60 -50.98
CA GLN C 70 -29.04 -98.08 -50.50
C GLN C 70 -29.08 -99.43 -49.75
N SER C 71 -27.97 -100.14 -49.68
CA SER C 71 -27.93 -101.42 -48.97
C SER C 71 -28.40 -101.38 -47.51
N GLY C 72 -28.44 -100.19 -46.92
CA GLY C 72 -28.78 -100.05 -45.51
C GLY C 72 -30.16 -99.55 -45.07
N ILE C 73 -31.22 -99.97 -45.75
CA ILE C 73 -32.56 -99.63 -45.29
C ILE C 73 -33.02 -101.01 -44.79
N GLY C 74 -32.76 -101.32 -43.54
CA GLY C 74 -33.20 -102.59 -42.99
C GLY C 74 -33.06 -103.76 -43.94
N ARG C 75 -31.98 -103.74 -44.71
CA ARG C 75 -31.71 -104.74 -45.75
C ARG C 75 -32.73 -104.59 -46.87
N GLY C 76 -32.90 -103.37 -47.36
CA GLY C 76 -33.73 -103.11 -48.52
C GLY C 76 -35.24 -103.21 -48.44
N LEU C 77 -35.85 -102.92 -47.30
CA LEU C 77 -37.30 -102.98 -47.23
C LEU C 77 -37.90 -101.57 -47.18
N PHE C 78 -38.37 -101.09 -48.33
CA PHE C 78 -38.94 -99.75 -48.44
C PHE C 78 -39.80 -99.56 -49.69
N ASP C 79 -40.90 -98.82 -49.52
CA ASP C 79 -41.74 -98.34 -50.63
C ASP C 79 -41.34 -96.95 -51.12
N MET C 80 -42.14 -96.39 -52.02
CA MET C 80 -41.86 -95.05 -52.56
C MET C 80 -42.16 -93.95 -51.56
N ALA C 81 -43.20 -94.16 -50.75
CA ALA C 81 -43.55 -93.18 -49.72
C ALA C 81 -42.36 -93.04 -48.80
N THR C 82 -41.84 -94.19 -48.39
CA THR C 82 -40.65 -94.25 -47.55
C THR C 82 -39.46 -93.62 -48.26
N LEU C 83 -39.37 -93.88 -49.56
CA LEU C 83 -38.25 -93.39 -50.38
C LEU C 83 -38.25 -91.87 -50.57
N ASN C 84 -39.42 -91.29 -50.83
CA ASN C 84 -39.53 -89.85 -51.04
C ASN C 84 -39.19 -89.04 -49.79
N ALA C 85 -39.66 -89.51 -48.64
CA ALA C 85 -39.44 -88.83 -47.36
C ALA C 85 -37.96 -88.59 -47.05
N MET C 86 -37.11 -89.57 -47.34
CA MET C 86 -35.68 -89.43 -47.05
C MET C 86 -35.03 -88.36 -47.92
N HIS C 87 -35.45 -88.31 -49.18
CA HIS C 87 -34.88 -87.36 -50.14
C HIS C 87 -35.24 -85.93 -49.80
N LEU C 88 -36.45 -85.73 -49.27
CA LEU C 88 -36.91 -84.40 -48.88
C LEU C 88 -36.23 -83.97 -47.58
N LYS C 89 -36.08 -84.93 -46.68
CA LYS C 89 -35.36 -84.72 -45.44
C LYS C 89 -33.96 -84.19 -45.73
N MET C 90 -33.29 -84.85 -46.67
CA MET C 90 -31.97 -84.42 -47.15
C MET C 90 -32.03 -83.05 -47.81
N HIS C 91 -33.04 -82.87 -48.66
CA HIS C 91 -33.15 -81.67 -49.48
C HIS C 91 -33.44 -80.43 -48.63
N ARG C 92 -34.35 -80.57 -47.67
CA ARG C 92 -34.73 -79.44 -46.84
C ARG C 92 -33.70 -79.16 -45.75
N ALA C 93 -32.99 -80.20 -45.32
CA ALA C 93 -31.91 -80.03 -44.36
C ALA C 93 -30.87 -79.12 -44.98
N ALA C 94 -30.53 -79.42 -46.23
CA ALA C 94 -29.60 -78.61 -47.00
C ALA C 94 -30.16 -77.20 -47.17
N ALA C 95 -31.44 -77.12 -47.51
CA ALA C 95 -32.12 -75.86 -47.75
C ALA C 95 -32.15 -74.99 -46.49
N ALA C 96 -32.17 -75.64 -45.32
CA ALA C 96 -32.23 -74.95 -44.04
C ALA C 96 -31.08 -73.96 -43.82
N VAL C 97 -29.93 -74.21 -44.44
CA VAL C 97 -28.79 -73.30 -44.30
C VAL C 97 -28.41 -72.68 -45.65
N GLY C 98 -29.27 -72.86 -46.64
CA GLY C 98 -29.07 -72.27 -47.95
C GLY C 98 -28.14 -73.05 -48.85
N GLY C 99 -28.13 -74.37 -48.66
CA GLY C 99 -27.27 -75.23 -49.46
C GLY C 99 -28.09 -75.97 -50.49
N ARG C 100 -27.43 -76.49 -51.51
CA ARG C 100 -28.12 -77.27 -52.53
C ARG C 100 -27.31 -78.51 -52.88
N ILE C 101 -27.96 -79.67 -52.89
CA ILE C 101 -27.28 -80.91 -53.25
C ILE C 101 -27.94 -81.70 -54.38
N ASP C 102 -27.17 -82.60 -54.97
CA ASP C 102 -27.70 -83.55 -55.95
C ASP C 102 -27.72 -84.94 -55.33
N ALA C 103 -28.88 -85.39 -54.89
CA ALA C 103 -28.96 -86.67 -54.20
C ALA C 103 -29.07 -87.77 -55.23
N VAL C 104 -28.08 -88.66 -55.23
CA VAL C 104 -28.07 -89.80 -56.14
C VAL C 104 -28.06 -91.09 -55.32
N PHE C 105 -28.56 -92.17 -55.92
CA PHE C 105 -28.78 -93.41 -55.21
C PHE C 105 -28.20 -94.63 -55.91
N PHE C 106 -27.50 -95.47 -55.14
CA PHE C 106 -26.77 -96.59 -55.71
C PHE C 106 -27.23 -97.94 -55.16
N CYS C 107 -27.24 -98.93 -56.04
CA CYS C 107 -27.47 -100.31 -55.66
C CYS C 107 -26.55 -101.25 -56.42
N MET C 124 -20.15 -97.69 -58.56
CA MET C 124 -20.75 -96.44 -58.09
C MET C 124 -19.99 -95.27 -58.66
N MET C 125 -18.77 -95.05 -58.17
CA MET C 125 -17.88 -94.01 -58.67
C MET C 125 -17.67 -94.21 -60.16
N LYS C 126 -17.72 -95.48 -60.55
CA LYS C 126 -17.59 -95.93 -61.92
C LYS C 126 -18.66 -95.29 -62.78
N LEU C 127 -19.79 -94.99 -62.15
CA LEU C 127 -20.94 -94.44 -62.83
C LEU C 127 -21.08 -92.94 -62.55
N ILE C 128 -20.67 -92.54 -61.34
CA ILE C 128 -20.74 -91.15 -60.96
C ILE C 128 -19.77 -90.37 -61.83
N ALA C 129 -18.58 -90.94 -62.03
CA ALA C 129 -17.61 -90.35 -62.95
C ALA C 129 -18.12 -90.46 -64.37
N GLU C 130 -19.13 -91.30 -64.58
CA GLU C 130 -19.65 -91.56 -65.91
C GLU C 130 -20.95 -90.82 -66.23
N ARG C 131 -21.92 -90.85 -65.32
CA ARG C 131 -23.14 -90.09 -65.54
C ARG C 131 -22.90 -88.59 -65.43
N PHE C 132 -21.89 -88.22 -64.65
CA PHE C 132 -21.50 -86.82 -64.62
C PHE C 132 -20.28 -86.77 -65.51
N GLU C 133 -20.01 -85.60 -66.07
CA GLU C 133 -18.98 -85.50 -67.10
C GLU C 133 -17.93 -84.72 -66.36
N ILE C 134 -17.02 -85.47 -65.75
CA ILE C 134 -15.99 -84.90 -64.90
C ILE C 134 -14.77 -85.80 -64.99
N ASP C 135 -13.60 -85.18 -64.91
CA ASP C 135 -12.38 -85.92 -64.73
C ASP C 135 -12.22 -86.16 -63.23
N PRO C 136 -12.18 -87.43 -62.82
CA PRO C 136 -12.00 -87.81 -61.43
C PRO C 136 -10.81 -87.11 -60.76
N ALA C 137 -9.81 -86.76 -61.55
CA ALA C 137 -8.59 -86.14 -61.02
C ALA C 137 -8.77 -84.74 -60.44
N ASP C 138 -9.87 -84.06 -60.76
CA ASP C 138 -10.10 -82.73 -60.19
C ASP C 138 -11.25 -82.78 -59.20
N THR C 139 -11.63 -83.98 -58.81
CA THR C 139 -12.79 -84.16 -57.94
C THR C 139 -12.45 -84.99 -56.72
N PRO C 140 -12.74 -84.44 -55.54
CA PRO C 140 -12.62 -85.22 -54.31
C PRO C 140 -13.80 -86.16 -54.09
N VAL C 141 -13.53 -87.35 -53.59
CA VAL C 141 -14.57 -88.20 -53.07
C VAL C 141 -14.36 -88.24 -51.56
N VAL C 142 -15.42 -88.00 -50.80
CA VAL C 142 -15.29 -87.85 -49.36
C VAL C 142 -16.14 -88.87 -48.64
N GLY C 143 -15.52 -89.60 -47.71
CA GLY C 143 -16.20 -90.66 -47.00
C GLY C 143 -15.57 -90.98 -45.66
N ASP C 144 -16.14 -91.94 -44.94
CA ASP C 144 -15.63 -92.35 -43.64
C ASP C 144 -15.24 -93.84 -43.65
N SER C 145 -15.27 -94.45 -44.83
CA SER C 145 -15.02 -95.89 -44.95
C SER C 145 -13.98 -96.22 -46.00
N LEU C 146 -13.32 -97.37 -45.83
CA LEU C 146 -12.29 -97.82 -46.75
C LEU C 146 -12.85 -98.16 -48.12
N ARG C 147 -13.96 -98.89 -48.11
CA ARG C 147 -14.63 -99.38 -49.31
C ARG C 147 -14.79 -98.34 -50.41
N ASP C 148 -15.33 -97.18 -50.06
CA ASP C 148 -15.65 -96.14 -51.04
C ASP C 148 -14.43 -95.37 -51.57
N LEU C 149 -13.53 -94.98 -50.66
CA LEU C 149 -12.38 -94.14 -51.04
C LEU C 149 -11.37 -94.88 -51.91
N GLN C 150 -11.15 -96.15 -51.58
CA GLN C 150 -10.22 -96.97 -52.33
C GLN C 150 -10.83 -97.29 -53.69
N ALA C 151 -12.14 -97.47 -53.72
CA ALA C 151 -12.86 -97.66 -54.97
C ALA C 151 -12.73 -96.42 -55.85
N GLY C 152 -12.91 -95.25 -55.24
CA GLY C 152 -12.81 -93.99 -55.96
C GLY C 152 -11.42 -93.71 -56.48
N ALA C 153 -10.41 -93.95 -55.64
CA ALA C 153 -9.02 -93.64 -55.99
C ALA C 153 -8.48 -94.44 -57.17
N ALA C 154 -8.96 -95.67 -57.33
CA ALA C 154 -8.54 -96.53 -58.44
C ALA C 154 -8.95 -95.96 -59.79
N LEU C 155 -9.93 -95.06 -59.77
CA LEU C 155 -10.48 -94.47 -60.99
C LEU C 155 -9.93 -93.06 -61.24
N GLY C 156 -9.15 -92.54 -60.30
CA GLY C 156 -8.54 -91.24 -60.45
C GLY C 156 -9.09 -90.21 -59.48
N PHE C 157 -10.15 -90.57 -58.77
CA PHE C 157 -10.73 -89.70 -57.75
C PHE C 157 -9.74 -89.37 -56.63
N ARG C 158 -9.90 -88.17 -56.09
CA ARG C 158 -9.08 -87.67 -54.99
C ARG C 158 -9.71 -88.01 -53.64
N PRO C 159 -9.15 -89.00 -52.93
CA PRO C 159 -9.77 -89.52 -51.70
C PRO C 159 -9.56 -88.63 -50.47
N HIS C 160 -10.66 -88.33 -49.78
CA HIS C 160 -10.64 -87.60 -48.52
C HIS C 160 -11.37 -88.36 -47.42
N LEU C 161 -10.77 -88.42 -46.24
CA LEU C 161 -11.37 -89.11 -45.11
C LEU C 161 -11.87 -88.17 -44.03
N VAL C 162 -13.10 -88.39 -43.59
CA VAL C 162 -13.63 -87.68 -42.43
C VAL C 162 -13.68 -88.64 -41.26
N LEU C 163 -13.31 -88.14 -40.08
CA LEU C 163 -13.19 -89.00 -38.90
C LEU C 163 -14.52 -89.14 -38.18
N THR C 164 -15.55 -88.56 -38.76
CA THR C 164 -16.92 -88.73 -38.24
C THR C 164 -17.45 -90.11 -38.57
N GLY C 165 -18.46 -90.54 -37.82
CA GLY C 165 -19.03 -91.87 -37.98
C GLY C 165 -17.96 -92.94 -37.84
N LYS C 166 -17.81 -93.75 -38.88
CA LYS C 166 -16.81 -94.82 -38.85
C LYS C 166 -15.39 -94.30 -38.98
N GLY C 167 -15.24 -93.00 -39.20
CA GLY C 167 -13.95 -92.40 -39.49
C GLY C 167 -12.80 -92.71 -38.55
N LYS C 168 -13.03 -92.65 -37.24
CA LYS C 168 -11.96 -92.95 -36.29
C LYS C 168 -11.59 -94.42 -36.30
N LYS C 169 -12.60 -95.27 -36.43
CA LYS C 169 -12.45 -96.72 -36.49
C LYS C 169 -11.68 -97.12 -37.76
N THR C 170 -12.02 -96.50 -38.88
CA THR C 170 -11.36 -96.80 -40.16
C THR C 170 -9.87 -96.40 -40.20
N LEU C 171 -9.54 -95.20 -39.72
CA LEU C 171 -8.17 -94.68 -39.75
C LEU C 171 -7.11 -95.56 -39.08
N ALA C 172 -7.38 -96.01 -37.86
CA ALA C 172 -6.44 -96.85 -37.12
C ALA C 172 -6.25 -98.21 -37.79
N ALA C 173 -7.30 -98.69 -38.42
CA ALA C 173 -7.28 -100.00 -39.07
C ALA C 173 -6.33 -100.02 -40.27
N GLY C 174 -6.05 -98.85 -40.83
CA GLY C 174 -5.15 -98.72 -41.95
C GLY C 174 -5.58 -99.43 -43.22
N GLY C 175 -4.68 -99.50 -44.19
CA GLY C 175 -4.99 -100.13 -45.47
C GLY C 175 -5.54 -99.12 -46.44
N LEU C 176 -5.28 -97.85 -46.17
CA LEU C 176 -5.79 -96.76 -46.99
C LEU C 176 -4.87 -96.45 -48.15
N PRO C 177 -5.44 -95.95 -49.26
CA PRO C 177 -4.69 -95.49 -50.43
C PRO C 177 -3.56 -94.51 -50.07
N GLU C 178 -2.55 -94.41 -50.93
CA GLU C 178 -1.32 -93.69 -50.63
C GLU C 178 -1.49 -92.19 -50.37
N GLY C 179 -2.31 -91.53 -51.19
CA GLY C 179 -2.44 -90.08 -51.09
C GLY C 179 -3.72 -89.58 -50.47
N THR C 180 -4.25 -90.34 -49.52
CA THR C 180 -5.52 -90.01 -48.87
C THR C 180 -5.34 -88.91 -47.83
N ARG C 181 -6.14 -87.85 -47.94
CA ARG C 181 -6.10 -86.77 -46.95
C ARG C 181 -7.21 -87.00 -45.92
N VAL C 182 -6.92 -86.66 -44.65
CA VAL C 182 -7.79 -87.01 -43.54
C VAL C 182 -8.29 -85.76 -42.80
N HIS C 183 -9.59 -85.73 -42.49
CA HIS C 183 -10.21 -84.58 -41.86
C HIS C 183 -11.04 -84.97 -40.65
N ASP C 184 -11.08 -84.09 -39.65
CA ASP C 184 -11.87 -84.32 -38.45
C ASP C 184 -13.34 -84.55 -38.78
N ASP C 185 -13.86 -83.73 -39.69
CA ASP C 185 -15.23 -83.86 -40.16
C ASP C 185 -15.42 -83.18 -41.50
N LEU C 186 -16.66 -83.16 -41.98
CA LEU C 186 -16.96 -82.54 -43.28
C LEU C 186 -16.79 -81.02 -43.21
N ARG C 187 -17.16 -80.44 -42.07
CA ARG C 187 -16.94 -79.01 -41.84
C ARG C 187 -15.46 -78.67 -42.02
N ALA C 188 -14.60 -79.54 -41.50
CA ALA C 188 -13.17 -79.35 -41.60
C ALA C 188 -12.69 -79.55 -43.03
N PHE C 189 -13.25 -80.56 -43.70
CA PHE C 189 -12.90 -80.80 -45.10
C PHE C 189 -13.10 -79.54 -45.92
N ALA C 190 -14.29 -78.95 -45.82
CA ALA C 190 -14.61 -77.74 -46.58
C ALA C 190 -13.65 -76.62 -46.22
N LEU C 191 -13.33 -76.51 -44.93
CA LEU C 191 -12.40 -75.48 -44.47
C LEU C 191 -11.05 -75.66 -45.12
N ASP C 192 -10.56 -76.90 -45.07
CA ASP C 192 -9.28 -77.28 -45.64
C ASP C 192 -9.29 -77.22 -47.18
N PHE C 193 -10.35 -77.75 -47.77
CA PHE C 193 -10.49 -77.90 -49.23
C PHE C 193 -10.45 -76.61 -50.05
N LEU C 194 -11.08 -75.54 -49.55
CA LEU C 194 -11.15 -74.28 -50.29
C LEU C 194 -9.93 -73.38 -50.13
N SER C 195 -8.97 -73.49 -51.05
CA SER C 195 -7.76 -72.67 -50.94
C SER C 195 -7.28 -72.02 -52.25
N LYS C 196 -7.57 -72.64 -53.39
CA LYS C 196 -7.09 -72.11 -54.67
C LYS C 196 -7.83 -72.67 -55.88
N LYS D 19 -39.49 -77.76 -16.55
CA LYS D 19 -38.68 -77.60 -17.76
C LYS D 19 -38.08 -76.20 -17.95
N LYS D 20 -36.76 -76.15 -17.81
CA LYS D 20 -35.97 -74.93 -17.87
C LYS D 20 -36.09 -74.34 -19.26
N LEU D 21 -35.80 -73.05 -19.38
CA LEU D 21 -36.09 -72.36 -20.62
C LEU D 21 -35.01 -71.35 -21.01
N VAL D 22 -35.01 -71.03 -22.31
CA VAL D 22 -34.10 -70.07 -22.90
C VAL D 22 -34.87 -69.26 -23.95
N VAL D 23 -34.87 -67.95 -23.80
CA VAL D 23 -35.61 -67.10 -24.74
C VAL D 23 -34.70 -66.53 -25.82
N LEU D 24 -35.04 -66.82 -27.07
CA LEU D 24 -34.28 -66.31 -28.21
C LEU D 24 -35.12 -65.40 -29.07
N ASP D 25 -34.57 -64.24 -29.43
CA ASP D 25 -35.13 -63.48 -30.52
C ASP D 25 -34.78 -64.27 -31.77
N ARG D 26 -35.61 -64.21 -32.80
CA ARG D 26 -35.34 -64.96 -34.03
C ARG D 26 -34.36 -64.29 -34.98
N ASP D 27 -34.70 -63.07 -35.42
CA ASP D 27 -33.92 -62.37 -36.43
C ASP D 27 -32.53 -62.00 -35.93
N GLY D 28 -31.52 -62.27 -36.75
CA GLY D 28 -30.15 -61.94 -36.42
C GLY D 28 -29.56 -62.82 -35.34
N VAL D 29 -30.36 -63.77 -34.86
CA VAL D 29 -29.92 -64.70 -33.85
C VAL D 29 -29.86 -66.10 -34.45
N ILE D 30 -30.91 -66.46 -35.16
CA ILE D 30 -30.95 -67.77 -35.81
C ILE D 30 -30.77 -67.61 -37.31
N ASN D 31 -31.45 -66.61 -37.87
CA ASN D 31 -31.40 -66.34 -39.29
C ASN D 31 -30.79 -64.98 -39.61
N VAL D 32 -30.50 -64.75 -40.89
CA VAL D 32 -29.94 -63.48 -41.33
C VAL D 32 -31.00 -62.38 -41.30
N SER D 40 -38.54 -62.17 -47.23
CA SER D 40 -39.73 -63.00 -47.46
C SER D 40 -39.58 -64.36 -46.80
N PRO D 41 -40.62 -64.78 -46.08
CA PRO D 41 -40.61 -66.04 -45.31
C PRO D 41 -40.39 -67.29 -46.18
N ASP D 42 -40.49 -67.14 -47.48
CA ASP D 42 -40.30 -68.26 -48.39
C ASP D 42 -38.83 -68.51 -48.66
N GLU D 43 -38.05 -67.45 -48.52
CA GLU D 43 -36.61 -67.53 -48.68
C GLU D 43 -35.80 -67.58 -47.37
N TRP D 44 -36.47 -67.95 -46.29
CA TRP D 44 -35.88 -67.94 -44.94
C TRP D 44 -34.74 -68.91 -44.65
N VAL D 45 -33.62 -68.40 -44.12
CA VAL D 45 -32.41 -69.21 -43.99
C VAL D 45 -31.68 -69.01 -42.66
N ALA D 46 -31.40 -70.11 -41.97
CA ALA D 46 -30.73 -70.09 -40.67
C ALA D 46 -29.22 -70.16 -40.76
N LEU D 47 -28.56 -69.54 -39.79
CA LEU D 47 -27.13 -69.72 -39.58
C LEU D 47 -26.89 -71.13 -39.08
N PRO D 48 -25.93 -71.84 -39.69
CA PRO D 48 -25.68 -73.24 -39.31
C PRO D 48 -25.29 -73.39 -37.85
N GLY D 49 -24.59 -72.40 -37.30
CA GLY D 49 -24.20 -72.42 -35.90
C GLY D 49 -25.36 -72.30 -34.92
N SER D 50 -26.43 -71.65 -35.36
CA SER D 50 -27.61 -71.47 -34.52
C SER D 50 -28.38 -72.78 -34.38
N LEU D 51 -28.32 -73.61 -35.40
CA LEU D 51 -28.95 -74.92 -35.35
C LEU D 51 -28.28 -75.82 -34.31
N GLU D 52 -26.95 -75.87 -34.31
CA GLU D 52 -26.21 -76.59 -33.27
C GLU D 52 -26.56 -76.11 -31.86
N ALA D 53 -26.54 -74.80 -31.68
CA ALA D 53 -26.82 -74.18 -30.39
C ALA D 53 -28.16 -74.64 -29.84
N ILE D 54 -29.18 -74.59 -30.69
CA ILE D 54 -30.53 -74.96 -30.29
C ILE D 54 -30.56 -76.43 -29.90
N ALA D 55 -29.93 -77.27 -30.72
CA ALA D 55 -29.82 -78.70 -30.45
C ALA D 55 -29.04 -78.98 -29.16
N ARG D 56 -27.93 -78.28 -28.96
CA ARG D 56 -27.13 -78.44 -27.75
C ARG D 56 -27.91 -78.10 -26.50
N LEU D 57 -28.73 -77.06 -26.59
CA LEU D 57 -29.60 -76.65 -25.48
C LEU D 57 -30.65 -77.71 -25.18
N ASN D 58 -31.16 -78.37 -26.23
CA ASN D 58 -32.12 -79.46 -26.07
C ASN D 58 -31.53 -80.65 -25.32
N HIS D 59 -30.35 -81.09 -25.75
CA HIS D 59 -29.70 -82.25 -25.16
C HIS D 59 -29.38 -81.98 -23.69
N ALA D 60 -29.22 -80.70 -23.35
CA ALA D 60 -28.95 -80.32 -21.96
C ALA D 60 -30.24 -80.06 -21.17
N GLY D 61 -31.38 -80.28 -21.81
CA GLY D 61 -32.64 -80.28 -21.11
C GLY D 61 -33.36 -78.95 -21.05
N TYR D 62 -33.01 -78.04 -21.94
CA TYR D 62 -33.64 -76.71 -21.96
C TYR D 62 -34.74 -76.63 -23.03
N ARG D 63 -35.82 -75.95 -22.67
CA ARG D 63 -36.85 -75.58 -23.61
C ARG D 63 -36.42 -74.32 -24.33
N VAL D 64 -36.41 -74.37 -25.66
CA VAL D 64 -35.95 -73.23 -26.43
C VAL D 64 -37.14 -72.52 -27.03
N VAL D 65 -37.41 -71.33 -26.52
CA VAL D 65 -38.52 -70.52 -27.02
C VAL D 65 -37.96 -69.50 -27.99
N VAL D 66 -38.46 -69.54 -29.22
CA VAL D 66 -37.99 -68.63 -30.24
C VAL D 66 -39.02 -67.54 -30.45
N ALA D 67 -38.65 -66.33 -30.07
CA ALA D 67 -39.58 -65.21 -30.13
C ALA D 67 -39.41 -64.48 -31.45
N THR D 68 -40.47 -64.49 -32.25
CA THR D 68 -40.45 -63.80 -33.52
C THR D 68 -41.29 -62.54 -33.38
N ASN D 69 -40.60 -61.40 -33.37
CA ASN D 69 -41.25 -60.11 -33.26
C ASN D 69 -41.93 -59.76 -34.59
N GLN D 70 -43.25 -59.84 -34.61
CA GLN D 70 -44.03 -59.68 -35.85
C GLN D 70 -43.93 -58.29 -36.49
N SER D 71 -43.46 -57.29 -35.75
CA SER D 71 -43.30 -55.95 -36.32
C SER D 71 -42.30 -55.90 -37.48
N GLY D 72 -41.56 -56.98 -37.67
CA GLY D 72 -40.62 -57.10 -38.77
C GLY D 72 -41.01 -58.08 -39.86
N ILE D 73 -42.30 -58.16 -40.19
CA ILE D 73 -42.74 -59.00 -41.30
C ILE D 73 -43.18 -57.99 -42.38
N GLY D 74 -42.23 -57.52 -43.19
CA GLY D 74 -42.55 -56.62 -44.29
C GLY D 74 -43.59 -55.53 -44.12
N ARG D 75 -43.62 -54.92 -42.93
CA ARG D 75 -44.57 -53.88 -42.58
C ARG D 75 -45.99 -54.45 -42.61
N GLY D 76 -46.17 -55.62 -42.01
CA GLY D 76 -47.49 -56.19 -41.82
C GLY D 76 -48.38 -56.67 -42.96
N LEU D 77 -47.83 -57.09 -44.09
CA LEU D 77 -48.69 -57.61 -45.16
C LEU D 77 -48.50 -59.12 -45.32
N PHE D 78 -49.42 -59.92 -44.78
CA PHE D 78 -49.30 -61.37 -44.87
C PHE D 78 -50.59 -62.15 -44.62
N ASP D 79 -50.75 -63.23 -45.39
CA ASP D 79 -51.80 -64.23 -45.19
C ASP D 79 -51.35 -65.37 -44.30
N MET D 80 -52.22 -66.38 -44.16
CA MET D 80 -51.90 -67.55 -43.35
C MET D 80 -50.90 -68.47 -44.03
N ALA D 81 -51.00 -68.57 -45.36
CA ALA D 81 -50.09 -69.40 -46.12
C ALA D 81 -48.67 -68.91 -45.95
N THR D 82 -48.52 -67.59 -46.10
CA THR D 82 -47.23 -66.94 -45.93
C THR D 82 -46.76 -67.17 -44.49
N LEU D 83 -47.71 -67.08 -43.57
CA LEU D 83 -47.46 -67.25 -42.16
C LEU D 83 -47.09 -68.69 -41.80
N ASN D 84 -47.82 -69.65 -42.38
CA ASN D 84 -47.60 -71.07 -42.13
C ASN D 84 -46.25 -71.57 -42.64
N ALA D 85 -45.88 -71.13 -43.83
CA ALA D 85 -44.62 -71.52 -44.46
C ALA D 85 -43.42 -71.14 -43.60
N MET D 86 -43.49 -69.97 -42.97
CA MET D 86 -42.38 -69.49 -42.15
C MET D 86 -42.16 -70.37 -40.92
N HIS D 87 -43.25 -70.79 -40.28
CA HIS D 87 -43.15 -71.62 -39.10
C HIS D 87 -42.65 -73.02 -39.37
N LEU D 88 -43.04 -73.58 -40.51
CA LEU D 88 -42.63 -74.92 -40.86
C LEU D 88 -41.17 -74.86 -41.30
N LYS D 89 -40.82 -73.79 -42.01
CA LYS D 89 -39.43 -73.51 -42.38
C LYS D 89 -38.59 -73.47 -41.12
N MET D 90 -39.07 -72.75 -40.12
CA MET D 90 -38.43 -72.67 -38.81
C MET D 90 -38.42 -74.05 -38.17
N HIS D 91 -39.54 -74.76 -38.27
CA HIS D 91 -39.67 -76.06 -37.62
C HIS D 91 -38.79 -77.13 -38.26
N ARG D 92 -38.73 -77.14 -39.57
CA ARG D 92 -37.98 -78.16 -40.30
C ARG D 92 -36.48 -77.90 -40.26
N ALA D 93 -36.10 -76.63 -40.19
CA ALA D 93 -34.70 -76.27 -40.04
C ALA D 93 -34.22 -76.84 -38.72
N ALA D 94 -35.03 -76.64 -37.68
CA ALA D 94 -34.75 -77.15 -36.35
C ALA D 94 -34.66 -78.67 -36.35
N ALA D 95 -35.61 -79.32 -37.02
CA ALA D 95 -35.67 -80.77 -37.08
C ALA D 95 -34.45 -81.38 -37.77
N ALA D 96 -33.87 -80.64 -38.71
CA ALA D 96 -32.74 -81.12 -39.51
C ALA D 96 -31.53 -81.59 -38.69
N VAL D 97 -31.32 -81.01 -37.51
CA VAL D 97 -30.20 -81.39 -36.66
C VAL D 97 -30.64 -81.99 -35.33
N GLY D 98 -31.92 -82.34 -35.25
CA GLY D 98 -32.46 -82.99 -34.06
C GLY D 98 -32.85 -82.02 -32.95
N GLY D 99 -33.31 -80.84 -33.36
CA GLY D 99 -33.68 -79.80 -32.41
C GLY D 99 -35.17 -79.62 -32.22
N ARG D 100 -35.53 -78.93 -31.13
CA ARG D 100 -36.90 -78.63 -30.80
C ARG D 100 -37.00 -77.16 -30.39
N ILE D 101 -37.92 -76.42 -31.00
CA ILE D 101 -38.15 -75.03 -30.59
C ILE D 101 -39.63 -74.77 -30.31
N ASP D 102 -39.90 -73.73 -29.54
CA ASP D 102 -41.26 -73.25 -29.37
C ASP D 102 -41.41 -71.88 -30.01
N ALA D 103 -41.95 -71.85 -31.23
CA ALA D 103 -42.03 -70.59 -31.96
C ALA D 103 -43.28 -69.82 -31.58
N VAL D 104 -43.07 -68.64 -31.01
CA VAL D 104 -44.17 -67.76 -30.66
C VAL D 104 -43.99 -66.42 -31.38
N PHE D 105 -45.09 -65.69 -31.56
CA PHE D 105 -45.10 -64.48 -32.37
C PHE D 105 -45.72 -63.30 -31.62
N PHE D 106 -45.08 -62.13 -31.69
CA PHE D 106 -45.51 -61.00 -30.88
C PHE D 106 -45.94 -59.78 -31.68
N CYS D 107 -46.99 -59.11 -31.22
CA CYS D 107 -47.40 -57.83 -31.76
C CYS D 107 -47.87 -56.88 -30.66
N MET D 124 -43.57 -57.63 -24.31
CA MET D 124 -43.05 -58.81 -24.97
C MET D 124 -42.66 -59.88 -23.95
N MET D 125 -41.51 -59.65 -23.31
CA MET D 125 -41.00 -60.51 -22.24
C MET D 125 -42.00 -60.55 -21.11
N LYS D 126 -42.71 -59.44 -20.99
CA LYS D 126 -43.74 -59.22 -19.99
C LYS D 126 -44.82 -60.28 -20.09
N LEU D 127 -44.97 -60.85 -21.29
CA LEU D 127 -45.98 -61.87 -21.54
C LEU D 127 -45.33 -63.25 -21.62
N ILE D 128 -44.11 -63.30 -22.15
CA ILE D 128 -43.40 -64.57 -22.31
C ILE D 128 -43.10 -65.17 -20.95
N ALA D 129 -42.67 -64.32 -20.02
CA ALA D 129 -42.42 -64.76 -18.66
C ALA D 129 -43.71 -65.17 -17.96
N GLU D 130 -44.84 -64.78 -18.54
CA GLU D 130 -46.15 -65.08 -17.98
C GLU D 130 -46.80 -66.22 -18.74
N ARG D 131 -46.67 -66.23 -20.06
CA ARG D 131 -47.21 -67.32 -20.86
C ARG D 131 -46.49 -68.65 -20.57
N PHE D 132 -45.22 -68.57 -20.18
CA PHE D 132 -44.42 -69.74 -19.81
C PHE D 132 -44.18 -69.86 -18.32
N GLU D 133 -43.75 -71.05 -17.89
CA GLU D 133 -43.71 -71.35 -16.47
C GLU D 133 -42.23 -71.18 -16.18
N ILE D 134 -41.88 -69.94 -15.80
CA ILE D 134 -40.48 -69.59 -15.61
C ILE D 134 -40.34 -68.34 -14.74
N ASP D 135 -39.33 -68.39 -13.89
CA ASP D 135 -38.87 -67.23 -13.15
C ASP D 135 -37.90 -66.46 -14.04
N PRO D 136 -38.22 -65.21 -14.35
CA PRO D 136 -37.33 -64.40 -15.19
C PRO D 136 -35.91 -64.37 -14.65
N ALA D 137 -35.77 -64.40 -13.33
CA ALA D 137 -34.46 -64.33 -12.72
C ALA D 137 -33.64 -65.60 -12.99
N ASP D 138 -34.32 -66.66 -13.42
CA ASP D 138 -33.66 -67.93 -13.70
C ASP D 138 -33.59 -68.22 -15.20
N THR D 139 -33.88 -67.21 -16.01
CA THR D 139 -34.00 -67.40 -17.44
C THR D 139 -33.15 -66.42 -18.24
N PRO D 140 -32.31 -66.95 -19.15
CA PRO D 140 -31.58 -66.10 -20.08
C PRO D 140 -32.46 -65.63 -21.22
N VAL D 141 -32.31 -64.36 -21.59
CA VAL D 141 -32.88 -63.88 -22.84
C VAL D 141 -31.72 -63.52 -23.75
N VAL D 142 -31.80 -63.99 -24.98
CA VAL D 142 -30.73 -63.83 -25.94
C VAL D 142 -31.27 -63.05 -27.11
N GLY D 143 -30.56 -62.01 -27.52
CA GLY D 143 -31.07 -61.17 -28.57
C GLY D 143 -30.01 -60.42 -29.36
N ASP D 144 -30.48 -59.65 -30.33
CA ASP D 144 -29.61 -58.86 -31.20
C ASP D 144 -29.84 -57.36 -31.12
N SER D 145 -30.73 -56.95 -30.21
CA SER D 145 -31.14 -55.55 -30.13
C SER D 145 -31.07 -55.01 -28.71
N LEU D 146 -30.96 -53.70 -28.56
CA LEU D 146 -30.99 -53.12 -27.23
C LEU D 146 -32.39 -53.29 -26.65
N ARG D 147 -33.40 -52.96 -27.46
CA ARG D 147 -34.80 -52.99 -27.06
C ARG D 147 -35.19 -54.27 -26.31
N ASP D 148 -34.83 -55.43 -26.84
CA ASP D 148 -35.25 -56.68 -26.23
C ASP D 148 -34.50 -56.94 -24.91
N LEU D 149 -33.18 -56.73 -24.90
CA LEU D 149 -32.38 -57.00 -23.70
C LEU D 149 -32.76 -56.04 -22.59
N GLN D 150 -33.04 -54.80 -22.96
CA GLN D 150 -33.45 -53.78 -22.03
C GLN D 150 -34.85 -54.10 -21.51
N ALA D 151 -35.70 -54.61 -22.41
CA ALA D 151 -37.02 -55.08 -22.03
C ALA D 151 -36.94 -56.26 -21.06
N GLY D 152 -36.10 -57.24 -21.38
CA GLY D 152 -35.96 -58.43 -20.57
C GLY D 152 -35.39 -58.23 -19.17
N ALA D 153 -34.34 -57.43 -19.06
CA ALA D 153 -33.64 -57.25 -17.79
C ALA D 153 -34.50 -56.59 -16.72
N ALA D 154 -35.39 -55.70 -17.14
CA ALA D 154 -36.27 -54.99 -16.21
C ALA D 154 -37.22 -55.94 -15.50
N LEU D 155 -37.38 -57.14 -16.05
CA LEU D 155 -38.29 -58.13 -15.51
C LEU D 155 -37.55 -59.17 -14.70
N GLY D 156 -36.23 -59.12 -14.72
CA GLY D 156 -35.42 -60.03 -13.94
C GLY D 156 -34.63 -60.99 -14.81
N PHE D 157 -34.92 -60.97 -16.10
CA PHE D 157 -34.21 -61.82 -17.07
C PHE D 157 -32.71 -61.64 -17.10
N ARG D 158 -32.03 -62.73 -17.44
CA ARG D 158 -30.58 -62.79 -17.60
C ARG D 158 -30.26 -62.44 -19.05
N PRO D 159 -29.83 -61.20 -19.31
CA PRO D 159 -29.66 -60.75 -20.69
C PRO D 159 -28.36 -61.24 -21.33
N HIS D 160 -28.47 -61.82 -22.52
CA HIS D 160 -27.31 -62.21 -23.30
C HIS D 160 -27.34 -61.59 -24.68
N LEU D 161 -26.22 -61.03 -25.09
CA LEU D 161 -26.09 -60.42 -26.40
C LEU D 161 -25.19 -61.25 -27.31
N VAL D 162 -25.67 -61.50 -28.53
CA VAL D 162 -24.85 -62.15 -29.54
C VAL D 162 -24.44 -61.15 -30.62
N LEU D 163 -23.20 -61.26 -31.08
CA LEU D 163 -22.62 -60.29 -32.00
C LEU D 163 -22.92 -60.56 -33.48
N THR D 164 -23.73 -61.58 -33.74
CA THR D 164 -24.19 -61.84 -35.10
C THR D 164 -25.27 -60.84 -35.52
N GLY D 165 -25.46 -60.69 -36.82
CA GLY D 165 -26.41 -59.72 -37.35
C GLY D 165 -26.14 -58.30 -36.87
N LYS D 166 -27.13 -57.71 -36.21
CA LYS D 166 -27.02 -56.34 -35.70
C LYS D 166 -26.09 -56.27 -34.49
N GLY D 167 -25.60 -57.44 -34.07
CA GLY D 167 -24.79 -57.57 -32.87
C GLY D 167 -23.60 -56.65 -32.73
N LYS D 168 -22.82 -56.49 -33.79
CA LYS D 168 -21.64 -55.63 -33.72
C LYS D 168 -22.01 -54.17 -33.61
N LYS D 169 -23.08 -53.78 -34.28
CA LYS D 169 -23.54 -52.40 -34.21
C LYS D 169 -24.03 -52.01 -32.84
N THR D 170 -24.83 -52.89 -32.25
CA THR D 170 -25.42 -52.68 -30.95
C THR D 170 -24.36 -52.56 -29.87
N LEU D 171 -23.37 -53.44 -29.90
CA LEU D 171 -22.27 -53.41 -28.96
C LEU D 171 -21.53 -52.08 -29.01
N ALA D 172 -21.21 -51.63 -30.23
CA ALA D 172 -20.48 -50.39 -30.42
C ALA D 172 -21.29 -49.18 -29.96
N ALA D 173 -22.60 -49.25 -30.13
CA ALA D 173 -23.48 -48.16 -29.75
C ALA D 173 -23.52 -47.98 -28.24
N GLY D 174 -23.22 -49.06 -27.51
CA GLY D 174 -23.22 -49.04 -26.06
C GLY D 174 -24.58 -48.73 -25.48
N GLY D 175 -24.64 -48.53 -24.16
CA GLY D 175 -25.90 -48.23 -23.52
C GLY D 175 -26.62 -49.48 -23.08
N LEU D 176 -25.86 -50.57 -22.96
CA LEU D 176 -26.41 -51.86 -22.60
C LEU D 176 -26.54 -51.97 -21.08
N PRO D 177 -27.49 -52.80 -20.60
CA PRO D 177 -27.67 -53.07 -19.17
C PRO D 177 -26.38 -53.49 -18.46
N GLU D 178 -26.35 -53.31 -17.14
CA GLU D 178 -25.11 -53.47 -16.37
C GLU D 178 -24.57 -54.89 -16.48
N GLY D 179 -25.45 -55.87 -16.45
CA GLY D 179 -25.03 -57.26 -16.44
C GLY D 179 -25.22 -58.00 -17.75
N THR D 180 -25.09 -57.29 -18.88
CA THR D 180 -25.29 -57.89 -20.18
C THR D 180 -24.07 -58.73 -20.52
N ARG D 181 -24.28 -60.00 -20.83
CA ARG D 181 -23.18 -60.88 -21.24
C ARG D 181 -23.14 -60.93 -22.77
N VAL D 182 -21.95 -60.96 -23.33
CA VAL D 182 -21.80 -60.81 -24.79
C VAL D 182 -21.10 -62.00 -25.44
N HIS D 183 -21.68 -62.48 -26.55
CA HIS D 183 -21.18 -63.65 -27.24
C HIS D 183 -21.02 -63.42 -28.74
N ASP D 184 -20.02 -64.06 -29.33
CA ASP D 184 -19.75 -63.97 -30.76
C ASP D 184 -20.96 -64.41 -31.58
N ASP D 185 -21.59 -65.51 -31.16
CA ASP D 185 -22.78 -66.01 -31.83
C ASP D 185 -23.59 -66.92 -30.92
N LEU D 186 -24.67 -67.50 -31.47
CA LEU D 186 -25.54 -68.37 -30.69
C LEU D 186 -24.79 -69.65 -30.34
N ARG D 187 -23.92 -70.09 -31.25
CA ARG D 187 -23.03 -71.21 -30.98
C ARG D 187 -22.24 -70.95 -29.72
N ALA D 188 -21.75 -69.72 -29.59
CA ALA D 188 -20.96 -69.31 -28.45
C ALA D 188 -21.80 -69.21 -27.19
N PHE D 189 -23.01 -68.66 -27.31
CA PHE D 189 -23.90 -68.57 -26.17
C PHE D 189 -24.12 -69.94 -25.54
N ALA D 190 -24.49 -70.91 -26.35
CA ALA D 190 -24.75 -72.25 -25.84
C ALA D 190 -23.50 -72.82 -25.18
N LEU D 191 -22.36 -72.60 -25.81
CA LEU D 191 -21.10 -73.09 -25.26
C LEU D 191 -20.80 -72.44 -23.91
N ASP D 192 -20.90 -71.12 -23.85
CA ASP D 192 -20.66 -70.40 -22.60
C ASP D 192 -21.74 -70.67 -21.55
N PHE D 193 -22.99 -70.61 -21.98
CA PHE D 193 -24.14 -70.79 -21.08
C PHE D 193 -24.20 -72.17 -20.41
N LEU D 194 -23.86 -73.19 -21.16
CA LEU D 194 -23.91 -74.57 -20.67
C LEU D 194 -22.68 -74.99 -19.87
N SER D 195 -22.55 -74.51 -18.65
CA SER D 195 -21.41 -74.89 -17.82
C SER D 195 -21.76 -75.21 -16.36
N LYS D 196 -22.88 -74.67 -15.88
CA LYS D 196 -23.29 -74.90 -14.50
C LYS D 196 -24.69 -74.35 -14.22
N LYS E 19 -57.80 -21.12 -29.06
CA LYS E 19 -56.86 -20.49 -29.97
C LYS E 19 -56.95 -21.11 -31.36
N LYS E 20 -57.52 -20.37 -32.30
CA LYS E 20 -57.77 -20.89 -33.64
C LYS E 20 -56.53 -20.81 -34.52
N LEU E 21 -56.47 -21.68 -35.53
CA LEU E 21 -55.30 -21.77 -36.38
C LEU E 21 -55.71 -22.21 -37.79
N VAL E 22 -54.86 -21.91 -38.77
CA VAL E 22 -55.05 -22.32 -40.16
C VAL E 22 -53.71 -22.66 -40.81
N VAL E 23 -53.58 -23.86 -41.35
CA VAL E 23 -52.34 -24.28 -41.99
C VAL E 23 -52.39 -24.09 -43.50
N LEU E 24 -51.43 -23.34 -44.03
CA LEU E 24 -51.35 -23.13 -45.46
C LEU E 24 -50.04 -23.66 -46.01
N ASP E 25 -50.11 -24.38 -47.12
CA ASP E 25 -48.89 -24.60 -47.88
C ASP E 25 -48.51 -23.27 -48.51
N ARG E 26 -47.22 -23.04 -48.67
CA ARG E 26 -46.78 -21.80 -49.29
C ARG E 26 -46.88 -21.95 -50.80
N ASP E 27 -46.26 -23.03 -51.29
CA ASP E 27 -46.14 -23.26 -52.72
C ASP E 27 -47.49 -23.47 -53.39
N GLY E 28 -47.72 -22.72 -54.47
CA GLY E 28 -48.96 -22.84 -55.23
C GLY E 28 -50.17 -22.25 -54.53
N VAL E 29 -49.96 -21.72 -53.33
CA VAL E 29 -51.04 -21.13 -52.56
C VAL E 29 -50.83 -19.62 -52.39
N ILE E 30 -49.61 -19.23 -52.05
CA ILE E 30 -49.28 -17.84 -51.77
C ILE E 30 -48.53 -17.16 -52.93
N ASN E 31 -47.58 -17.87 -53.53
CA ASN E 31 -46.81 -17.27 -54.61
C ASN E 31 -47.08 -17.92 -55.95
N VAL E 32 -46.59 -17.28 -57.00
CA VAL E 32 -46.73 -17.78 -58.36
C VAL E 32 -45.82 -18.99 -58.61
N SER E 40 -34.62 -17.62 -59.81
CA SER E 40 -33.86 -17.30 -58.61
C SER E 40 -34.79 -16.93 -57.45
N PRO E 41 -34.45 -17.39 -56.26
CA PRO E 41 -35.25 -17.11 -55.06
C PRO E 41 -35.25 -15.63 -54.67
N ASP E 42 -34.39 -14.85 -55.31
CA ASP E 42 -34.27 -13.43 -55.02
C ASP E 42 -35.39 -12.73 -55.78
N GLU E 43 -36.19 -13.54 -56.46
CA GLU E 43 -37.32 -13.05 -57.26
C GLU E 43 -38.67 -13.72 -56.94
N TRP E 44 -39.02 -13.70 -55.66
CA TRP E 44 -40.30 -14.18 -55.13
C TRP E 44 -41.51 -13.25 -55.15
N VAL E 45 -42.62 -13.73 -55.69
CA VAL E 45 -43.78 -12.85 -55.92
C VAL E 45 -45.09 -13.49 -55.49
N ALA E 46 -45.83 -12.74 -54.66
CA ALA E 46 -47.10 -13.20 -54.10
C ALA E 46 -48.30 -12.79 -54.95
N LEU E 47 -49.34 -13.62 -54.92
CA LEU E 47 -50.64 -13.27 -55.46
C LEU E 47 -51.31 -12.21 -54.59
N PRO E 48 -51.79 -11.12 -55.20
CA PRO E 48 -52.41 -10.04 -54.43
C PRO E 48 -53.63 -10.52 -53.65
N GLY E 49 -54.39 -11.44 -54.25
CA GLY E 49 -55.55 -12.04 -53.60
C GLY E 49 -55.14 -12.91 -52.43
N SER E 50 -53.94 -13.48 -52.53
CA SER E 50 -53.43 -14.32 -51.46
C SER E 50 -52.99 -13.44 -50.30
N LEU E 51 -52.53 -12.24 -50.62
CA LEU E 51 -52.18 -11.27 -49.59
C LEU E 51 -53.43 -10.79 -48.85
N GLU E 52 -54.48 -10.46 -49.61
CA GLU E 52 -55.77 -10.09 -49.03
C GLU E 52 -56.35 -11.16 -48.12
N ALA E 53 -56.33 -12.40 -48.59
CA ALA E 53 -56.89 -13.54 -47.88
C ALA E 53 -56.32 -13.68 -46.47
N ILE E 54 -55.01 -13.58 -46.35
CA ILE E 54 -54.34 -13.78 -45.07
C ILE E 54 -54.78 -12.74 -44.05
N ALA E 55 -54.80 -11.47 -44.47
CA ALA E 55 -55.24 -10.39 -43.60
C ALA E 55 -56.69 -10.60 -43.18
N ARG E 56 -57.54 -10.97 -44.13
CA ARG E 56 -58.93 -11.22 -43.82
C ARG E 56 -59.02 -12.33 -42.80
N LEU E 57 -58.18 -13.35 -42.97
CA LEU E 57 -58.09 -14.44 -42.00
C LEU E 57 -57.55 -13.95 -40.67
N ASN E 58 -56.55 -13.07 -40.72
CA ASN E 58 -56.00 -12.47 -39.51
C ASN E 58 -57.02 -11.63 -38.79
N HIS E 59 -57.65 -10.73 -39.52
CA HIS E 59 -58.63 -9.79 -38.98
C HIS E 59 -59.80 -10.58 -38.37
N ALA E 60 -60.01 -11.79 -38.87
CA ALA E 60 -61.07 -12.66 -38.37
C ALA E 60 -60.60 -13.49 -37.17
N GLY E 61 -59.36 -13.24 -36.73
CA GLY E 61 -58.87 -13.80 -35.49
C GLY E 61 -58.10 -15.10 -35.56
N TYR E 62 -57.59 -15.43 -36.74
CA TYR E 62 -56.83 -16.66 -36.95
C TYR E 62 -55.32 -16.46 -36.97
N ARG E 63 -54.61 -17.39 -36.37
CA ARG E 63 -53.18 -17.48 -36.56
C ARG E 63 -52.96 -18.25 -37.85
N VAL E 64 -52.21 -17.64 -38.77
CA VAL E 64 -52.03 -18.22 -40.08
C VAL E 64 -50.64 -18.81 -40.20
N VAL E 65 -50.57 -20.12 -40.33
CA VAL E 65 -49.28 -20.79 -40.46
C VAL E 65 -48.96 -21.06 -41.93
N VAL E 66 -47.84 -20.51 -42.39
CA VAL E 66 -47.42 -20.69 -43.77
C VAL E 66 -46.29 -21.69 -43.85
N ALA E 67 -46.58 -22.85 -44.44
CA ALA E 67 -45.64 -23.95 -44.46
C ALA E 67 -44.82 -23.99 -45.75
N THR E 68 -43.50 -23.84 -45.60
CA THR E 68 -42.58 -23.91 -46.73
C THR E 68 -41.84 -25.25 -46.69
N ASN E 69 -42.15 -26.11 -47.67
CA ASN E 69 -41.45 -27.38 -47.76
C ASN E 69 -40.04 -27.11 -48.29
N GLN E 70 -39.06 -27.15 -47.40
CA GLN E 70 -37.70 -26.77 -47.74
C GLN E 70 -37.02 -27.67 -48.76
N SER E 71 -37.56 -28.86 -48.97
CA SER E 71 -37.00 -29.77 -49.95
C SER E 71 -37.16 -29.24 -51.39
N GLY E 72 -37.80 -28.08 -51.53
CA GLY E 72 -38.00 -27.44 -52.82
C GLY E 72 -37.44 -26.04 -52.89
N ILE E 73 -36.29 -25.82 -52.25
CA ILE E 73 -35.62 -24.52 -52.32
C ILE E 73 -34.42 -24.87 -53.19
N GLY E 74 -34.60 -24.74 -54.51
CA GLY E 74 -33.54 -25.06 -55.45
C GLY E 74 -32.76 -26.33 -55.16
N ARG E 75 -33.46 -27.36 -54.69
CA ARG E 75 -32.85 -28.63 -54.31
C ARG E 75 -31.89 -28.45 -53.15
N GLY E 76 -32.38 -27.77 -52.10
CA GLY E 76 -31.65 -27.64 -50.86
C GLY E 76 -30.36 -26.82 -50.91
N LEU E 77 -30.26 -25.86 -51.82
CA LEU E 77 -29.05 -25.04 -51.87
C LEU E 77 -29.30 -23.62 -51.36
N PHE E 78 -28.90 -23.38 -50.12
CA PHE E 78 -29.04 -22.07 -49.50
C PHE E 78 -28.15 -21.88 -48.28
N ASP E 79 -27.59 -20.67 -48.17
CA ASP E 79 -26.88 -20.22 -46.98
C ASP E 79 -27.82 -19.50 -46.03
N MET E 80 -27.27 -18.91 -44.97
CA MET E 80 -28.09 -18.22 -43.98
C MET E 80 -28.63 -16.90 -44.52
N ALA E 81 -27.85 -16.23 -45.36
CA ALA E 81 -28.29 -14.98 -45.97
C ALA E 81 -29.51 -15.25 -46.83
N THR E 82 -29.43 -16.29 -47.65
CA THR E 82 -30.52 -16.69 -48.53
C THR E 82 -31.78 -17.08 -47.77
N LEU E 83 -31.61 -17.81 -46.67
CA LEU E 83 -32.74 -18.26 -45.87
C LEU E 83 -33.47 -17.09 -45.21
N ASN E 84 -32.73 -16.16 -44.63
CA ASN E 84 -33.33 -14.99 -43.98
C ASN E 84 -34.02 -14.06 -44.98
N ALA E 85 -33.34 -13.78 -46.09
CA ALA E 85 -33.89 -12.96 -47.15
C ALA E 85 -35.18 -13.55 -47.69
N MET E 86 -35.19 -14.88 -47.81
CA MET E 86 -36.34 -15.58 -48.35
C MET E 86 -37.51 -15.44 -47.35
N HIS E 87 -37.19 -15.49 -46.06
CA HIS E 87 -38.18 -15.31 -44.99
C HIS E 87 -38.74 -13.88 -44.92
N LEU E 88 -37.89 -12.92 -45.25
CA LEU E 88 -38.25 -11.50 -45.19
C LEU E 88 -39.14 -11.06 -46.36
N LYS E 89 -38.87 -11.58 -47.55
CA LYS E 89 -39.71 -11.32 -48.73
C LYS E 89 -41.15 -11.71 -48.40
N MET E 90 -41.33 -12.88 -47.80
CA MET E 90 -42.62 -13.35 -47.33
C MET E 90 -43.16 -12.41 -46.26
N HIS E 91 -42.27 -11.99 -45.38
CA HIS E 91 -42.63 -11.18 -44.21
C HIS E 91 -43.13 -9.80 -44.60
N ARG E 92 -42.47 -9.21 -45.59
CA ARG E 92 -42.78 -7.86 -46.01
C ARG E 92 -44.05 -7.80 -46.84
N ALA E 93 -44.32 -8.87 -47.57
CA ALA E 93 -45.54 -9.00 -48.37
C ALA E 93 -46.80 -8.99 -47.51
N ALA E 94 -46.81 -9.79 -46.44
CA ALA E 94 -47.94 -9.86 -45.53
C ALA E 94 -48.21 -8.51 -44.85
N ALA E 95 -47.14 -7.89 -44.34
CA ALA E 95 -47.25 -6.62 -43.64
C ALA E 95 -47.79 -5.52 -44.53
N ALA E 96 -47.49 -5.62 -45.84
CA ALA E 96 -47.88 -4.62 -46.82
C ALA E 96 -49.38 -4.37 -46.83
N VAL E 97 -50.16 -5.38 -46.46
CA VAL E 97 -51.61 -5.24 -46.41
C VAL E 97 -52.06 -5.41 -44.97
N GLY E 98 -51.08 -5.35 -44.06
CA GLY E 98 -51.37 -5.39 -42.64
C GLY E 98 -51.61 -6.79 -42.12
N GLY E 99 -50.94 -7.77 -42.72
CA GLY E 99 -51.13 -9.15 -42.32
C GLY E 99 -49.97 -9.68 -41.50
N ARG E 100 -50.22 -10.79 -40.80
CA ARG E 100 -49.18 -11.42 -39.99
C ARG E 100 -49.24 -12.93 -40.23
N ILE E 101 -48.09 -13.55 -40.48
CA ILE E 101 -48.02 -14.98 -40.68
C ILE E 101 -47.02 -15.64 -39.73
N ASP E 102 -47.17 -16.95 -39.56
CA ASP E 102 -46.19 -17.75 -38.83
C ASP E 102 -45.49 -18.68 -39.81
N ALA E 103 -44.27 -18.32 -40.22
CA ALA E 103 -43.57 -19.05 -41.24
C ALA E 103 -42.84 -20.25 -40.65
N VAL E 104 -43.21 -21.44 -41.10
CA VAL E 104 -42.55 -22.66 -40.64
C VAL E 104 -41.91 -23.39 -41.82
N PHE E 105 -40.87 -24.16 -41.52
CA PHE E 105 -40.04 -24.80 -42.53
C PHE E 105 -39.84 -26.30 -42.26
N PHE E 106 -39.98 -27.10 -43.30
CA PHE E 106 -39.96 -28.55 -43.15
C PHE E 106 -38.82 -29.21 -43.92
N CYS E 107 -38.22 -30.23 -43.31
CA CYS E 107 -37.12 -30.95 -43.94
C CYS E 107 -37.21 -32.44 -43.64
N MET E 124 -44.81 -34.27 -41.74
CA MET E 124 -44.85 -32.83 -41.56
C MET E 124 -46.03 -32.46 -40.64
N MET E 125 -47.24 -32.64 -41.15
CA MET E 125 -48.47 -32.37 -40.39
C MET E 125 -48.47 -33.09 -39.06
N LYS E 126 -47.76 -34.21 -39.03
CA LYS E 126 -47.60 -35.03 -37.83
C LYS E 126 -46.99 -34.19 -36.71
N LEU E 127 -46.26 -33.16 -37.09
CA LEU E 127 -45.56 -32.29 -36.14
C LEU E 127 -46.26 -30.95 -35.94
N ILE E 128 -46.94 -30.46 -36.97
CA ILE E 128 -47.58 -29.15 -36.93
C ILE E 128 -48.66 -29.11 -35.85
N ALA E 129 -49.41 -30.20 -35.73
CA ALA E 129 -50.44 -30.32 -34.70
C ALA E 129 -49.82 -30.36 -33.31
N GLU E 130 -48.50 -30.55 -33.25
CA GLU E 130 -47.79 -30.67 -31.98
C GLU E 130 -47.04 -29.41 -31.57
N ARG E 131 -46.40 -28.73 -32.53
CA ARG E 131 -45.71 -27.47 -32.23
C ARG E 131 -46.69 -26.41 -31.76
N PHE E 132 -47.88 -26.47 -32.32
CA PHE E 132 -48.98 -25.62 -31.91
C PHE E 132 -49.99 -26.51 -31.22
N GLU E 133 -50.80 -25.91 -30.36
CA GLU E 133 -51.74 -26.64 -29.53
C GLU E 133 -53.15 -26.61 -30.11
N ILE E 134 -53.34 -27.38 -31.18
CA ILE E 134 -54.63 -27.47 -31.84
C ILE E 134 -55.06 -28.90 -32.10
N ASP E 135 -56.37 -29.10 -32.19
CA ASP E 135 -56.92 -30.36 -32.63
C ASP E 135 -56.91 -30.40 -34.15
N PRO E 136 -56.27 -31.42 -34.73
CA PRO E 136 -56.27 -31.52 -36.19
C PRO E 136 -57.69 -31.43 -36.76
N ALA E 137 -58.70 -31.87 -36.01
CA ALA E 137 -60.07 -31.87 -36.49
C ALA E 137 -60.74 -30.49 -36.67
N ASP E 138 -60.23 -29.43 -36.07
CA ASP E 138 -60.84 -28.12 -36.28
C ASP E 138 -59.96 -27.17 -37.10
N THR E 139 -58.94 -27.73 -37.74
CA THR E 139 -57.98 -26.89 -38.47
C THR E 139 -57.85 -27.35 -39.92
N PRO E 140 -58.08 -26.42 -40.85
CA PRO E 140 -57.85 -26.71 -42.28
C PRO E 140 -56.37 -26.65 -42.66
N VAL E 141 -55.95 -27.57 -43.51
CA VAL E 141 -54.66 -27.46 -44.18
C VAL E 141 -54.93 -27.23 -45.67
N VAL E 142 -54.25 -26.23 -46.23
CA VAL E 142 -54.51 -25.80 -47.60
C VAL E 142 -53.27 -25.86 -48.48
N GLY E 143 -53.42 -26.45 -49.66
CA GLY E 143 -52.31 -26.66 -50.57
C GLY E 143 -52.83 -26.75 -51.99
N ASP E 144 -51.93 -26.98 -52.94
CA ASP E 144 -52.34 -27.13 -54.34
C ASP E 144 -52.00 -28.51 -54.89
N SER E 145 -51.52 -29.40 -54.03
CA SER E 145 -51.03 -30.73 -54.41
C SER E 145 -51.67 -31.80 -53.53
N LEU E 146 -51.64 -33.04 -53.99
CA LEU E 146 -52.15 -34.16 -53.18
C LEU E 146 -51.23 -34.41 -51.97
N ARG E 147 -49.92 -34.47 -52.21
CA ARG E 147 -48.91 -34.78 -51.18
C ARG E 147 -49.12 -34.07 -49.84
N ASP E 148 -49.37 -32.76 -49.87
CA ASP E 148 -49.54 -32.00 -48.63
C ASP E 148 -50.90 -32.25 -47.97
N LEU E 149 -51.96 -32.26 -48.79
CA LEU E 149 -53.34 -32.40 -48.30
C LEU E 149 -53.71 -33.78 -47.76
N GLN E 150 -53.19 -34.83 -48.38
CA GLN E 150 -53.49 -36.20 -47.99
C GLN E 150 -52.86 -36.59 -46.65
N ALA E 151 -51.67 -36.09 -46.39
CA ALA E 151 -50.99 -36.32 -45.12
C ALA E 151 -51.78 -35.76 -43.93
N GLY E 152 -52.27 -34.53 -44.08
CA GLY E 152 -53.03 -33.89 -43.02
C GLY E 152 -54.31 -34.63 -42.73
N ALA E 153 -55.00 -35.05 -43.77
CA ALA E 153 -56.29 -35.72 -43.62
C ALA E 153 -56.08 -37.04 -42.87
N ALA E 154 -54.92 -37.64 -43.07
CA ALA E 154 -54.56 -38.87 -42.37
C ALA E 154 -54.38 -38.59 -40.87
N LEU E 155 -54.17 -37.33 -40.54
CA LEU E 155 -53.96 -36.93 -39.15
C LEU E 155 -55.21 -36.27 -38.55
N GLY E 156 -56.22 -36.05 -39.38
CA GLY E 156 -57.48 -35.49 -38.92
C GLY E 156 -57.77 -34.09 -39.43
N PHE E 157 -56.76 -33.49 -40.04
CA PHE E 157 -56.88 -32.17 -40.65
C PHE E 157 -57.94 -32.10 -41.75
N ARG E 158 -58.51 -30.92 -41.92
CA ARG E 158 -59.51 -30.64 -42.95
C ARG E 158 -58.84 -30.16 -44.23
N PRO E 159 -58.78 -31.03 -45.25
CA PRO E 159 -58.03 -30.73 -46.48
C PRO E 159 -58.75 -29.79 -47.45
N HIS E 160 -58.04 -28.75 -47.88
CA HIS E 160 -58.54 -27.82 -48.89
C HIS E 160 -57.59 -27.67 -50.05
N LEU E 161 -58.14 -27.68 -51.26
CA LEU E 161 -57.34 -27.52 -52.47
C LEU E 161 -57.60 -26.17 -53.12
N VAL E 162 -56.52 -25.48 -53.45
CA VAL E 162 -56.62 -24.26 -54.22
C VAL E 162 -56.14 -24.58 -55.63
N LEU E 163 -56.83 -24.04 -56.63
CA LEU E 163 -56.56 -24.43 -58.00
C LEU E 163 -55.42 -23.63 -58.61
N THR E 164 -54.80 -22.79 -57.79
CA THR E 164 -53.61 -22.06 -58.21
C THR E 164 -52.41 -23.01 -58.26
N GLY E 165 -51.39 -22.64 -59.03
CA GLY E 165 -50.23 -23.48 -59.22
C GLY E 165 -50.61 -24.85 -59.73
N LYS E 166 -50.24 -25.89 -58.98
CA LYS E 166 -50.56 -27.27 -59.39
C LYS E 166 -52.03 -27.61 -59.21
N GLY E 167 -52.80 -26.67 -58.67
CA GLY E 167 -54.19 -26.94 -58.33
C GLY E 167 -55.01 -27.55 -59.44
N LYS E 168 -54.89 -27.01 -60.66
CA LYS E 168 -55.62 -27.55 -61.79
C LYS E 168 -55.07 -28.93 -62.16
N LYS E 169 -53.75 -29.04 -62.07
CA LYS E 169 -53.04 -30.28 -62.35
C LYS E 169 -53.35 -31.36 -61.32
N THR E 170 -53.32 -31.00 -60.04
CA THR E 170 -53.58 -31.94 -58.93
C THR E 170 -55.03 -32.47 -58.91
N LEU E 171 -55.98 -31.57 -59.10
CA LEU E 171 -57.39 -31.92 -59.08
C LEU E 171 -57.73 -33.02 -60.07
N ALA E 172 -57.24 -32.87 -61.30
CA ALA E 172 -57.52 -33.82 -62.38
C ALA E 172 -56.96 -35.22 -62.10
N ALA E 173 -55.84 -35.27 -61.39
CA ALA E 173 -55.20 -36.55 -61.08
C ALA E 173 -56.03 -37.41 -60.11
N GLY E 174 -56.88 -36.77 -59.31
CA GLY E 174 -57.70 -37.47 -58.35
C GLY E 174 -56.90 -38.20 -57.28
N GLY E 175 -57.59 -39.00 -56.45
CA GLY E 175 -56.92 -39.72 -55.39
C GLY E 175 -56.86 -38.90 -54.11
N LEU E 176 -57.75 -37.92 -54.04
CA LEU E 176 -57.80 -36.96 -52.93
C LEU E 176 -58.62 -37.50 -51.76
N PRO E 177 -58.29 -37.05 -50.54
CA PRO E 177 -59.06 -37.39 -49.33
C PRO E 177 -60.57 -37.12 -49.43
N GLU E 178 -61.35 -37.88 -48.68
CA GLU E 178 -62.81 -38.00 -48.84
C GLU E 178 -63.61 -36.70 -48.75
N GLY E 179 -63.28 -35.86 -47.78
CA GLY E 179 -64.08 -34.66 -47.55
C GLY E 179 -63.39 -33.42 -48.05
N THR E 180 -62.67 -33.55 -49.15
CA THR E 180 -61.86 -32.46 -49.69
C THR E 180 -62.68 -31.39 -50.40
N ARG E 181 -62.52 -30.14 -49.97
CA ARG E 181 -63.16 -29.00 -50.62
C ARG E 181 -62.19 -28.27 -51.55
N VAL E 182 -62.72 -27.73 -52.64
CA VAL E 182 -61.92 -27.15 -53.71
C VAL E 182 -62.24 -25.67 -53.93
N HIS E 183 -61.20 -24.85 -54.01
CA HIS E 183 -61.38 -23.41 -54.19
C HIS E 183 -60.53 -22.89 -55.34
N ASP E 184 -61.04 -21.86 -56.01
CA ASP E 184 -60.36 -21.24 -57.13
C ASP E 184 -58.97 -20.76 -56.74
N ASP E 185 -58.89 -20.12 -55.58
CA ASP E 185 -57.62 -19.64 -55.03
C ASP E 185 -57.74 -19.46 -53.53
N LEU E 186 -56.70 -18.92 -52.90
CA LEU E 186 -56.73 -18.71 -51.46
C LEU E 186 -57.73 -17.62 -51.09
N ARG E 187 -57.85 -16.61 -51.94
CA ARG E 187 -58.85 -15.56 -51.76
C ARG E 187 -60.24 -16.18 -51.65
N ALA E 188 -60.49 -17.19 -52.49
CA ALA E 188 -61.77 -17.89 -52.47
C ALA E 188 -61.94 -18.75 -51.22
N PHE E 189 -60.88 -19.45 -50.83
CA PHE E 189 -60.91 -20.27 -49.63
C PHE E 189 -61.32 -19.49 -48.39
N ALA E 190 -60.66 -18.35 -48.17
CA ALA E 190 -60.91 -17.56 -46.98
C ALA E 190 -62.37 -17.14 -46.90
N LEU E 191 -62.93 -16.74 -48.04
CA LEU E 191 -64.32 -16.34 -48.10
C LEU E 191 -65.26 -17.50 -47.79
N ASP E 192 -65.02 -18.66 -48.40
CA ASP E 192 -65.84 -19.83 -48.14
C ASP E 192 -65.65 -20.27 -46.69
N PHE E 193 -64.40 -20.28 -46.24
CA PHE E 193 -64.06 -20.70 -44.88
C PHE E 193 -64.72 -19.83 -43.81
N LEU E 194 -64.78 -18.53 -44.07
CA LEU E 194 -65.36 -17.60 -43.10
C LEU E 194 -66.89 -17.51 -43.21
N SER E 195 -67.55 -18.58 -42.82
CA SER E 195 -69.01 -18.66 -42.79
C SER E 195 -69.44 -19.39 -41.54
N LYS E 196 -68.52 -20.19 -41.02
CA LYS E 196 -68.74 -20.97 -39.80
C LYS E 196 -67.65 -20.66 -38.77
N LYS F 19 -18.22 -27.88 -1.20
CA LYS F 19 -18.04 -27.54 -2.60
C LYS F 19 -16.62 -27.05 -2.89
N LYS F 20 -15.88 -27.89 -3.60
CA LYS F 20 -14.47 -27.69 -3.88
C LYS F 20 -14.27 -26.69 -5.00
N LEU F 21 -13.08 -26.10 -5.04
CA LEU F 21 -12.83 -24.96 -5.89
C LEU F 21 -11.44 -24.97 -6.52
N VAL F 22 -11.31 -24.21 -7.60
CA VAL F 22 -10.05 -24.03 -8.32
C VAL F 22 -9.96 -22.57 -8.76
N VAL F 23 -8.89 -21.88 -8.36
CA VAL F 23 -8.73 -20.48 -8.73
C VAL F 23 -7.85 -20.33 -9.95
N LEU F 24 -8.39 -19.68 -10.98
CA LEU F 24 -7.63 -19.44 -12.20
C LEU F 24 -7.41 -17.96 -12.42
N ASP F 25 -6.18 -17.58 -12.74
CA ASP F 25 -5.94 -16.28 -13.31
C ASP F 25 -6.48 -16.30 -14.72
N ARG F 26 -6.98 -15.16 -15.19
CA ARG F 26 -7.49 -15.07 -16.54
C ARG F 26 -6.32 -14.78 -17.49
N ASP F 27 -5.58 -13.73 -17.16
CA ASP F 27 -4.51 -13.23 -18.00
C ASP F 27 -3.40 -14.25 -18.16
N GLY F 28 -3.02 -14.52 -19.40
CA GLY F 28 -1.92 -15.42 -19.71
C GLY F 28 -2.20 -16.88 -19.39
N VAL F 29 -3.41 -17.15 -18.91
CA VAL F 29 -3.80 -18.51 -18.55
C VAL F 29 -4.89 -19.06 -19.46
N ILE F 30 -5.92 -18.26 -19.71
CA ILE F 30 -7.03 -18.71 -20.56
C ILE F 30 -7.01 -18.05 -21.93
N ASN F 31 -6.73 -16.75 -21.98
CA ASN F 31 -6.71 -16.06 -23.27
C ASN F 31 -5.32 -15.57 -23.65
N VAL F 32 -5.17 -15.18 -24.91
CA VAL F 32 -3.90 -14.66 -25.42
C VAL F 32 -3.61 -13.24 -24.91
N SER F 40 -11.07 0.46 -28.43
CA SER F 40 -11.47 -0.54 -27.45
C SER F 40 -11.14 -1.92 -28.02
N PRO F 41 -10.66 -2.84 -27.16
CA PRO F 41 -10.25 -4.19 -27.53
C PRO F 41 -11.45 -5.10 -27.82
N ASP F 42 -11.78 -5.24 -29.10
CA ASP F 42 -12.91 -6.04 -29.54
C ASP F 42 -12.46 -7.48 -29.81
N GLU F 43 -11.17 -7.62 -30.12
CA GLU F 43 -10.56 -8.91 -30.47
C GLU F 43 -10.17 -9.81 -29.30
N TRP F 44 -11.10 -10.14 -28.42
CA TRP F 44 -10.77 -10.96 -27.25
C TRP F 44 -11.04 -12.44 -27.53
N VAL F 45 -10.04 -13.28 -27.35
CA VAL F 45 -10.13 -14.69 -27.73
C VAL F 45 -9.44 -15.65 -26.76
N ALA F 46 -10.16 -16.70 -26.33
CA ALA F 46 -9.64 -17.67 -25.39
C ALA F 46 -8.93 -18.82 -26.09
N LEU F 47 -7.95 -19.41 -25.41
CA LEU F 47 -7.32 -20.65 -25.88
C LEU F 47 -8.30 -21.82 -25.78
N PRO F 48 -8.44 -22.58 -26.88
CA PRO F 48 -9.38 -23.69 -26.97
C PRO F 48 -9.12 -24.78 -25.95
N GLY F 49 -7.84 -25.01 -25.65
CA GLY F 49 -7.47 -25.99 -24.64
C GLY F 49 -7.90 -25.55 -23.26
N SER F 50 -8.00 -24.25 -23.05
CA SER F 50 -8.38 -23.72 -21.75
C SER F 50 -9.85 -23.95 -21.47
N LEU F 51 -10.67 -23.88 -22.51
CA LEU F 51 -12.10 -24.16 -22.40
C LEU F 51 -12.33 -25.63 -22.11
N GLU F 52 -11.58 -26.48 -22.80
CA GLU F 52 -11.59 -27.91 -22.54
C GLU F 52 -11.29 -28.15 -21.06
N ALA F 53 -10.26 -27.47 -20.57
CA ALA F 53 -9.85 -27.56 -19.17
C ALA F 53 -11.00 -27.22 -18.23
N ILE F 54 -11.67 -26.11 -18.52
CA ILE F 54 -12.77 -25.65 -17.68
C ILE F 54 -13.93 -26.63 -17.65
N ALA F 55 -14.32 -27.12 -18.83
CA ALA F 55 -15.42 -28.06 -18.91
C ALA F 55 -15.16 -29.35 -18.14
N ARG F 56 -13.99 -29.96 -18.32
CA ARG F 56 -13.66 -31.17 -17.57
C ARG F 56 -13.57 -30.88 -16.08
N LEU F 57 -13.06 -29.70 -15.70
CA LEU F 57 -13.03 -29.34 -14.29
C LEU F 57 -14.45 -29.19 -13.76
N ASN F 58 -15.33 -28.58 -14.56
CA ASN F 58 -16.73 -28.44 -14.19
C ASN F 58 -17.42 -29.80 -14.14
N HIS F 59 -17.31 -30.55 -15.23
CA HIS F 59 -17.96 -31.86 -15.34
C HIS F 59 -17.42 -32.84 -14.30
N ALA F 60 -16.19 -32.63 -13.84
CA ALA F 60 -15.61 -33.46 -12.78
C ALA F 60 -15.98 -32.90 -11.39
N GLY F 61 -16.79 -31.84 -11.39
CA GLY F 61 -17.39 -31.33 -10.17
C GLY F 61 -16.72 -30.19 -9.42
N TYR F 62 -15.85 -29.44 -10.08
CA TYR F 62 -15.21 -28.30 -9.43
C TYR F 62 -15.89 -26.99 -9.80
N ARG F 63 -16.02 -26.10 -8.83
CA ARG F 63 -16.46 -24.75 -9.12
C ARG F 63 -15.22 -23.95 -9.52
N VAL F 64 -15.28 -23.36 -10.70
CA VAL F 64 -14.12 -22.71 -11.30
C VAL F 64 -14.22 -21.19 -11.19
N VAL F 65 -13.32 -20.62 -10.40
CA VAL F 65 -13.27 -19.17 -10.23
C VAL F 65 -12.21 -18.55 -11.13
N VAL F 66 -12.62 -17.63 -12.00
CA VAL F 66 -11.67 -16.97 -12.88
C VAL F 66 -11.45 -15.54 -12.41
N ALA F 67 -10.24 -15.27 -11.90
CA ALA F 67 -9.95 -13.98 -11.29
C ALA F 67 -9.32 -13.03 -12.28
N THR F 68 -10.02 -11.94 -12.57
CA THR F 68 -9.53 -10.93 -13.49
C THR F 68 -9.10 -9.67 -12.74
N ASN F 69 -7.80 -9.41 -12.74
CA ASN F 69 -7.24 -8.22 -12.11
C ASN F 69 -7.52 -6.94 -12.89
N GLN F 70 -8.37 -6.08 -12.32
CA GLN F 70 -8.88 -4.91 -13.02
C GLN F 70 -7.83 -3.89 -13.44
N SER F 71 -6.64 -3.93 -12.85
CA SER F 71 -5.54 -3.06 -13.31
C SER F 71 -5.02 -3.49 -14.67
N GLY F 72 -5.60 -4.55 -15.22
CA GLY F 72 -5.22 -5.03 -16.54
C GLY F 72 -6.39 -5.04 -17.50
N ILE F 73 -7.27 -4.06 -17.34
CA ILE F 73 -8.38 -3.83 -18.25
C ILE F 73 -7.84 -2.55 -18.89
N GLY F 74 -7.12 -2.72 -19.99
CA GLY F 74 -6.44 -1.63 -20.68
C GLY F 74 -5.68 -0.76 -19.70
N ARG F 75 -5.14 -1.45 -18.69
CA ARG F 75 -4.37 -0.81 -17.64
C ARG F 75 -5.31 0.15 -16.90
N GLY F 76 -6.45 -0.41 -16.49
CA GLY F 76 -7.45 0.28 -15.69
C GLY F 76 -8.24 1.39 -16.34
N LEU F 77 -8.39 1.36 -17.66
CA LEU F 77 -9.24 2.33 -18.35
C LEU F 77 -10.49 1.63 -18.91
N PHE F 78 -11.63 1.76 -18.25
CA PHE F 78 -12.83 1.09 -18.76
C PHE F 78 -14.12 1.67 -18.22
N ASP F 79 -15.12 1.71 -19.09
CA ASP F 79 -16.50 2.01 -18.70
C ASP F 79 -17.22 0.71 -18.38
N MET F 80 -18.52 0.79 -18.09
CA MET F 80 -19.27 -0.41 -17.77
C MET F 80 -19.60 -1.23 -19.02
N ALA F 81 -19.76 -0.55 -20.15
CA ALA F 81 -20.05 -1.22 -21.42
C ALA F 81 -18.92 -2.19 -21.76
N THR F 82 -17.69 -1.71 -21.62
CA THR F 82 -16.51 -2.52 -21.86
C THR F 82 -16.42 -3.71 -20.89
N LEU F 83 -16.73 -3.48 -19.62
CA LEU F 83 -16.67 -4.55 -18.63
C LEU F 83 -17.69 -5.64 -18.89
N ASN F 84 -18.92 -5.24 -19.20
CA ASN F 84 -20.00 -6.18 -19.48
C ASN F 84 -19.76 -6.99 -20.75
N ALA F 85 -19.31 -6.32 -21.80
CA ALA F 85 -19.00 -6.97 -23.07
C ALA F 85 -17.95 -8.04 -22.89
N MET F 86 -16.94 -7.72 -22.09
CA MET F 86 -15.83 -8.61 -21.80
C MET F 86 -16.31 -9.80 -20.96
N HIS F 87 -17.21 -9.52 -20.03
CA HIS F 87 -17.77 -10.55 -19.17
C HIS F 87 -18.65 -11.48 -19.98
N LEU F 88 -19.32 -10.94 -20.98
CA LEU F 88 -20.19 -11.72 -21.87
C LEU F 88 -19.36 -12.55 -22.82
N LYS F 89 -18.28 -11.94 -23.31
CA LYS F 89 -17.31 -12.61 -24.17
C LYS F 89 -16.81 -13.84 -23.44
N MET F 90 -16.42 -13.66 -22.19
CA MET F 90 -15.98 -14.74 -21.30
C MET F 90 -17.06 -15.76 -21.04
N HIS F 91 -18.27 -15.27 -20.81
CA HIS F 91 -19.41 -16.08 -20.39
C HIS F 91 -19.83 -17.06 -21.49
N ARG F 92 -19.73 -16.61 -22.73
CA ARG F 92 -20.21 -17.39 -23.86
C ARG F 92 -19.33 -18.58 -24.23
N ALA F 93 -18.02 -18.45 -24.01
CA ALA F 93 -17.06 -19.51 -24.29
C ALA F 93 -17.32 -20.78 -23.47
N ALA F 94 -17.54 -20.61 -22.17
CA ALA F 94 -17.82 -21.73 -21.28
C ALA F 94 -19.08 -22.48 -21.71
N ALA F 95 -20.14 -21.74 -22.02
CA ALA F 95 -21.38 -22.35 -22.44
C ALA F 95 -21.18 -23.11 -23.75
N ALA F 96 -20.28 -22.62 -24.59
CA ALA F 96 -19.99 -23.22 -25.89
C ALA F 96 -19.55 -24.67 -25.73
N VAL F 97 -18.92 -24.97 -24.61
CA VAL F 97 -18.43 -26.32 -24.34
C VAL F 97 -19.17 -26.90 -23.14
N GLY F 98 -20.22 -26.20 -22.72
CA GLY F 98 -21.11 -26.67 -21.67
C GLY F 98 -20.61 -26.47 -20.25
N GLY F 99 -19.82 -25.42 -20.05
CA GLY F 99 -19.24 -25.16 -18.74
C GLY F 99 -19.85 -24.02 -17.97
N ARG F 100 -19.56 -23.97 -16.68
CA ARG F 100 -20.04 -22.87 -15.85
C ARG F 100 -18.86 -22.38 -15.00
N ILE F 101 -18.66 -21.07 -14.98
CA ILE F 101 -17.57 -20.48 -14.19
C ILE F 101 -18.04 -19.37 -13.24
N ASP F 102 -17.20 -19.07 -12.25
CA ASP F 102 -17.43 -17.94 -11.35
C ASP F 102 -16.40 -16.82 -11.56
N ALA F 103 -16.79 -15.78 -12.29
CA ALA F 103 -15.88 -14.69 -12.64
C ALA F 103 -15.84 -13.60 -11.56
N VAL F 104 -14.65 -13.36 -11.02
CA VAL F 104 -14.46 -12.29 -10.05
C VAL F 104 -13.44 -11.28 -10.55
N PHE F 105 -13.55 -10.04 -10.07
CA PHE F 105 -12.70 -8.95 -10.56
C PHE F 105 -12.05 -8.22 -9.40
N PHE F 106 -10.73 -8.04 -9.48
CA PHE F 106 -9.97 -7.55 -8.34
C PHE F 106 -9.21 -6.25 -8.64
N CYS F 107 -9.18 -5.34 -7.69
CA CYS F 107 -8.49 -4.07 -7.85
C CYS F 107 -7.83 -3.62 -6.56
N MET F 124 -6.03 -10.52 -2.50
CA MET F 124 -6.95 -11.20 -3.41
C MET F 124 -7.28 -12.56 -2.81
N MET F 125 -6.28 -13.43 -2.74
CA MET F 125 -6.44 -14.77 -2.19
C MET F 125 -7.03 -14.72 -0.78
N LYS F 126 -6.65 -13.70 -0.01
CA LYS F 126 -7.20 -13.49 1.33
C LYS F 126 -8.71 -13.23 1.29
N LEU F 127 -9.21 -12.73 0.16
CA LEU F 127 -10.61 -12.35 0.03
C LEU F 127 -11.36 -13.46 -0.70
N ILE F 128 -10.68 -14.13 -1.61
CA ILE F 128 -11.28 -15.21 -2.38
C ILE F 128 -11.63 -16.35 -1.42
N ALA F 129 -10.72 -16.62 -0.49
CA ALA F 129 -10.94 -17.66 0.52
C ALA F 129 -12.11 -17.34 1.45
N GLU F 130 -12.57 -16.08 1.42
CA GLU F 130 -13.65 -15.64 2.30
C GLU F 130 -15.00 -15.58 1.57
N ARG F 131 -14.97 -15.08 0.34
CA ARG F 131 -16.18 -15.02 -0.49
C ARG F 131 -16.74 -16.41 -0.78
N PHE F 132 -15.83 -17.36 -0.85
CA PHE F 132 -16.16 -18.77 -1.03
C PHE F 132 -15.86 -19.53 0.25
N GLU F 133 -16.53 -20.66 0.42
CA GLU F 133 -16.38 -21.47 1.62
C GLU F 133 -15.33 -22.54 1.36
N ILE F 134 -14.07 -22.12 1.37
CA ILE F 134 -12.97 -23.00 0.99
C ILE F 134 -11.79 -22.89 1.96
N ASP F 135 -11.06 -23.99 2.08
CA ASP F 135 -9.80 -24.07 2.78
C ASP F 135 -8.72 -23.62 1.80
N PRO F 136 -7.88 -22.65 2.21
CA PRO F 136 -6.78 -22.46 1.27
C PRO F 136 -6.00 -23.77 0.95
N ALA F 137 -5.89 -24.73 1.88
CA ALA F 137 -5.13 -25.97 1.62
C ALA F 137 -5.66 -27.00 0.61
N ASP F 138 -6.92 -26.91 0.23
CA ASP F 138 -7.46 -27.89 -0.73
C ASP F 138 -7.79 -27.23 -2.06
N THR F 139 -7.21 -26.06 -2.32
CA THR F 139 -7.49 -25.30 -3.52
C THR F 139 -6.22 -24.92 -4.27
N PRO F 140 -6.13 -25.30 -5.55
CA PRO F 140 -5.04 -24.84 -6.43
C PRO F 140 -5.27 -23.43 -6.94
N VAL F 141 -4.20 -22.63 -7.05
CA VAL F 141 -4.27 -21.38 -7.78
C VAL F 141 -3.42 -21.50 -9.04
N VAL F 142 -3.99 -21.10 -10.18
CA VAL F 142 -3.31 -21.28 -11.45
C VAL F 142 -3.12 -19.94 -12.13
N GLY F 143 -1.87 -19.66 -12.51
CA GLY F 143 -1.52 -18.39 -13.11
C GLY F 143 -0.26 -18.56 -13.93
N ASP F 144 0.19 -17.49 -14.54
CA ASP F 144 1.40 -17.53 -15.35
C ASP F 144 2.48 -16.60 -14.79
N SER F 145 2.22 -16.04 -13.61
CA SER F 145 3.11 -15.06 -13.01
C SER F 145 3.48 -15.41 -11.57
N LEU F 146 4.64 -14.93 -11.12
CA LEU F 146 5.12 -15.17 -9.76
C LEU F 146 4.24 -14.45 -8.74
N ARG F 147 3.88 -13.22 -9.05
CA ARG F 147 3.13 -12.34 -8.17
C ARG F 147 1.98 -13.03 -7.43
N ASP F 148 1.15 -13.72 -8.20
CA ASP F 148 -0.04 -14.38 -7.66
C ASP F 148 0.27 -15.66 -6.90
N LEU F 149 1.13 -16.48 -7.48
CA LEU F 149 1.41 -17.81 -6.94
C LEU F 149 2.12 -17.73 -5.60
N GLN F 150 3.05 -16.78 -5.48
CA GLN F 150 3.79 -16.60 -4.25
C GLN F 150 2.90 -16.01 -3.15
N ALA F 151 2.01 -15.10 -3.54
CA ALA F 151 1.01 -14.56 -2.62
C ALA F 151 0.04 -15.64 -2.14
N GLY F 152 -0.45 -16.43 -3.10
CA GLY F 152 -1.40 -17.49 -2.83
C GLY F 152 -0.85 -18.60 -1.96
N ALA F 153 0.38 -19.01 -2.24
CA ALA F 153 1.02 -20.12 -1.54
C ALA F 153 1.24 -19.80 -0.05
N ALA F 154 1.42 -18.52 0.25
CA ALA F 154 1.64 -18.06 1.62
C ALA F 154 0.43 -18.31 2.53
N LEU F 155 -0.74 -18.49 1.95
CA LEU F 155 -1.94 -18.71 2.74
C LEU F 155 -2.25 -20.20 2.77
N GLY F 156 -1.47 -20.96 2.01
CA GLY F 156 -1.61 -22.40 1.98
C GLY F 156 -2.09 -22.92 0.64
N PHE F 157 -2.47 -22.02 -0.26
CA PHE F 157 -2.89 -22.41 -1.60
C PHE F 157 -1.80 -23.23 -2.29
N ARG F 158 -2.26 -24.16 -3.12
CA ARG F 158 -1.40 -25.05 -3.89
C ARG F 158 -1.03 -24.41 -5.23
N PRO F 159 0.22 -23.96 -5.36
CA PRO F 159 0.61 -23.16 -6.53
C PRO F 159 0.83 -24.00 -7.80
N HIS F 160 0.20 -23.58 -8.89
CA HIS F 160 0.37 -24.19 -10.18
C HIS F 160 0.80 -23.15 -11.20
N LEU F 161 1.79 -23.47 -12.01
CA LEU F 161 2.25 -22.57 -13.06
C LEU F 161 1.91 -23.10 -14.44
N VAL F 162 1.33 -22.23 -15.27
CA VAL F 162 1.11 -22.54 -16.67
C VAL F 162 2.08 -21.74 -17.53
N LEU F 163 2.61 -22.38 -18.56
CA LEU F 163 3.67 -21.78 -19.36
C LEU F 163 3.13 -20.89 -20.47
N THR F 164 1.80 -20.76 -20.53
CA THR F 164 1.18 -19.85 -21.47
C THR F 164 1.37 -18.41 -20.99
N GLY F 165 1.29 -17.49 -21.92
CA GLY F 165 1.49 -16.08 -21.63
C GLY F 165 2.82 -15.79 -20.98
N LYS F 166 2.75 -15.20 -19.79
CA LYS F 166 3.94 -14.79 -19.06
C LYS F 166 4.66 -16.00 -18.46
N GLY F 167 4.06 -17.18 -18.61
CA GLY F 167 4.54 -18.40 -17.97
C GLY F 167 5.99 -18.80 -18.13
N LYS F 168 6.51 -18.75 -19.35
CA LYS F 168 7.91 -19.09 -19.61
C LYS F 168 8.86 -18.07 -18.98
N LYS F 169 8.45 -16.80 -18.99
CA LYS F 169 9.21 -15.70 -18.41
C LYS F 169 9.30 -15.84 -16.93
N THR F 170 8.18 -16.21 -16.30
CA THR F 170 8.10 -16.39 -14.85
C THR F 170 9.02 -17.52 -14.37
N LEU F 171 8.98 -18.64 -15.09
CA LEU F 171 9.80 -19.81 -14.79
C LEU F 171 11.30 -19.52 -14.78
N ALA F 172 11.76 -18.83 -15.82
CA ALA F 172 13.19 -18.52 -15.96
C ALA F 172 13.67 -17.58 -14.86
N ALA F 173 12.80 -16.67 -14.44
CA ALA F 173 13.12 -15.72 -13.39
C ALA F 173 13.27 -16.44 -12.05
N GLY F 174 12.61 -17.58 -11.92
CA GLY F 174 12.67 -18.38 -10.71
C GLY F 174 12.09 -17.66 -9.51
N GLY F 175 12.28 -18.23 -8.32
CA GLY F 175 11.76 -17.62 -7.12
C GLY F 175 10.37 -18.12 -6.76
N LEU F 176 10.02 -19.30 -7.26
CA LEU F 176 8.70 -19.86 -7.03
C LEU F 176 8.66 -20.61 -5.69
N PRO F 177 7.49 -20.63 -5.05
CA PRO F 177 7.27 -21.38 -3.80
C PRO F 177 7.72 -22.84 -3.86
N GLU F 178 8.06 -23.41 -2.71
CA GLU F 178 8.71 -24.72 -2.66
C GLU F 178 8.04 -25.85 -3.44
N GLY F 179 6.71 -25.94 -3.35
CA GLY F 179 5.99 -27.04 -3.96
C GLY F 179 5.23 -26.70 -5.23
N THR F 180 5.76 -25.76 -6.01
CA THR F 180 5.07 -25.30 -7.21
C THR F 180 5.16 -26.30 -8.36
N ARG F 181 4.01 -26.67 -8.89
CA ARG F 181 3.93 -27.57 -10.04
C ARG F 181 3.77 -26.75 -11.30
N VAL F 182 4.39 -27.20 -12.39
CA VAL F 182 4.43 -26.41 -13.61
C VAL F 182 3.79 -27.21 -14.75
N HIS F 183 2.93 -26.55 -15.52
CA HIS F 183 2.19 -27.22 -16.58
C HIS F 183 2.34 -26.49 -17.89
N ASP F 184 2.32 -27.25 -18.98
CA ASP F 184 2.41 -26.69 -20.32
C ASP F 184 1.33 -25.65 -20.53
N ASP F 185 0.11 -25.99 -20.12
CA ASP F 185 -1.04 -25.09 -20.22
C ASP F 185 -2.13 -25.50 -19.24
N LEU F 186 -3.28 -24.84 -19.34
CA LEU F 186 -4.40 -25.12 -18.44
C LEU F 186 -5.00 -26.49 -18.71
N ARG F 187 -5.05 -26.88 -19.98
CA ARG F 187 -5.48 -28.22 -20.38
C ARG F 187 -4.65 -29.30 -19.70
N ALA F 188 -3.34 -29.08 -19.64
CA ALA F 188 -2.42 -30.02 -18.99
C ALA F 188 -2.63 -30.03 -17.49
N PHE F 189 -2.82 -28.83 -16.92
CA PHE F 189 -3.11 -28.72 -15.49
C PHE F 189 -4.30 -29.59 -15.12
N ALA F 190 -5.39 -29.44 -15.86
CA ALA F 190 -6.60 -30.19 -15.56
C ALA F 190 -6.32 -31.68 -15.64
N LEU F 191 -5.55 -32.08 -16.65
CA LEU F 191 -5.21 -33.49 -16.83
C LEU F 191 -4.40 -34.02 -15.65
N ASP F 192 -3.38 -33.26 -15.26
CA ASP F 192 -2.54 -33.64 -14.12
C ASP F 192 -3.30 -33.56 -12.80
N PHE F 193 -4.05 -32.48 -12.62
CA PHE F 193 -4.76 -32.20 -11.38
C PHE F 193 -5.75 -33.31 -11.01
N LEU F 194 -6.37 -33.90 -12.01
CA LEU F 194 -7.36 -34.95 -11.77
C LEU F 194 -6.64 -36.28 -11.46
N SER F 195 -6.08 -36.36 -10.26
CA SER F 195 -5.36 -37.57 -9.84
C SER F 195 -5.78 -38.00 -8.43
N LYS F 196 -6.17 -37.03 -7.61
CA LYS F 196 -6.67 -37.31 -6.26
C LYS F 196 -7.38 -36.07 -5.70
N LYS G 19 -61.90 -53.82 -60.73
CA LYS G 19 -62.22 -55.05 -60.00
C LYS G 19 -62.64 -54.65 -58.60
N LYS G 20 -63.92 -54.83 -58.27
CA LYS G 20 -64.47 -54.29 -57.03
C LYS G 20 -64.07 -55.04 -55.77
N LEU G 21 -64.07 -54.31 -54.66
CA LEU G 21 -63.57 -54.79 -53.38
C LEU G 21 -64.32 -54.19 -52.20
N VAL G 22 -64.22 -54.86 -51.06
CA VAL G 22 -64.75 -54.34 -49.80
C VAL G 22 -63.79 -54.72 -48.69
N VAL G 23 -63.26 -53.74 -47.99
CA VAL G 23 -62.33 -54.02 -46.89
C VAL G 23 -63.02 -53.98 -45.53
N LEU G 24 -62.93 -55.08 -44.81
CA LEU G 24 -63.52 -55.17 -43.48
C LEU G 24 -62.49 -55.39 -42.38
N ASP G 25 -62.65 -54.64 -41.29
CA ASP G 25 -61.97 -54.98 -40.04
C ASP G 25 -62.58 -56.24 -39.47
N ARG G 26 -61.78 -57.04 -38.76
CA ARG G 26 -62.31 -58.24 -38.16
C ARG G 26 -63.00 -57.87 -36.84
N ASP G 27 -62.22 -57.27 -35.95
CA ASP G 27 -62.68 -56.92 -34.61
C ASP G 27 -63.73 -55.82 -34.62
N GLY G 28 -64.82 -56.04 -33.88
CA GLY G 28 -65.87 -55.05 -33.75
C GLY G 28 -66.74 -54.87 -34.98
N VAL G 29 -66.43 -55.61 -36.03
CA VAL G 29 -67.22 -55.56 -37.26
C VAL G 29 -67.91 -56.89 -37.49
N ILE G 30 -67.17 -57.97 -37.35
CA ILE G 30 -67.70 -59.31 -37.60
C ILE G 30 -67.91 -60.08 -36.31
N ASN G 31 -66.94 -60.00 -35.39
CA ASN G 31 -67.04 -60.69 -34.12
C ASN G 31 -67.07 -59.71 -32.94
N VAL G 32 -67.37 -60.23 -31.75
CA VAL G 32 -67.41 -59.41 -30.54
C VAL G 32 -66.00 -59.02 -30.09
N SER G 40 -56.82 -66.66 -25.37
CA SER G 40 -56.91 -67.48 -26.56
C SER G 40 -58.25 -67.28 -27.26
N PRO G 41 -58.24 -67.19 -28.60
CA PRO G 41 -59.44 -66.85 -29.37
C PRO G 41 -60.40 -68.04 -29.33
N ASP G 42 -60.02 -69.11 -28.62
CA ASP G 42 -60.72 -70.39 -28.64
C ASP G 42 -62.23 -70.30 -28.46
N GLU G 43 -62.71 -69.34 -27.80
CA GLU G 43 -64.08 -68.86 -27.78
C GLU G 43 -63.93 -67.83 -28.90
N TRP G 44 -64.56 -68.09 -30.03
CA TRP G 44 -64.44 -67.22 -31.20
C TRP G 44 -65.79 -67.26 -31.89
N VAL G 45 -66.49 -66.12 -31.87
CA VAL G 45 -67.88 -66.11 -32.33
C VAL G 45 -68.26 -64.85 -33.14
N ALA G 46 -68.79 -65.07 -34.33
CA ALA G 46 -69.17 -63.99 -35.26
C ALA G 46 -70.63 -63.55 -35.12
N LEU G 47 -70.91 -62.29 -35.40
CA LEU G 47 -72.28 -61.83 -35.56
C LEU G 47 -72.91 -62.41 -36.81
N PRO G 48 -74.09 -63.02 -36.66
CA PRO G 48 -74.82 -63.64 -37.78
C PRO G 48 -75.17 -62.61 -38.85
N GLY G 49 -75.44 -61.38 -38.42
CA GLY G 49 -75.72 -60.31 -39.35
C GLY G 49 -74.50 -59.99 -40.18
N SER G 50 -73.32 -60.24 -39.62
CA SER G 50 -72.09 -59.99 -40.35
C SER G 50 -71.89 -61.09 -41.39
N LEU G 51 -72.30 -62.31 -41.08
CA LEU G 51 -72.23 -63.40 -42.05
C LEU G 51 -73.20 -63.20 -43.20
N GLU G 52 -74.43 -62.83 -42.86
CA GLU G 52 -75.45 -62.53 -43.85
C GLU G 52 -74.95 -61.44 -44.80
N ALA G 53 -74.36 -60.39 -44.24
CA ALA G 53 -73.79 -59.29 -45.01
C ALA G 53 -72.74 -59.80 -46.00
N ILE G 54 -71.84 -60.64 -45.52
CA ILE G 54 -70.73 -61.16 -46.33
C ILE G 54 -71.26 -61.99 -47.49
N ALA G 55 -72.23 -62.85 -47.22
CA ALA G 55 -72.87 -63.63 -48.27
C ALA G 55 -73.54 -62.71 -49.31
N ARG G 56 -74.26 -61.70 -48.82
CA ARG G 56 -74.92 -60.74 -49.70
C ARG G 56 -73.93 -59.96 -50.53
N LEU G 57 -72.81 -59.59 -49.93
CA LEU G 57 -71.75 -58.86 -50.64
C LEU G 57 -71.12 -59.72 -51.73
N ASN G 58 -70.92 -60.99 -51.42
CA ASN G 58 -70.36 -61.92 -52.39
C ASN G 58 -71.27 -62.06 -53.60
N HIS G 59 -72.55 -62.31 -53.35
CA HIS G 59 -73.52 -62.46 -54.44
C HIS G 59 -73.59 -61.21 -55.29
N ALA G 60 -73.22 -60.08 -54.71
CA ALA G 60 -73.22 -58.82 -55.45
C ALA G 60 -71.91 -58.65 -56.20
N GLY G 61 -71.04 -59.65 -56.11
CA GLY G 61 -69.87 -59.69 -56.97
C GLY G 61 -68.65 -59.02 -56.38
N TYR G 62 -68.61 -58.90 -55.05
CA TYR G 62 -67.50 -58.21 -54.39
C TYR G 62 -66.48 -59.19 -53.85
N ARG G 63 -65.20 -58.85 -53.99
CA ARG G 63 -64.16 -59.60 -53.30
C ARG G 63 -64.05 -59.00 -51.90
N VAL G 64 -64.24 -59.82 -50.87
CA VAL G 64 -64.32 -59.32 -49.51
C VAL G 64 -63.07 -59.64 -48.68
N VAL G 65 -62.36 -58.58 -48.30
CA VAL G 65 -61.13 -58.70 -47.51
C VAL G 65 -61.35 -58.45 -46.00
N VAL G 66 -60.96 -59.42 -45.18
CA VAL G 66 -61.07 -59.25 -43.74
C VAL G 66 -59.69 -58.96 -43.16
N ALA G 67 -59.51 -57.73 -42.69
CA ALA G 67 -58.23 -57.24 -42.20
C ALA G 67 -58.16 -57.37 -40.68
N THR G 68 -57.22 -58.16 -40.20
CA THR G 68 -57.09 -58.39 -38.77
C THR G 68 -55.90 -57.65 -38.14
N ASN G 69 -56.22 -56.70 -37.27
CA ASN G 69 -55.19 -55.96 -36.53
C ASN G 69 -54.57 -56.86 -35.47
N GLN G 70 -53.34 -57.30 -35.72
CA GLN G 70 -52.65 -58.29 -34.89
C GLN G 70 -52.30 -57.92 -33.45
N SER G 71 -52.29 -56.62 -33.14
CA SER G 71 -52.01 -56.21 -31.76
C SER G 71 -53.12 -56.62 -30.79
N GLY G 72 -54.15 -57.26 -31.32
CA GLY G 72 -55.27 -57.73 -30.51
C GLY G 72 -55.52 -59.24 -30.59
N ILE G 73 -54.45 -60.02 -30.69
CA ILE G 73 -54.57 -61.48 -30.62
C ILE G 73 -53.97 -61.71 -29.24
N GLY G 74 -54.84 -61.67 -28.23
CA GLY G 74 -54.42 -61.81 -26.85
C GLY G 74 -53.18 -61.03 -26.47
N ARG G 75 -53.06 -59.84 -27.07
CA ARG G 75 -51.96 -58.91 -26.83
C ARG G 75 -50.63 -59.51 -27.30
N GLY G 76 -50.63 -60.03 -28.51
CA GLY G 76 -49.43 -60.52 -29.18
C GLY G 76 -48.76 -61.76 -28.62
N LEU G 77 -49.50 -62.63 -27.93
CA LEU G 77 -48.93 -63.88 -27.44
C LEU G 77 -49.55 -65.13 -28.10
N PHE G 78 -48.87 -65.71 -29.09
CA PHE G 78 -49.43 -66.88 -29.77
C PHE G 78 -48.41 -67.70 -30.56
N ASP G 79 -48.60 -69.00 -30.59
CA ASP G 79 -47.87 -69.85 -31.53
C ASP G 79 -48.72 -69.93 -32.81
N MET G 80 -48.27 -70.75 -33.77
CA MET G 80 -48.97 -70.87 -35.04
C MET G 80 -50.29 -71.64 -34.98
N ALA G 81 -50.38 -72.60 -34.07
CA ALA G 81 -51.59 -73.40 -33.92
C ALA G 81 -52.81 -72.51 -33.65
N THR G 82 -52.63 -71.55 -32.76
CA THR G 82 -53.69 -70.59 -32.42
C THR G 82 -54.12 -69.75 -33.64
N LEU G 83 -53.16 -69.36 -34.47
CA LEU G 83 -53.44 -68.59 -35.68
C LEU G 83 -54.24 -69.41 -36.68
N ASN G 84 -53.86 -70.67 -36.83
CA ASN G 84 -54.54 -71.58 -37.74
C ASN G 84 -55.98 -71.77 -37.29
N ALA G 85 -56.16 -71.97 -35.99
CA ALA G 85 -57.49 -72.13 -35.41
C ALA G 85 -58.40 -70.92 -35.68
N MET G 86 -57.84 -69.71 -35.53
CA MET G 86 -58.63 -68.49 -35.75
C MET G 86 -59.02 -68.33 -37.21
N HIS G 87 -58.09 -68.63 -38.11
CA HIS G 87 -58.34 -68.52 -39.55
C HIS G 87 -59.34 -69.57 -39.99
N LEU G 88 -59.28 -70.74 -39.35
CA LEU G 88 -60.16 -71.84 -39.66
C LEU G 88 -61.55 -71.59 -39.10
N LYS G 89 -61.61 -71.06 -37.88
CA LYS G 89 -62.87 -70.67 -37.25
C LYS G 89 -63.62 -69.67 -38.14
N MET G 90 -62.88 -68.68 -38.63
CA MET G 90 -63.39 -67.66 -39.56
C MET G 90 -63.88 -68.22 -40.90
N HIS G 91 -63.08 -69.11 -41.47
CA HIS G 91 -63.35 -69.61 -42.82
C HIS G 91 -64.62 -70.43 -42.76
N ARG G 92 -64.82 -71.12 -41.65
CA ARG G 92 -65.97 -72.00 -41.49
C ARG G 92 -67.22 -71.17 -41.32
N ALA G 93 -67.07 -70.01 -40.68
CA ALA G 93 -68.17 -69.07 -40.49
C ALA G 93 -68.66 -68.51 -41.82
N ALA G 94 -67.72 -68.06 -42.65
CA ALA G 94 -68.04 -67.54 -43.97
C ALA G 94 -68.67 -68.65 -44.83
N ALA G 95 -68.03 -69.81 -44.82
CA ALA G 95 -68.49 -70.94 -45.61
C ALA G 95 -69.86 -71.42 -45.18
N ALA G 96 -70.17 -71.23 -43.89
CA ALA G 96 -71.43 -71.69 -43.30
C ALA G 96 -72.67 -71.15 -44.01
N VAL G 97 -72.56 -69.96 -44.58
CA VAL G 97 -73.67 -69.35 -45.29
C VAL G 97 -73.35 -69.17 -46.77
N GLY G 98 -72.28 -69.82 -47.22
CA GLY G 98 -71.91 -69.80 -48.61
C GLY G 98 -71.14 -68.53 -48.96
N GLY G 99 -70.39 -68.02 -47.99
CA GLY G 99 -69.65 -66.79 -48.19
C GLY G 99 -68.17 -67.06 -48.37
N ARG G 100 -67.47 -66.07 -48.91
CA ARG G 100 -66.03 -66.14 -49.13
C ARG G 100 -65.30 -64.87 -48.73
N ILE G 101 -64.23 -65.02 -47.95
CA ILE G 101 -63.40 -63.87 -47.60
C ILE G 101 -61.93 -64.08 -47.95
N ASP G 102 -61.20 -62.98 -48.07
CA ASP G 102 -59.76 -63.02 -48.20
C ASP G 102 -59.15 -62.46 -46.92
N ALA G 103 -58.69 -63.36 -46.06
CA ALA G 103 -58.19 -62.98 -44.74
C ALA G 103 -56.72 -62.57 -44.79
N VAL G 104 -56.46 -61.32 -44.41
CA VAL G 104 -55.11 -60.80 -44.33
C VAL G 104 -54.77 -60.38 -42.91
N PHE G 105 -53.49 -60.40 -42.58
CA PHE G 105 -53.05 -60.17 -41.21
C PHE G 105 -51.98 -59.07 -41.18
N PHE G 106 -52.16 -58.12 -40.28
CA PHE G 106 -51.34 -56.91 -40.29
C PHE G 106 -50.53 -56.67 -39.03
N CYS G 107 -49.29 -56.22 -39.24
CA CYS G 107 -48.44 -55.75 -38.15
C CYS G 107 -47.62 -54.54 -38.59
N MET G 124 -51.48 -50.45 -43.04
CA MET G 124 -52.43 -51.44 -43.51
C MET G 124 -53.05 -51.06 -44.84
N MET G 125 -53.95 -50.08 -44.80
CA MET G 125 -54.63 -49.58 -46.00
C MET G 125 -53.62 -49.14 -47.06
N LYS G 126 -52.48 -48.64 -46.58
CA LYS G 126 -51.39 -48.20 -47.43
C LYS G 126 -50.93 -49.37 -48.29
N LEU G 127 -51.11 -50.56 -47.73
CA LEU G 127 -50.62 -51.80 -48.32
C LEU G 127 -51.71 -52.66 -48.94
N ILE G 128 -52.92 -52.57 -48.41
CA ILE G 128 -54.04 -53.40 -48.86
C ILE G 128 -54.36 -53.12 -50.33
N ALA G 129 -54.29 -51.85 -50.69
CA ALA G 129 -54.51 -51.40 -52.06
C ALA G 129 -53.46 -51.94 -53.03
N GLU G 130 -52.41 -52.56 -52.48
CA GLU G 130 -51.29 -53.01 -53.30
C GLU G 130 -51.41 -54.50 -53.65
N ARG G 131 -51.79 -55.32 -52.68
CA ARG G 131 -52.05 -56.73 -52.96
C ARG G 131 -53.28 -56.94 -53.83
N PHE G 132 -54.23 -56.03 -53.69
CA PHE G 132 -55.46 -56.09 -54.48
C PHE G 132 -55.52 -55.03 -55.56
N GLU G 133 -56.40 -55.27 -56.52
CA GLU G 133 -56.42 -54.53 -57.76
C GLU G 133 -57.62 -53.63 -57.59
N ILE G 134 -57.35 -52.39 -57.20
CA ILE G 134 -58.43 -51.46 -56.92
C ILE G 134 -57.97 -50.01 -57.02
N ASP G 135 -58.85 -49.19 -57.55
CA ASP G 135 -58.78 -47.75 -57.37
C ASP G 135 -59.48 -47.67 -56.04
N PRO G 136 -58.85 -47.06 -55.01
CA PRO G 136 -59.44 -47.02 -53.67
C PRO G 136 -60.92 -46.67 -53.67
N ALA G 137 -61.38 -45.93 -54.67
CA ALA G 137 -62.79 -45.61 -54.80
C ALA G 137 -63.63 -46.84 -55.14
N ASP G 138 -62.99 -47.95 -55.54
CA ASP G 138 -63.73 -49.17 -55.86
C ASP G 138 -63.92 -49.96 -54.58
N THR G 139 -63.57 -49.34 -53.45
CA THR G 139 -63.62 -50.05 -52.18
C THR G 139 -64.03 -49.19 -50.98
N PRO G 140 -65.07 -49.63 -50.26
CA PRO G 140 -65.42 -49.08 -48.96
C PRO G 140 -64.52 -49.69 -47.89
N VAL G 141 -64.11 -48.92 -46.89
CA VAL G 141 -63.49 -49.55 -45.73
C VAL G 141 -64.45 -49.44 -44.55
N VAL G 142 -64.66 -50.55 -43.86
CA VAL G 142 -65.66 -50.60 -42.80
C VAL G 142 -64.98 -50.99 -41.49
N GLY G 143 -65.22 -50.22 -40.44
CA GLY G 143 -64.57 -50.45 -39.17
C GLY G 143 -65.35 -49.88 -38.00
N ASP G 144 -64.78 -50.04 -36.81
CA ASP G 144 -65.40 -49.54 -35.59
C ASP G 144 -64.51 -48.53 -34.86
N SER G 145 -63.40 -48.16 -35.49
CA SER G 145 -62.40 -47.30 -34.84
C SER G 145 -62.01 -46.10 -35.69
N LEU G 146 -61.56 -45.05 -35.01
CA LEU G 146 -61.14 -43.82 -35.67
C LEU G 146 -59.90 -44.04 -36.53
N ARG G 147 -58.94 -44.75 -35.97
CA ARG G 147 -57.64 -45.02 -36.60
C ARG G 147 -57.68 -45.45 -38.06
N ASP G 148 -58.45 -46.50 -38.34
CA ASP G 148 -58.48 -47.12 -39.67
C ASP G 148 -59.21 -46.31 -40.72
N LEU G 149 -60.38 -45.80 -40.36
CA LEU G 149 -61.24 -45.11 -41.33
C LEU G 149 -60.58 -43.81 -41.78
N GLN G 150 -59.91 -43.14 -40.86
CA GLN G 150 -59.23 -41.90 -41.19
C GLN G 150 -57.98 -42.18 -42.04
N ALA G 151 -57.29 -43.28 -41.76
CA ALA G 151 -56.15 -43.71 -42.56
C ALA G 151 -56.56 -44.07 -43.98
N GLY G 152 -57.63 -44.85 -44.10
CA GLY G 152 -58.12 -45.27 -45.40
C GLY G 152 -58.64 -44.11 -46.22
N ALA G 153 -59.41 -43.23 -45.58
CA ALA G 153 -60.04 -42.11 -46.27
C ALA G 153 -59.01 -41.14 -46.85
N ALA G 154 -57.87 -40.99 -46.18
CA ALA G 154 -56.82 -40.09 -46.64
C ALA G 154 -56.23 -40.55 -47.97
N LEU G 155 -56.40 -41.83 -48.28
CA LEU G 155 -55.87 -42.40 -49.51
C LEU G 155 -56.99 -42.50 -50.54
N GLY G 156 -58.20 -42.15 -50.11
CA GLY G 156 -59.35 -42.12 -51.00
C GLY G 156 -60.42 -43.15 -50.71
N PHE G 157 -60.13 -44.07 -49.80
CA PHE G 157 -61.08 -45.10 -49.41
C PHE G 157 -62.37 -44.48 -48.88
N ARG G 158 -63.49 -45.15 -49.08
CA ARG G 158 -64.79 -44.67 -48.62
C ARG G 158 -65.10 -45.15 -47.21
N PRO G 159 -65.04 -44.23 -46.23
CA PRO G 159 -65.13 -44.63 -44.82
C PRO G 159 -66.54 -44.97 -44.35
N HIS G 160 -66.67 -46.14 -43.74
CA HIS G 160 -67.93 -46.55 -43.12
C HIS G 160 -67.68 -46.97 -41.69
N LEU G 161 -68.53 -46.51 -40.79
CA LEU G 161 -68.42 -46.88 -39.39
C LEU G 161 -69.57 -47.80 -39.02
N VAL G 162 -69.27 -48.91 -38.35
CA VAL G 162 -70.33 -49.74 -37.81
C VAL G 162 -70.35 -49.53 -36.29
N LEU G 163 -71.57 -49.43 -35.76
CA LEU G 163 -71.75 -49.04 -34.37
C LEU G 163 -71.69 -50.23 -33.43
N THR G 164 -71.39 -51.40 -33.97
CA THR G 164 -71.16 -52.58 -33.15
C THR G 164 -69.80 -52.48 -32.47
N GLY G 165 -69.62 -53.22 -31.38
CA GLY G 165 -68.38 -53.17 -30.62
C GLY G 165 -68.03 -51.77 -30.17
N LYS G 166 -66.86 -51.30 -30.59
CA LYS G 166 -66.40 -49.97 -30.23
C LYS G 166 -67.16 -48.87 -30.96
N GLY G 167 -68.03 -49.28 -31.88
CA GLY G 167 -68.73 -48.36 -32.75
C GLY G 167 -69.46 -47.17 -32.14
N LYS G 168 -70.21 -47.41 -31.08
CA LYS G 168 -70.96 -46.35 -30.42
C LYS G 168 -70.03 -45.36 -29.73
N LYS G 169 -68.96 -45.89 -29.14
CA LYS G 169 -67.95 -45.09 -28.46
C LYS G 169 -67.17 -44.19 -29.41
N THR G 170 -66.80 -44.73 -30.57
CA THR G 170 -66.03 -43.98 -31.56
C THR G 170 -66.78 -42.75 -32.06
N LEU G 171 -68.06 -42.93 -32.36
CA LEU G 171 -68.91 -41.84 -32.84
C LEU G 171 -68.93 -40.64 -31.89
N ALA G 172 -69.12 -40.92 -30.59
CA ALA G 172 -69.18 -39.87 -29.57
C ALA G 172 -67.86 -39.11 -29.43
N ALA G 173 -66.74 -39.81 -29.61
CA ALA G 173 -65.42 -39.19 -29.48
C ALA G 173 -65.20 -38.18 -30.61
N GLY G 174 -65.91 -38.38 -31.72
CA GLY G 174 -65.84 -37.50 -32.87
C GLY G 174 -64.50 -37.42 -33.58
N GLY G 175 -64.40 -36.50 -34.53
CA GLY G 175 -63.18 -36.33 -35.30
C GLY G 175 -63.15 -37.19 -36.55
N LEU G 176 -64.32 -37.61 -37.02
CA LEU G 176 -64.39 -38.49 -38.18
C LEU G 176 -64.37 -37.68 -39.47
N PRO G 177 -63.82 -38.26 -40.55
CA PRO G 177 -63.80 -37.62 -41.88
C PRO G 177 -65.17 -37.08 -42.29
N GLU G 178 -65.16 -36.08 -43.16
CA GLU G 178 -66.37 -35.33 -43.47
C GLU G 178 -67.45 -36.21 -44.10
N GLY G 179 -67.04 -37.12 -44.99
CA GLY G 179 -68.01 -37.92 -45.72
C GLY G 179 -68.16 -39.33 -45.22
N THR G 180 -67.99 -39.50 -43.91
CA THR G 180 -68.07 -40.80 -43.25
C THR G 180 -69.53 -41.21 -43.14
N ARG G 181 -69.86 -42.40 -43.64
CA ARG G 181 -71.23 -42.89 -43.55
C ARG G 181 -71.33 -43.83 -42.34
N VAL G 182 -72.44 -43.81 -41.63
CA VAL G 182 -72.54 -44.56 -40.37
C VAL G 182 -73.69 -45.56 -40.38
N HIS G 183 -73.42 -46.80 -39.97
CA HIS G 183 -74.41 -47.86 -39.98
C HIS G 183 -74.44 -48.62 -38.65
N ASP G 184 -75.64 -49.09 -38.28
CA ASP G 184 -75.84 -49.83 -37.04
C ASP G 184 -74.91 -51.03 -36.92
N ASP G 185 -74.78 -51.78 -38.00
CA ASP G 185 -73.88 -52.93 -38.04
C ASP G 185 -73.51 -53.27 -39.48
N LEU G 186 -72.78 -54.35 -39.67
CA LEU G 186 -72.34 -54.72 -41.00
C LEU G 186 -73.52 -55.18 -41.86
N ARG G 187 -74.46 -55.88 -41.24
CA ARG G 187 -75.71 -56.26 -41.90
C ARG G 187 -76.45 -55.03 -42.43
N ALA G 188 -76.46 -53.97 -41.64
CA ALA G 188 -77.11 -52.73 -42.06
C ALA G 188 -76.28 -52.06 -43.14
N PHE G 189 -74.96 -52.09 -42.96
CA PHE G 189 -74.03 -51.55 -43.95
C PHE G 189 -74.29 -52.19 -45.32
N ALA G 190 -74.36 -53.52 -45.33
CA ALA G 190 -74.53 -54.25 -46.57
C ALA G 190 -75.80 -53.86 -47.32
N LEU G 191 -76.90 -53.71 -46.59
CA LEU G 191 -78.17 -53.34 -47.21
C LEU G 191 -78.09 -51.96 -47.86
N ASP G 192 -77.57 -50.99 -47.13
CA ASP G 192 -77.43 -49.64 -47.65
C ASP G 192 -76.44 -49.57 -48.81
N PHE G 193 -75.30 -50.22 -48.63
CA PHE G 193 -74.22 -50.21 -49.62
C PHE G 193 -74.60 -50.79 -50.99
N LEU G 194 -75.40 -51.86 -50.99
CA LEU G 194 -75.77 -52.50 -52.25
C LEU G 194 -76.93 -51.76 -52.90
N SER G 195 -76.65 -50.56 -53.41
CA SER G 195 -77.65 -49.74 -54.07
C SER G 195 -77.13 -49.09 -55.35
N LYS G 196 -75.83 -48.86 -55.42
CA LYS G 196 -75.22 -48.24 -56.60
C LYS G 196 -73.72 -48.50 -56.64
N LYS H 19 27.46 36.89 0.69
CA LYS H 19 27.34 36.30 2.02
C LYS H 19 26.94 37.31 3.09
N LYS H 20 25.69 37.24 3.54
CA LYS H 20 25.22 38.18 4.56
C LYS H 20 25.64 37.69 5.92
N LEU H 21 25.74 38.60 6.89
CA LEU H 21 26.29 38.21 8.17
C LEU H 21 25.64 38.91 9.36
N VAL H 22 25.77 38.27 10.53
CA VAL H 22 25.27 38.78 11.79
C VAL H 22 26.26 38.43 12.91
N VAL H 23 26.78 39.45 13.60
CA VAL H 23 27.73 39.21 14.68
C VAL H 23 27.06 39.24 16.05
N LEU H 24 27.20 38.16 16.81
CA LEU H 24 26.63 38.09 18.16
C LEU H 24 27.68 37.98 19.25
N ASP H 25 27.52 38.77 20.31
CA ASP H 25 28.21 38.54 21.56
C ASP H 25 27.64 37.29 22.21
N ARG H 26 28.44 36.57 22.97
CA ARG H 26 27.94 35.36 23.61
C ARG H 26 27.22 35.62 24.94
N ASP H 27 27.93 36.19 25.91
CA ASP H 27 27.39 36.37 27.26
C ASP H 27 26.23 37.36 27.30
N GLY H 28 25.14 36.95 27.93
CA GLY H 28 23.97 37.79 28.10
C GLY H 28 23.23 38.01 26.80
N VAL H 29 23.73 37.40 25.73
CA VAL H 29 23.09 37.53 24.42
C VAL H 29 22.55 36.17 23.96
N ILE H 30 23.37 35.14 24.06
CA ILE H 30 22.96 33.79 23.64
C ILE H 30 22.75 32.88 24.84
N ASN H 31 23.65 32.95 25.82
CA ASN H 31 23.56 32.13 27.03
C ASN H 31 23.36 33.02 28.24
N VAL H 32 23.11 32.42 29.39
CA VAL H 32 22.90 33.17 30.62
C VAL H 32 24.19 33.83 31.12
N SER H 40 35.41 22.89 35.78
CA SER H 40 35.15 23.38 34.43
C SER H 40 33.68 23.75 34.26
N PRO H 41 33.41 24.93 33.70
CA PRO H 41 32.04 25.42 33.51
C PRO H 41 31.49 24.31 32.62
N ASP H 42 30.58 23.52 33.10
CA ASP H 42 30.03 22.40 32.38
C ASP H 42 28.52 22.69 32.46
N GLU H 43 28.11 23.45 33.46
CA GLU H 43 26.71 23.82 33.61
C GLU H 43 26.30 24.93 32.65
N TRP H 44 26.50 24.67 31.36
CA TRP H 44 26.29 25.67 30.32
C TRP H 44 24.85 25.59 29.76
N VAL H 45 24.14 26.72 29.74
CA VAL H 45 22.73 26.73 29.37
C VAL H 45 22.35 27.93 28.49
N ALA H 46 21.74 27.65 27.34
CA ALA H 46 21.32 28.68 26.39
C ALA H 46 19.90 29.17 26.60
N LEU H 47 19.65 30.43 26.26
CA LEU H 47 18.28 30.95 26.19
C LEU H 47 17.54 30.38 24.99
N PRO H 48 16.34 29.84 25.24
CA PRO H 48 15.51 29.20 24.21
C PRO H 48 15.11 30.16 23.08
N GLY H 49 14.89 31.42 23.42
CA GLY H 49 14.57 32.44 22.44
C GLY H 49 15.75 32.73 21.52
N SER H 50 16.95 32.52 22.05
CA SER H 50 18.17 32.75 21.29
C SER H 50 18.46 31.64 20.28
N LEU H 51 18.08 30.41 20.61
CA LEU H 51 18.21 29.30 19.66
C LEU H 51 17.25 29.49 18.48
N GLU H 52 16.02 29.86 18.79
CA GLU H 52 15.05 30.23 17.78
C GLU H 52 15.57 31.37 16.92
N ALA H 53 16.14 32.37 17.58
CA ALA H 53 16.67 33.55 16.91
C ALA H 53 17.69 33.18 15.85
N ILE H 54 18.63 32.31 16.23
CA ILE H 54 19.70 31.89 15.32
C ILE H 54 19.13 31.10 14.14
N ALA H 55 18.20 30.19 14.43
CA ALA H 55 17.56 29.38 13.39
C ALA H 55 16.81 30.23 12.35
N ARG H 56 16.06 31.22 12.82
CA ARG H 56 15.35 32.12 11.91
C ARG H 56 16.36 32.87 11.04
N LEU H 57 17.48 33.25 11.66
CA LEU H 57 18.54 33.95 10.95
C LEU H 57 19.20 33.07 9.89
N ASN H 58 19.37 31.79 10.21
CA ASN H 58 19.95 30.86 9.26
C ASN H 58 19.07 30.70 8.04
N HIS H 59 17.78 30.43 8.26
CA HIS H 59 16.87 30.22 7.15
C HIS H 59 16.77 31.46 6.27
N ALA H 60 17.05 32.62 6.84
CA ALA H 60 17.03 33.86 6.05
C ALA H 60 18.36 34.10 5.36
N GLY H 61 19.30 33.17 5.51
CA GLY H 61 20.52 33.19 4.72
C GLY H 61 21.71 33.91 5.34
N TYR H 62 21.70 34.06 6.66
CA TYR H 62 22.77 34.78 7.34
C TYR H 62 23.82 33.87 7.96
N ARG H 63 25.07 34.28 7.88
CA ARG H 63 26.12 33.62 8.64
C ARG H 63 26.11 34.21 10.05
N VAL H 64 25.95 33.36 11.06
CA VAL H 64 25.84 33.85 12.42
C VAL H 64 27.14 33.60 13.15
N VAL H 65 27.87 34.68 13.42
CA VAL H 65 29.16 34.63 14.08
C VAL H 65 29.00 34.91 15.57
N VAL H 66 29.46 33.97 16.39
CA VAL H 66 29.37 34.11 17.83
C VAL H 66 30.72 34.48 18.43
N ALA H 67 30.81 35.69 18.94
CA ALA H 67 32.05 36.22 19.44
C ALA H 67 32.18 36.01 20.95
N THR H 68 33.14 35.18 21.34
CA THR H 68 33.40 34.90 22.74
C THR H 68 34.68 35.56 23.28
N ASN H 69 34.52 36.51 24.19
CA ASN H 69 35.65 37.15 24.85
C ASN H 69 36.34 36.20 25.81
N GLN H 70 37.56 35.79 25.47
CA GLN H 70 38.30 34.81 26.27
C GLN H 70 38.57 35.36 27.66
N SER H 71 38.36 36.67 27.81
CA SER H 71 38.46 37.32 29.11
C SER H 71 37.37 36.82 30.06
N GLY H 72 36.51 35.93 29.56
CA GLY H 72 35.46 35.34 30.36
C GLY H 72 35.53 33.85 30.66
N ILE H 73 36.63 33.20 30.30
CA ILE H 73 36.85 31.81 30.63
C ILE H 73 37.45 31.53 32.01
N GLY H 74 36.67 31.80 33.05
CA GLY H 74 37.19 31.73 34.41
C GLY H 74 38.58 32.31 34.61
N ARG H 75 38.80 33.49 34.03
CA ARG H 75 40.09 34.19 34.13
C ARG H 75 41.29 33.34 33.70
N GLY H 76 41.24 32.81 32.48
CA GLY H 76 42.36 32.09 31.89
C GLY H 76 42.81 30.78 32.52
N LEU H 77 41.90 30.09 33.20
CA LEU H 77 42.26 28.79 33.75
C LEU H 77 41.54 27.70 32.96
N PHE H 78 42.24 27.14 31.98
CA PHE H 78 41.65 26.09 31.15
C PHE H 78 42.68 25.31 30.35
N ASP H 79 42.46 24.01 30.25
CA ASP H 79 43.17 23.16 29.31
C ASP H 79 42.36 23.09 28.01
N MET H 80 42.76 22.24 27.09
CA MET H 80 42.04 22.10 25.82
C MET H 80 40.70 21.42 26.06
N ALA H 81 40.65 20.56 27.07
CA ALA H 81 39.43 19.85 27.44
C ALA H 81 38.30 20.83 27.80
N THR H 82 38.61 21.82 28.64
CA THR H 82 37.62 22.81 29.04
C THR H 82 37.10 23.60 27.84
N LEU H 83 38.00 23.93 26.93
CA LEU H 83 37.66 24.69 25.74
C LEU H 83 36.77 23.91 24.79
N ASN H 84 37.08 22.62 24.61
CA ASN H 84 36.30 21.75 23.73
C ASN H 84 34.88 21.53 24.21
N ALA H 85 34.74 21.33 25.52
CA ALA H 85 33.43 21.13 26.13
C ALA H 85 32.47 22.28 25.84
N MET H 86 32.97 23.51 25.90
CA MET H 86 32.16 24.68 25.66
C MET H 86 31.73 24.83 24.20
N HIS H 87 32.64 24.57 23.28
CA HIS H 87 32.31 24.70 21.86
C HIS H 87 31.30 23.63 21.47
N LEU H 88 31.41 22.47 22.10
CA LEU H 88 30.52 21.36 21.83
C LEU H 88 29.14 21.62 22.44
N LYS H 89 29.12 22.13 23.66
CA LYS H 89 27.88 22.53 24.31
C LYS H 89 27.15 23.58 23.47
N MET H 90 27.88 24.60 23.03
CA MET H 90 27.30 25.63 22.16
C MET H 90 26.81 25.06 20.84
N HIS H 91 27.62 24.18 20.26
CA HIS H 91 27.37 23.64 18.92
C HIS H 91 26.14 22.76 18.91
N ARG H 92 25.97 22.00 19.98
CA ARG H 92 24.86 21.07 20.06
C ARG H 92 23.59 21.85 20.31
N ALA H 93 23.72 22.99 20.97
CA ALA H 93 22.58 23.89 21.18
C ALA H 93 22.05 24.42 19.85
N ALA H 94 22.96 24.94 19.01
CA ALA H 94 22.59 25.43 17.69
C ALA H 94 22.02 24.29 16.85
N ALA H 95 22.73 23.16 16.85
CA ALA H 95 22.31 21.98 16.11
C ALA H 95 20.97 21.43 16.60
N ALA H 96 20.68 21.64 17.89
CA ALA H 96 19.47 21.12 18.51
C ALA H 96 18.18 21.56 17.81
N VAL H 97 18.21 22.74 17.18
CA VAL H 97 17.05 23.25 16.46
C VAL H 97 17.36 23.40 14.97
N GLY H 98 18.49 22.86 14.55
CA GLY H 98 18.88 22.85 13.15
C GLY H 98 19.51 24.15 12.68
N GLY H 99 20.17 24.84 13.61
CA GLY H 99 20.83 26.10 13.31
C GLY H 99 22.33 25.88 13.30
N ARG H 100 23.06 26.83 12.72
CA ARG H 100 24.51 26.75 12.68
C ARG H 100 25.16 28.08 13.05
N ILE H 101 26.18 28.02 13.89
CA ILE H 101 26.90 29.22 14.27
C ILE H 101 28.34 29.10 13.77
N ASP H 102 28.99 30.25 13.63
CA ASP H 102 30.38 30.32 13.27
C ASP H 102 31.14 30.81 14.49
N ALA H 103 31.80 29.90 15.19
CA ALA H 103 32.40 30.20 16.48
C ALA H 103 33.79 30.82 16.41
N VAL H 104 33.90 32.03 16.96
CA VAL H 104 35.17 32.71 17.08
C VAL H 104 35.48 33.03 18.54
N PHE H 105 36.75 33.11 18.88
CA PHE H 105 37.17 33.29 20.27
C PHE H 105 38.21 34.41 20.32
N PHE H 106 38.03 35.38 21.23
CA PHE H 106 38.85 36.59 21.21
C PHE H 106 39.66 36.80 22.49
N CYS H 107 40.91 37.24 22.33
CA CYS H 107 41.79 37.49 23.47
C CYS H 107 42.61 38.76 23.27
N MET H 124 38.49 43.22 18.31
CA MET H 124 37.66 42.11 17.86
C MET H 124 37.04 42.36 16.50
N MET H 125 36.07 43.27 16.51
CA MET H 125 35.30 43.64 15.32
C MET H 125 36.15 44.04 14.12
N LYS H 126 37.30 44.67 14.38
CA LYS H 126 38.21 45.06 13.30
C LYS H 126 38.67 43.85 12.52
N LEU H 127 38.66 42.70 13.20
CA LEU H 127 39.20 41.48 12.63
C LEU H 127 38.06 40.59 12.14
N ILE H 128 36.91 40.67 12.80
CA ILE H 128 35.78 39.87 12.37
C ILE H 128 35.39 40.38 10.99
N ALA H 129 35.42 41.69 10.84
CA ALA H 129 35.14 42.33 9.54
C ALA H 129 36.25 41.99 8.54
N GLU H 130 37.36 41.48 9.04
CA GLU H 130 38.51 41.19 8.21
C GLU H 130 38.63 39.69 7.89
N ARG H 131 38.39 38.86 8.90
CA ARG H 131 38.39 37.40 8.68
C ARG H 131 37.27 36.97 7.75
N PHE H 132 36.16 37.69 7.81
CA PHE H 132 35.03 37.42 6.95
C PHE H 132 34.99 38.52 5.90
N GLU H 133 34.36 38.23 4.77
CA GLU H 133 34.40 39.14 3.63
C GLU H 133 32.96 39.63 3.58
N ILE H 134 32.75 40.75 4.27
CA ILE H 134 31.45 41.35 4.49
C ILE H 134 31.57 42.87 4.55
N ASP H 135 30.52 43.55 4.12
CA ASP H 135 30.41 44.98 4.33
C ASP H 135 29.85 45.28 5.72
N PRO H 136 30.65 45.93 6.58
CA PRO H 136 30.25 46.32 7.93
C PRO H 136 28.96 47.12 7.96
N ALA H 137 28.72 47.92 6.91
CA ALA H 137 27.53 48.75 6.82
C ALA H 137 26.28 47.89 6.64
N ASP H 138 26.51 46.64 6.26
CA ASP H 138 25.45 45.67 6.05
C ASP H 138 25.46 44.63 7.16
N THR H 139 26.14 44.93 8.26
CA THR H 139 26.32 43.94 9.31
C THR H 139 25.90 44.45 10.68
N PRO H 140 24.94 43.74 11.30
CA PRO H 140 24.57 44.00 12.70
C PRO H 140 25.53 43.36 13.69
N VAL H 141 25.84 44.09 14.76
CA VAL H 141 26.49 43.48 15.91
C VAL H 141 25.52 43.53 17.08
N VAL H 142 25.37 42.42 17.79
CA VAL H 142 24.39 42.36 18.87
C VAL H 142 25.04 42.02 20.20
N GLY H 143 24.75 42.83 21.21
CA GLY H 143 25.34 42.63 22.51
C GLY H 143 24.53 43.22 23.65
N ASP H 144 25.03 43.02 24.87
CA ASP H 144 24.36 43.54 26.06
C ASP H 144 25.27 44.51 26.82
N SER H 145 26.41 44.83 26.21
CA SER H 145 27.42 45.66 26.87
C SER H 145 27.87 46.83 26.01
N LEU H 146 28.31 47.90 26.65
CA LEU H 146 28.75 49.10 25.96
C LEU H 146 30.03 48.93 25.15
N ARG H 147 31.04 48.30 25.75
CA ARG H 147 32.37 48.16 25.14
C ARG H 147 32.33 47.74 23.66
N ASP H 148 31.56 46.70 23.37
CA ASP H 148 31.51 46.13 22.03
C ASP H 148 30.73 47.00 21.03
N LEU H 149 29.58 47.51 21.45
CA LEU H 149 28.70 48.23 20.53
C LEU H 149 29.29 49.56 20.05
N GLN H 150 29.99 50.26 20.93
CA GLN H 150 30.62 51.52 20.52
C GLN H 150 31.80 51.23 19.60
N ALA H 151 32.52 50.14 19.89
CA ALA H 151 33.63 49.70 19.05
C ALA H 151 33.20 49.34 17.63
N GLY H 152 32.13 48.55 17.51
CA GLY H 152 31.63 48.15 16.22
C GLY H 152 31.08 49.29 15.37
N ALA H 153 30.28 50.15 15.99
CA ALA H 153 29.61 51.23 15.28
C ALA H 153 30.59 52.25 14.70
N ALA H 154 31.73 52.43 15.36
CA ALA H 154 32.74 53.37 14.87
C ALA H 154 33.33 52.96 13.52
N LEU H 155 33.21 51.68 13.18
CA LEU H 155 33.75 51.17 11.93
C LEU H 155 32.65 51.02 10.90
N GLY H 156 31.42 51.31 11.33
CA GLY H 156 30.27 51.29 10.46
C GLY H 156 29.23 50.25 10.79
N PHE H 157 29.53 49.34 11.72
CA PHE H 157 28.57 48.33 12.14
C PHE H 157 27.30 49.00 12.66
N ARG H 158 26.16 48.39 12.40
CA ARG H 158 24.89 48.90 12.92
C ARG H 158 24.58 48.17 14.24
N PRO H 159 24.73 48.90 15.37
CA PRO H 159 24.69 48.35 16.72
C PRO H 159 23.28 48.03 17.24
N HIS H 160 23.13 46.83 17.79
CA HIS H 160 21.88 46.44 18.43
C HIS H 160 22.14 46.01 19.88
N LEU H 161 21.30 46.48 20.79
CA LEU H 161 21.42 46.11 22.20
C LEU H 161 20.28 45.21 22.65
N VAL H 162 20.63 44.12 23.35
CA VAL H 162 19.63 43.25 23.97
C VAL H 162 19.63 43.48 25.48
N LEU H 163 18.44 43.48 26.06
CA LEU H 163 18.27 43.85 27.47
C LEU H 163 18.47 42.67 28.44
N THR H 164 18.83 41.51 27.90
CA THR H 164 19.18 40.37 28.73
C THR H 164 20.56 40.57 29.35
N GLY H 165 20.85 39.87 30.45
CA GLY H 165 22.11 40.02 31.13
C GLY H 165 22.41 41.45 31.53
N LYS H 166 23.53 41.97 31.02
CA LYS H 166 23.96 43.34 31.29
C LYS H 166 23.10 44.36 30.54
N GLY H 167 22.22 43.86 29.70
CA GLY H 167 21.42 44.71 28.82
C GLY H 167 20.64 45.85 29.43
N LYS H 168 19.92 45.59 30.51
CA LYS H 168 19.13 46.61 31.17
C LYS H 168 20.04 47.64 31.84
N LYS H 169 21.14 47.15 32.40
CA LYS H 169 22.14 47.99 33.03
C LYS H 169 22.83 48.93 32.05
N THR H 170 23.22 48.41 30.89
CA THR H 170 23.90 49.19 29.87
C THR H 170 23.03 50.32 29.34
N LEU H 171 21.77 50.01 29.08
CA LEU H 171 20.82 51.00 28.58
C LEU H 171 20.71 52.24 29.47
N ALA H 172 20.55 52.02 30.77
CA ALA H 172 20.41 53.11 31.73
C ALA H 172 21.68 53.95 31.86
N ALA H 173 22.84 53.31 31.74
CA ALA H 173 24.12 54.00 31.87
C ALA H 173 24.36 54.95 30.70
N GLY H 174 23.74 54.66 29.56
CA GLY H 174 23.86 55.48 28.38
C GLY H 174 25.27 55.56 27.82
N GLY H 175 25.46 56.45 26.84
CA GLY H 175 26.74 56.62 26.19
C GLY H 175 26.84 55.73 24.96
N LEU H 176 25.69 55.30 24.48
CA LEU H 176 25.60 54.39 23.33
C LEU H 176 25.64 55.19 22.04
N PRO H 177 26.13 54.57 20.94
CA PRO H 177 26.17 55.18 19.62
C PRO H 177 24.83 55.77 19.17
N GLU H 178 24.89 56.70 18.22
CA GLU H 178 23.72 57.51 17.86
C GLU H 178 22.55 56.70 17.33
N GLY H 179 22.82 55.70 16.50
CA GLY H 179 21.75 54.95 15.87
C GLY H 179 21.47 53.56 16.42
N THR H 180 21.69 53.39 17.72
CA THR H 180 21.53 52.08 18.37
C THR H 180 20.07 51.70 18.60
N ARG H 181 19.68 50.51 18.13
CA ARG H 181 18.35 49.97 18.35
C ARG H 181 18.37 49.00 19.54
N VAL H 182 17.29 48.98 20.29
CA VAL H 182 17.25 48.23 21.55
C VAL H 182 16.15 47.16 21.54
N HIS H 183 16.50 45.95 21.98
CA HIS H 183 15.59 44.82 21.91
C HIS H 183 15.51 44.08 23.25
N ASP H 184 14.34 43.50 23.50
CA ASP H 184 14.11 42.72 24.72
C ASP H 184 15.14 41.60 24.84
N ASP H 185 15.35 40.90 23.73
CA ASP H 185 16.31 39.80 23.67
C ASP H 185 16.73 39.51 22.23
N LEU H 186 17.51 38.45 22.03
CA LEU H 186 17.97 38.09 20.70
C LEU H 186 16.81 37.62 19.83
N ARG H 187 15.87 36.92 20.44
CA ARG H 187 14.64 36.54 19.77
C ARG H 187 13.95 37.77 19.20
N ALA H 188 13.94 38.84 20.00
CA ALA H 188 13.33 40.09 19.56
C ALA H 188 14.15 40.72 18.46
N PHE H 189 15.47 40.71 18.61
CA PHE H 189 16.35 41.22 17.56
C PHE H 189 16.08 40.50 16.25
N ALA H 190 16.12 39.16 16.30
CA ALA H 190 15.96 38.36 15.11
C ALA H 190 14.63 38.63 14.44
N LEU H 191 13.58 38.72 15.25
CA LEU H 191 12.26 39.03 14.73
C LEU H 191 12.24 40.44 14.14
N ASP H 192 12.76 41.40 14.89
CA ASP H 192 12.80 42.79 14.42
C ASP H 192 13.72 42.98 13.22
N PHE H 193 14.93 42.43 13.32
CA PHE H 193 15.93 42.57 12.27
C PHE H 193 15.51 41.97 10.93
N LEU H 194 14.81 40.85 10.98
CA LEU H 194 14.39 40.18 9.77
C LEU H 194 13.16 40.86 9.18
N SER H 195 13.40 42.03 8.60
CA SER H 195 12.37 42.84 7.96
C SER H 195 12.91 43.28 6.61
N LYS H 196 14.24 43.39 6.53
CA LYS H 196 14.95 43.72 5.29
C LYS H 196 16.42 43.38 5.45
N LYS I 19 29.65 90.63 23.55
CA LYS I 19 30.08 90.18 24.86
C LYS I 19 28.91 89.88 25.80
N LYS I 20 28.72 88.59 26.09
CA LYS I 20 27.59 88.18 26.91
C LYS I 20 27.91 88.44 28.37
N LEU I 21 26.87 88.65 29.18
CA LEU I 21 27.03 89.07 30.56
C LEU I 21 25.68 89.15 31.26
N VAL I 22 25.70 89.05 32.59
CA VAL I 22 24.50 89.18 33.41
C VAL I 22 24.83 89.90 34.71
N VAL I 23 24.12 90.99 35.01
CA VAL I 23 24.38 91.74 36.24
C VAL I 23 23.41 91.34 37.34
N LEU I 24 23.96 90.89 38.46
CA LEU I 24 23.14 90.52 39.61
C LEU I 24 23.43 91.37 40.83
N ASP I 25 22.37 91.82 41.51
CA ASP I 25 22.50 92.35 42.85
C ASP I 25 22.83 91.18 43.77
N ARG I 26 23.57 91.44 44.84
CA ARG I 26 23.90 90.38 45.79
C ARG I 26 22.77 90.16 46.79
N ASP I 27 22.38 91.23 47.48
CA ASP I 27 21.40 91.14 48.56
C ASP I 27 20.01 90.75 48.07
N GLY I 28 19.42 89.74 48.72
CA GLY I 28 18.08 89.29 48.38
C GLY I 28 17.99 88.56 47.06
N VAL I 29 19.12 88.39 46.39
CA VAL I 29 19.16 87.69 45.11
C VAL I 29 19.93 86.38 45.24
N ILE I 30 21.08 86.43 45.90
CA ILE I 30 21.90 85.25 46.09
C ILE I 30 21.82 84.72 47.52
N ASN I 31 21.79 85.63 48.49
CA ASN I 31 21.80 85.21 49.88
C ASN I 31 20.49 85.48 50.63
N VAL I 32 20.39 84.89 51.81
CA VAL I 32 19.24 85.05 52.69
C VAL I 32 19.23 86.43 53.34
N SER I 40 26.09 90.34 60.84
CA SER I 40 27.51 90.09 60.68
C SER I 40 27.85 89.75 59.24
N PRO I 41 28.88 90.40 58.69
CA PRO I 41 29.27 90.19 57.29
C PRO I 41 29.75 88.76 57.02
N ASP I 42 30.06 88.02 58.08
CA ASP I 42 30.58 86.68 57.91
C ASP I 42 29.43 85.67 57.93
N GLU I 43 28.34 86.01 58.59
CA GLU I 43 27.19 85.12 58.65
C GLU I 43 26.36 85.24 57.38
N TRP I 44 27.03 85.10 56.25
CA TRP I 44 26.44 85.26 54.93
C TRP I 44 26.07 83.90 54.36
N VAL I 45 24.84 83.73 53.92
CA VAL I 45 24.36 82.43 53.50
C VAL I 45 23.54 82.53 52.22
N ALA I 46 23.94 81.75 51.23
CA ALA I 46 23.31 81.81 49.91
C ALA I 46 22.15 80.83 49.78
N LEU I 47 21.19 81.20 48.95
CA LEU I 47 20.13 80.31 48.52
C LEU I 47 20.68 79.25 47.58
N PRO I 48 20.39 77.97 47.86
CA PRO I 48 20.93 76.88 47.04
C PRO I 48 20.48 77.03 45.59
N GLY I 49 19.27 77.53 45.37
CA GLY I 49 18.78 77.78 44.03
C GLY I 49 19.56 78.90 43.36
N SER I 50 20.08 79.82 44.16
CA SER I 50 20.86 80.93 43.64
C SER I 50 22.27 80.46 43.26
N LEU I 51 22.79 79.50 44.02
CA LEU I 51 24.07 78.90 43.68
C LEU I 51 23.96 78.11 42.38
N GLU I 52 22.90 77.32 42.28
CA GLU I 52 22.57 76.58 41.07
C GLU I 52 22.43 77.47 39.84
N ALA I 53 21.65 78.53 39.98
CA ALA I 53 21.37 79.44 38.87
C ALA I 53 22.64 79.96 38.23
N ILE I 54 23.57 80.41 39.05
CA ILE I 54 24.80 81.02 38.56
C ILE I 54 25.64 80.03 37.75
N ALA I 55 25.80 78.81 38.27
CA ALA I 55 26.53 77.76 37.57
C ALA I 55 25.88 77.43 36.23
N ARG I 56 24.56 77.32 36.23
CA ARG I 56 23.82 77.04 35.01
C ARG I 56 24.08 78.16 34.00
N LEU I 57 24.16 79.38 34.52
CA LEU I 57 24.49 80.55 33.71
C LEU I 57 25.94 80.46 33.20
N ASN I 58 26.85 80.02 34.07
CA ASN I 58 28.25 79.86 33.70
C ASN I 58 28.48 78.78 32.63
N HIS I 59 27.94 77.60 32.89
CA HIS I 59 28.14 76.46 31.99
C HIS I 59 27.53 76.79 30.63
N ALA I 60 26.55 77.70 30.64
CA ALA I 60 25.92 78.17 29.41
C ALA I 60 26.69 79.34 28.84
N GLY I 61 27.81 79.68 29.49
CA GLY I 61 28.76 80.62 28.93
C GLY I 61 28.65 82.08 29.32
N TYR I 62 27.97 82.39 30.42
CA TYR I 62 27.85 83.77 30.85
C TYR I 62 28.80 84.13 31.97
N ARG I 63 29.39 85.31 31.88
CA ARG I 63 30.11 85.88 33.01
C ARG I 63 29.11 86.63 33.89
N VAL I 64 29.10 86.24 35.16
CA VAL I 64 28.12 86.74 36.12
C VAL I 64 28.70 87.77 37.08
N VAL I 65 28.18 88.99 37.00
CA VAL I 65 28.64 90.04 37.88
C VAL I 65 27.72 90.16 39.09
N VAL I 66 28.29 90.01 40.28
CA VAL I 66 27.50 90.11 41.49
C VAL I 66 27.78 91.45 42.14
N ALA I 67 26.76 92.30 42.12
CA ALA I 67 26.92 93.67 42.56
C ALA I 67 26.54 93.84 44.03
N THR I 68 27.52 94.22 44.83
CA THR I 68 27.29 94.48 46.24
C THR I 68 27.31 95.98 46.48
N ASN I 69 26.15 96.55 46.78
CA ASN I 69 26.09 97.97 47.10
C ASN I 69 26.64 98.11 48.51
N GLN I 70 27.84 98.63 48.63
CA GLN I 70 28.52 98.67 49.91
C GLN I 70 27.82 99.52 50.96
N SER I 71 26.94 100.42 50.52
CA SER I 71 26.15 101.25 51.42
C SER I 71 25.06 100.50 52.19
N GLY I 72 24.94 99.19 51.97
CA GLY I 72 23.95 98.41 52.69
C GLY I 72 24.56 97.29 53.51
N ILE I 73 25.76 97.53 54.03
CA ILE I 73 26.40 96.59 54.95
C ILE I 73 26.89 97.31 56.22
N GLY I 74 25.95 97.89 56.96
CA GLY I 74 26.24 98.59 58.20
C GLY I 74 26.99 99.91 58.14
N ARG I 75 26.83 100.63 57.03
CA ARG I 75 27.41 101.96 56.87
C ARG I 75 28.95 101.99 56.89
N GLY I 76 29.61 101.12 56.16
CA GLY I 76 31.06 101.22 56.02
C GLY I 76 31.94 101.07 57.26
N LEU I 77 31.51 100.29 58.25
CA LEU I 77 32.31 100.10 59.46
C LEU I 77 33.37 98.99 59.33
N PHE I 78 33.85 98.76 58.11
CA PHE I 78 34.80 97.69 57.86
C PHE I 78 36.21 98.06 57.39
N ASP I 79 37.18 97.31 57.89
CA ASP I 79 38.56 97.33 57.41
C ASP I 79 38.72 96.28 56.31
N MET I 80 39.96 96.02 55.90
CA MET I 80 40.25 95.09 54.82
C MET I 80 40.02 93.60 55.13
N ALA I 81 40.23 93.20 56.38
CA ALA I 81 40.07 91.79 56.75
C ALA I 81 38.64 91.28 56.53
N THR I 82 37.67 92.03 57.02
CA THR I 82 36.26 91.67 56.86
C THR I 82 35.81 91.62 55.40
N LEU I 83 36.28 92.59 54.61
CA LEU I 83 35.89 92.71 53.22
C LEU I 83 36.38 91.54 52.39
N ASN I 84 37.63 91.12 52.61
CA ASN I 84 38.17 89.96 51.90
C ASN I 84 37.40 88.71 52.32
N ALA I 85 37.15 88.59 53.62
CA ALA I 85 36.38 87.48 54.18
C ALA I 85 35.02 87.44 53.53
N MET I 86 34.46 88.63 53.32
CA MET I 86 33.15 88.80 52.72
C MET I 86 33.20 88.31 51.28
N HIS I 87 34.29 88.63 50.59
CA HIS I 87 34.51 88.22 49.21
C HIS I 87 34.82 86.73 49.08
N LEU I 88 35.50 86.19 50.09
CA LEU I 88 35.93 84.79 50.09
C LEU I 88 34.73 83.88 50.30
N LYS I 89 33.83 84.28 51.18
CA LYS I 89 32.58 83.57 51.38
C LYS I 89 31.81 83.45 50.06
N MET I 90 31.73 84.54 49.32
CA MET I 90 31.09 84.54 47.99
C MET I 90 31.80 83.58 47.04
N HIS I 91 33.14 83.59 47.06
CA HIS I 91 33.92 82.80 46.12
C HIS I 91 33.70 81.32 46.38
N ARG I 92 33.64 80.97 47.66
CA ARG I 92 33.55 79.58 48.06
C ARG I 92 32.15 79.02 47.85
N ALA I 93 31.15 79.88 47.98
CA ALA I 93 29.78 79.47 47.70
C ALA I 93 29.64 79.08 46.24
N ALA I 94 30.13 79.94 45.35
CA ALA I 94 30.11 79.69 43.92
C ALA I 94 30.91 78.44 43.56
N ALA I 95 32.12 78.34 44.10
CA ALA I 95 33.01 77.23 43.83
C ALA I 95 32.43 75.90 44.28
N ALA I 96 31.63 75.94 45.33
CA ALA I 96 31.01 74.74 45.89
C ALA I 96 30.20 73.97 44.85
N VAL I 97 29.66 74.69 43.89
CA VAL I 97 28.89 74.08 42.81
C VAL I 97 29.58 74.30 41.46
N GLY I 98 30.83 74.74 41.51
CA GLY I 98 31.62 74.87 40.30
C GLY I 98 31.35 76.15 39.54
N GLY I 99 31.04 77.22 40.27
CA GLY I 99 30.67 78.47 39.64
C GLY I 99 31.72 79.54 39.60
N ARG I 100 31.49 80.54 38.76
CA ARG I 100 32.38 81.68 38.61
C ARG I 100 31.57 82.96 38.62
N ILE I 101 31.95 83.89 39.48
CA ILE I 101 31.31 85.20 39.52
C ILE I 101 32.35 86.31 39.44
N ASP I 102 31.92 87.49 39.02
CA ASP I 102 32.76 88.67 39.10
C ASP I 102 32.17 89.59 40.14
N ALA I 103 32.76 89.59 41.33
CA ALA I 103 32.22 90.33 42.46
C ALA I 103 32.67 91.77 42.43
N VAL I 104 31.70 92.67 42.36
CA VAL I 104 31.99 94.10 42.39
C VAL I 104 31.35 94.75 43.60
N PHE I 105 31.95 95.86 44.02
CA PHE I 105 31.52 96.58 45.21
C PHE I 105 31.37 98.05 44.86
N PHE I 106 30.23 98.62 45.23
CA PHE I 106 29.89 99.95 44.79
C PHE I 106 29.69 100.91 45.95
N CYS I 107 30.15 102.14 45.79
CA CYS I 107 29.86 103.18 46.76
C CYS I 107 29.60 104.52 46.07
N MET I 124 26.04 103.63 39.44
CA MET I 124 26.47 102.23 39.52
C MET I 124 26.42 101.56 38.17
N MET I 125 25.22 101.30 37.67
CA MET I 125 25.04 100.70 36.35
C MET I 125 25.76 101.54 35.32
N LYS I 126 25.82 102.84 35.61
CA LYS I 126 26.49 103.83 34.79
C LYS I 126 27.96 103.46 34.64
N LEU I 127 28.45 102.75 35.65
CA LEU I 127 29.86 102.37 35.74
C LEU I 127 30.04 100.91 35.37
N ILE I 128 29.01 100.11 35.63
CA ILE I 128 29.07 98.68 35.38
C ILE I 128 29.27 98.45 33.89
N ALA I 129 28.58 99.26 33.09
CA ALA I 129 28.72 99.24 31.64
C ALA I 129 30.11 99.69 31.19
N GLU I 130 30.89 100.23 32.12
CA GLU I 130 32.22 100.78 31.84
C GLU I 130 33.38 99.84 32.14
N ARG I 131 33.34 99.17 33.29
CA ARG I 131 34.37 98.21 33.63
C ARG I 131 34.36 97.05 32.66
N PHE I 132 33.18 96.74 32.17
CA PHE I 132 32.98 95.68 31.20
C PHE I 132 32.55 96.26 29.85
N GLU I 133 32.72 95.48 28.79
CA GLU I 133 32.49 95.97 27.42
C GLU I 133 31.20 95.28 26.99
N ILE I 134 30.07 95.94 27.21
CA ILE I 134 28.76 95.36 26.94
C ILE I 134 27.78 96.44 26.50
N ASP I 135 26.87 96.05 25.60
CA ASP I 135 25.73 96.90 25.28
C ASP I 135 24.64 96.64 26.30
N PRO I 136 24.25 97.68 27.06
CA PRO I 136 23.22 97.57 28.09
C PRO I 136 21.93 96.95 27.55
N ALA I 137 21.63 97.19 26.28
CA ALA I 137 20.41 96.66 25.67
C ALA I 137 20.48 95.14 25.53
N ASP I 138 21.68 94.59 25.64
CA ASP I 138 21.87 93.15 25.52
C ASP I 138 22.20 92.52 26.86
N THR I 139 22.01 93.28 27.93
CA THR I 139 22.37 92.80 29.25
C THR I 139 21.22 92.98 30.22
N PRO I 140 20.80 91.88 30.86
CA PRO I 140 19.80 91.90 31.93
C PRO I 140 20.38 92.35 33.25
N VAL I 141 19.63 93.14 34.01
CA VAL I 141 19.98 93.41 35.40
C VAL I 141 18.95 92.80 36.33
N VAL I 142 19.43 92.09 37.35
CA VAL I 142 18.55 91.38 38.27
C VAL I 142 18.77 91.82 39.71
N GLY I 143 17.67 92.14 40.39
CA GLY I 143 17.69 92.64 41.75
C GLY I 143 16.35 92.33 42.39
N ASP I 144 16.18 92.75 43.64
CA ASP I 144 14.92 92.54 44.34
C ASP I 144 14.28 93.87 44.71
N SER I 145 14.88 94.95 44.24
CA SER I 145 14.46 96.29 44.63
C SER I 145 14.24 97.20 43.42
N LEU I 146 13.40 98.22 43.60
CA LEU I 146 13.10 99.17 42.54
C LEU I 146 14.30 100.03 42.15
N ARG I 147 14.95 100.59 43.16
CA ARG I 147 16.08 101.52 42.99
C ARG I 147 17.12 101.07 41.97
N ASP I 148 17.58 99.82 42.06
CA ASP I 148 18.61 99.32 41.15
C ASP I 148 18.06 99.04 39.75
N LEU I 149 16.86 98.45 39.68
CA LEU I 149 16.25 98.08 38.40
C LEU I 149 15.89 99.34 37.61
N GLN I 150 15.50 100.38 38.33
CA GLN I 150 15.17 101.66 37.73
C GLN I 150 16.41 102.32 37.17
N ALA I 151 17.52 102.18 37.89
CA ALA I 151 18.81 102.68 37.45
C ALA I 151 19.27 102.01 36.15
N GLY I 152 19.18 100.68 36.12
CA GLY I 152 19.60 99.93 34.96
C GLY I 152 18.78 100.22 33.72
N ALA I 153 17.46 100.27 33.88
CA ALA I 153 16.54 100.45 32.77
C ALA I 153 16.76 101.79 32.09
N ALA I 154 17.19 102.78 32.88
CA ALA I 154 17.51 104.10 32.36
C ALA I 154 18.70 104.05 31.41
N LEU I 155 19.47 102.97 31.49
CA LEU I 155 20.66 102.81 30.65
C LEU I 155 20.45 101.88 29.48
N GLY I 156 19.31 101.20 29.45
CA GLY I 156 18.99 100.30 28.37
C GLY I 156 19.00 98.86 28.85
N PHE I 157 19.45 98.67 30.08
CA PHE I 157 19.46 97.35 30.71
C PHE I 157 18.08 96.74 30.77
N ARG I 158 18.04 95.41 30.68
CA ARG I 158 16.80 94.65 30.77
C ARG I 158 16.52 94.26 32.22
N PRO I 159 15.55 94.93 32.86
CA PRO I 159 15.27 94.77 34.29
C PRO I 159 14.49 93.50 34.62
N HIS I 160 15.00 92.75 35.59
CA HIS I 160 14.30 91.57 36.08
C HIS I 160 14.12 91.62 37.59
N LEU I 161 12.92 91.28 38.06
CA LEU I 161 12.66 91.25 39.49
C LEU I 161 12.50 89.82 39.97
N VAL I 162 13.20 89.49 41.04
CA VAL I 162 13.00 88.21 41.71
C VAL I 162 12.26 88.47 43.01
N LEU I 163 11.32 87.60 43.33
CA LEU I 163 10.42 87.84 44.46
C LEU I 163 11.00 87.38 45.80
N THR I 164 12.24 86.91 45.79
CA THR I 164 12.90 86.58 47.03
C THR I 164 13.29 87.85 47.76
N GLY I 165 13.47 87.75 49.07
CA GLY I 165 13.80 88.91 49.88
C GLY I 165 12.80 90.03 49.72
N LYS I 166 13.29 91.19 49.30
CA LYS I 166 12.48 92.39 49.14
C LYS I 166 11.62 92.31 47.88
N GLY I 167 11.82 91.23 47.11
CA GLY I 167 11.14 91.07 45.84
C GLY I 167 9.63 91.22 45.97
N LYS I 168 9.09 90.59 47.01
CA LYS I 168 7.66 90.65 47.27
C LYS I 168 7.27 92.08 47.67
N LYS I 169 8.17 92.76 48.40
CA LYS I 169 7.96 94.16 48.76
C LYS I 169 7.96 95.04 47.53
N THR I 170 8.92 94.81 46.64
CA THR I 170 9.06 95.64 45.44
C THR I 170 7.86 95.50 44.49
N LEU I 171 7.45 94.27 44.23
CA LEU I 171 6.34 94.02 43.33
C LEU I 171 5.07 94.74 43.76
N ALA I 172 4.72 94.60 45.04
CA ALA I 172 3.50 95.20 45.59
C ALA I 172 3.57 96.72 45.54
N ALA I 173 4.75 97.26 45.74
CA ALA I 173 4.95 98.70 45.75
C ALA I 173 4.75 99.31 44.36
N GLY I 174 4.94 98.50 43.33
CA GLY I 174 4.79 98.94 41.95
C GLY I 174 5.79 100.03 41.57
N GLY I 175 5.60 100.61 40.39
CA GLY I 175 6.49 101.66 39.91
C GLY I 175 7.68 101.15 39.11
N LEU I 176 7.56 99.92 38.61
CA LEU I 176 8.64 99.28 37.86
C LEU I 176 8.59 99.66 36.39
N PRO I 177 9.75 99.67 35.71
CA PRO I 177 9.85 99.92 34.27
C PRO I 177 8.91 99.07 33.41
N GLU I 178 8.53 99.58 32.24
CA GLU I 178 7.48 99.00 31.43
C GLU I 178 7.63 97.51 31.11
N GLY I 179 8.86 97.10 30.78
CA GLY I 179 9.09 95.73 30.37
C GLY I 179 9.78 94.88 31.41
N THR I 180 9.48 95.15 32.68
CA THR I 180 10.12 94.45 33.78
C THR I 180 9.58 93.03 33.92
N ARG I 181 10.46 92.04 33.93
CA ARG I 181 10.05 90.66 34.11
C ARG I 181 10.23 90.20 35.55
N VAL I 182 9.32 89.35 36.02
CA VAL I 182 9.26 88.94 37.42
C VAL I 182 9.37 87.41 37.58
N HIS I 183 10.23 86.97 38.50
CA HIS I 183 10.50 85.54 38.71
C HIS I 183 10.42 85.15 40.18
N ASP I 184 10.02 83.91 40.44
CA ASP I 184 9.92 83.40 41.81
C ASP I 184 11.24 83.56 42.55
N ASP I 185 12.34 83.21 41.88
CA ASP I 185 13.67 83.38 42.44
C ASP I 185 14.73 83.40 41.33
N LEU I 186 15.99 83.45 41.74
CA LEU I 186 17.09 83.49 40.78
C LEU I 186 17.19 82.17 40.03
N ARG I 187 16.88 81.09 40.74
CA ARG I 187 16.80 79.75 40.15
C ARG I 187 15.81 79.79 38.99
N ALA I 188 14.70 80.50 39.18
CA ALA I 188 13.68 80.67 38.16
C ALA I 188 14.11 81.61 37.02
N PHE I 189 14.77 82.70 37.37
CA PHE I 189 15.29 83.67 36.39
C PHE I 189 16.14 83.02 35.31
N ALA I 190 17.09 82.20 35.73
CA ALA I 190 18.04 81.57 34.82
C ALA I 190 17.33 80.73 33.75
N LEU I 191 16.31 79.99 34.15
CA LEU I 191 15.58 79.14 33.21
C LEU I 191 14.87 79.92 32.10
N ASP I 192 14.15 80.98 32.46
CA ASP I 192 13.45 81.78 31.45
C ASP I 192 14.44 82.48 30.53
N PHE I 193 15.47 83.06 31.13
CA PHE I 193 16.47 83.81 30.39
C PHE I 193 17.14 82.89 29.36
N LEU I 194 17.34 81.64 29.73
CA LEU I 194 17.96 80.67 28.84
C LEU I 194 16.90 80.14 27.87
N SER I 195 16.52 80.99 26.92
CA SER I 195 15.50 80.65 25.93
C SER I 195 15.95 81.06 24.53
N LYS I 196 16.77 82.10 24.47
CA LYS I 196 17.24 82.63 23.19
C LYS I 196 18.46 83.53 23.36
N LYS J 19 18.80 62.40 69.55
CA LYS J 19 19.26 62.97 68.28
C LYS J 19 19.26 61.98 67.12
N LYS J 20 18.37 62.28 66.16
CA LYS J 20 18.11 61.46 65.00
C LYS J 20 19.24 61.66 64.00
N LEU J 21 19.41 60.70 63.11
CA LEU J 21 20.58 60.71 62.25
C LEU J 21 20.23 60.25 60.86
N VAL J 22 21.09 60.61 59.91
CA VAL J 22 20.98 60.18 58.53
C VAL J 22 22.36 59.85 58.00
N VAL J 23 22.58 58.58 57.64
CA VAL J 23 23.86 58.15 57.11
C VAL J 23 23.89 58.31 55.59
N LEU J 24 24.76 59.19 55.10
CA LEU J 24 24.84 59.48 53.68
C LEU J 24 26.14 59.03 53.05
N ASP J 25 26.04 58.41 51.88
CA ASP J 25 27.23 58.10 51.10
C ASP J 25 27.57 59.35 50.31
N ARG J 26 28.85 59.68 50.23
CA ARG J 26 29.24 60.91 49.57
C ARG J 26 29.14 60.74 48.05
N ASP J 27 29.82 59.71 47.54
CA ASP J 27 29.98 59.51 46.11
C ASP J 27 28.66 59.24 45.39
N GLY J 28 28.41 59.98 44.32
CA GLY J 28 27.22 59.79 43.50
C GLY J 28 25.94 60.20 44.20
N VAL J 29 26.07 60.68 45.42
CA VAL J 29 24.93 61.11 46.21
C VAL J 29 24.96 62.62 46.47
N ILE J 30 26.13 63.10 46.89
CA ILE J 30 26.30 64.50 47.24
C ILE J 30 27.12 65.29 46.23
N ASN J 31 28.17 64.69 45.68
CA ASN J 31 29.00 65.40 44.71
C ASN J 31 28.94 64.82 43.30
N VAL J 32 29.43 65.58 42.33
CA VAL J 32 29.45 65.13 40.94
C VAL J 32 30.55 64.08 40.75
N SER J 40 40.69 63.85 40.76
CA SER J 40 41.44 64.66 41.71
C SER J 40 40.50 65.45 42.62
N PRO J 41 40.74 65.40 43.94
CA PRO J 41 39.93 66.15 44.90
C PRO J 41 40.02 67.65 44.64
N ASP J 42 40.91 68.03 43.74
CA ASP J 42 41.17 69.41 43.41
C ASP J 42 39.87 70.10 43.05
N GLU J 43 39.25 69.54 42.03
CA GLU J 43 37.96 69.96 41.51
C GLU J 43 36.81 69.16 42.13
N TRP J 44 36.49 69.41 43.40
CA TRP J 44 35.45 68.63 44.08
C TRP J 44 34.24 69.56 44.13
N VAL J 45 33.11 69.08 43.61
CA VAL J 45 31.94 69.93 43.39
C VAL J 45 30.63 69.24 43.75
N ALA J 46 29.80 69.91 44.53
CA ALA J 46 28.52 69.35 44.98
C ALA J 46 27.35 69.71 44.04
N LEU J 47 26.37 68.82 43.99
CA LEU J 47 25.09 69.16 43.38
C LEU J 47 24.39 70.17 44.26
N PRO J 48 23.90 71.28 43.67
CA PRO J 48 23.26 72.34 44.43
C PRO J 48 22.04 71.85 45.20
N GLY J 49 21.33 70.88 44.64
CA GLY J 49 20.19 70.27 45.30
C GLY J 49 20.56 69.44 46.52
N SER J 50 21.77 68.91 46.54
CA SER J 50 22.23 68.11 47.67
C SER J 50 22.56 68.99 48.86
N LEU J 51 23.02 70.21 48.57
CA LEU J 51 23.31 71.19 49.60
C LEU J 51 22.03 71.66 50.29
N GLU J 52 21.01 71.96 49.49
CA GLU J 52 19.71 72.29 50.04
C GLU J 52 19.22 71.17 50.94
N ALA J 53 19.35 69.94 50.45
CA ALA J 53 18.91 68.75 51.16
C ALA J 53 19.53 68.67 52.55
N ILE J 54 20.84 68.89 52.64
CA ILE J 54 21.55 68.81 53.91
C ILE J 54 21.06 69.89 54.88
N ALA J 55 20.94 71.11 54.38
CA ALA J 55 20.43 72.22 55.19
C ALA J 55 19.00 71.96 55.65
N ARG J 56 18.15 71.50 54.74
CA ARG J 56 16.77 71.19 55.08
C ARG J 56 16.69 70.07 56.11
N LEU J 57 17.54 69.06 55.95
CA LEU J 57 17.61 67.95 56.91
C LEU J 57 18.16 68.39 58.26
N ASN J 58 19.15 69.28 58.26
CA ASN J 58 19.74 69.78 59.50
C ASN J 58 18.71 70.51 60.33
N HIS J 59 18.02 71.44 59.68
CA HIS J 59 17.03 72.28 60.33
C HIS J 59 15.89 71.48 60.94
N ALA J 60 15.65 70.28 60.41
CA ALA J 60 14.60 69.41 60.94
C ALA J 60 15.12 68.59 62.11
N GLY J 61 16.36 68.86 62.52
CA GLY J 61 16.91 68.30 63.73
C GLY J 61 17.67 67.01 63.50
N TYR J 62 18.07 66.79 62.26
CA TYR J 62 18.82 65.61 61.90
C TYR J 62 20.30 65.93 61.82
N ARG J 63 21.12 65.04 62.37
CA ARG J 63 22.54 65.10 62.14
C ARG J 63 22.88 64.36 60.86
N VAL J 64 23.60 65.04 59.97
CA VAL J 64 23.87 64.50 58.66
C VAL J 64 25.30 63.95 58.59
N VAL J 65 25.40 62.63 58.50
CA VAL J 65 26.70 61.99 58.42
C VAL J 65 27.04 61.65 56.98
N VAL J 66 28.17 62.16 56.50
CA VAL J 66 28.58 61.89 55.13
C VAL J 66 29.74 60.89 55.11
N ALA J 67 29.48 59.68 54.62
CA ALA J 67 30.46 58.62 54.66
C ALA J 67 31.23 58.56 53.35
N THR J 68 32.54 58.78 53.42
CA THR J 68 33.40 58.76 52.25
C THR J 68 34.25 57.49 52.18
N ASN J 69 33.95 56.62 51.21
CA ASN J 69 34.74 55.41 51.01
C ASN J 69 36.08 55.76 50.39
N GLN J 70 37.14 55.65 51.19
CA GLN J 70 38.46 56.13 50.78
C GLN J 70 39.13 55.39 49.62
N SER J 71 38.61 54.21 49.24
CA SER J 71 39.12 53.51 48.06
C SER J 71 38.90 54.38 46.82
N GLY J 72 38.02 55.37 46.96
CA GLY J 72 37.70 56.30 45.90
C GLY J 72 38.28 57.69 46.00
N ILE J 73 39.52 57.79 46.47
CA ILE J 73 40.25 59.05 46.43
C ILE J 73 41.23 58.67 45.34
N GLY J 74 40.82 58.92 44.10
CA GLY J 74 41.63 58.56 42.96
C GLY J 74 42.21 57.17 43.10
N ARG J 75 41.42 56.28 43.69
CA ARG J 75 41.78 54.88 43.93
C ARG J 75 42.94 54.82 44.91
N GLY J 76 42.76 55.52 46.04
CA GLY J 76 43.66 55.48 47.18
C GLY J 76 45.06 56.09 47.10
N LEU J 77 45.27 57.07 46.24
CA LEU J 77 46.58 57.74 46.15
C LEU J 77 46.51 59.19 46.67
N PHE J 78 46.96 59.43 47.90
CA PHE J 78 46.86 60.78 48.47
C PHE J 78 47.75 61.06 49.70
N ASP J 79 48.20 62.31 49.81
CA ASP J 79 48.86 62.84 51.00
C ASP J 79 47.84 63.45 51.97
N MET J 80 48.31 64.07 53.06
CA MET J 80 47.41 64.68 54.03
C MET J 80 46.78 65.99 53.56
N ALA J 81 47.54 66.74 52.76
CA ALA J 81 47.06 68.00 52.21
C ALA J 81 45.83 67.74 51.37
N THR J 82 45.93 66.70 50.54
CA THR J 82 44.84 66.29 49.67
C THR J 82 43.59 65.89 50.45
N LEU J 83 43.77 65.16 51.55
CA LEU J 83 42.65 64.73 52.37
C LEU J 83 41.99 65.94 53.06
N ASN J 84 42.83 66.83 53.57
CA ASN J 84 42.35 68.03 54.23
C ASN J 84 41.60 68.94 53.26
N ALA J 85 42.17 69.11 52.07
CA ALA J 85 41.56 69.94 51.03
C ALA J 85 40.16 69.47 50.64
N MET J 86 40.00 68.16 50.51
CA MET J 86 38.71 67.60 50.14
C MET J 86 37.72 67.81 51.28
N HIS J 87 38.21 67.66 52.50
CA HIS J 87 37.37 67.84 53.68
C HIS J 87 36.96 69.29 53.81
N LEU J 88 37.85 70.20 53.40
CA LEU J 88 37.56 71.63 53.44
C LEU J 88 36.60 72.07 52.34
N LYS J 89 36.80 71.55 51.13
CA LYS J 89 35.88 71.80 50.03
C LYS J 89 34.48 71.38 50.47
N MET J 90 34.41 70.20 51.06
CA MET J 90 33.18 69.63 51.58
C MET J 90 32.56 70.43 52.73
N HIS J 91 33.40 70.83 53.68
CA HIS J 91 32.91 71.47 54.89
C HIS J 91 32.35 72.85 54.52
N ARG J 92 32.99 73.46 53.53
CA ARG J 92 32.64 74.79 53.07
C ARG J 92 31.33 74.79 52.30
N ALA J 93 31.09 73.69 51.59
CA ALA J 93 29.86 73.53 50.81
C ALA J 93 28.58 73.52 51.63
N ALA J 94 28.55 72.71 52.69
CA ALA J 94 27.39 72.64 53.57
C ALA J 94 27.12 73.98 54.24
N ALA J 95 28.16 74.58 54.78
CA ALA J 95 28.05 75.85 55.50
C ALA J 95 27.58 76.96 54.56
N ALA J 96 27.95 76.86 53.29
CA ALA J 96 27.61 77.85 52.27
C ALA J 96 26.10 78.06 52.16
N VAL J 97 25.34 77.02 52.47
CA VAL J 97 23.89 77.09 52.46
C VAL J 97 23.35 76.88 53.87
N GLY J 98 24.25 76.93 54.84
CA GLY J 98 23.87 76.83 56.24
C GLY J 98 23.64 75.42 56.73
N GLY J 99 24.39 74.47 56.18
CA GLY J 99 24.26 73.07 56.56
C GLY J 99 25.39 72.60 57.45
N ARG J 100 25.17 71.48 58.13
CA ARG J 100 26.18 70.91 59.01
C ARG J 100 26.25 69.40 58.79
N ILE J 101 27.47 68.89 58.60
CA ILE J 101 27.65 67.45 58.44
C ILE J 101 28.67 66.83 59.39
N ASP J 102 28.57 65.52 59.58
CA ASP J 102 29.60 64.76 60.30
C ASP J 102 30.32 63.85 59.31
N ALA J 103 31.50 64.27 58.88
CA ALA J 103 32.23 63.55 57.84
C ALA J 103 33.06 62.41 58.42
N VAL J 104 32.76 61.21 57.95
CA VAL J 104 33.50 60.02 58.34
C VAL J 104 34.14 59.41 57.10
N PHE J 105 35.24 58.69 57.29
CA PHE J 105 36.02 58.15 56.18
C PHE J 105 36.29 56.67 56.41
N PHE J 106 36.06 55.86 55.38
CA PHE J 106 36.12 54.41 55.51
C PHE J 106 37.17 53.76 54.61
N CYS J 107 37.81 52.72 55.11
CA CYS J 107 38.82 52.00 54.34
C CYS J 107 38.66 50.49 54.49
N MET J 124 31.55 48.57 57.25
CA MET J 124 31.42 50.01 57.48
C MET J 124 30.23 50.31 58.40
N MET J 125 29.03 50.05 57.88
CA MET J 125 27.77 50.28 58.60
C MET J 125 27.81 49.63 59.98
N LYS J 126 28.55 48.54 60.05
CA LYS J 126 28.76 47.76 61.27
C LYS J 126 29.35 48.63 62.38
N LEU J 127 30.06 49.68 61.97
CA LEU J 127 30.75 50.57 62.89
C LEU J 127 30.08 51.94 63.07
N ILE J 128 29.41 52.43 62.02
CA ILE J 128 28.80 53.77 62.08
C ILE J 128 27.69 53.88 63.11
N ALA J 129 26.83 52.86 63.16
CA ALA J 129 25.76 52.79 64.16
C ALA J 129 26.37 52.61 65.54
N GLU J 130 27.66 52.31 65.53
CA GLU J 130 28.42 52.03 66.73
C GLU J 130 29.27 53.24 67.13
N ARG J 131 29.90 53.88 66.15
CA ARG J 131 30.67 55.11 66.44
C ARG J 131 29.70 56.20 66.86
N PHE J 132 28.51 56.15 66.29
CA PHE J 132 27.42 57.05 66.66
C PHE J 132 26.44 56.23 67.47
N GLU J 133 25.60 56.90 68.25
CA GLU J 133 24.77 56.18 69.20
C GLU J 133 23.37 56.37 68.64
N ILE J 134 22.95 55.38 67.87
CA ILE J 134 21.69 55.39 67.14
C ILE J 134 21.23 53.95 66.95
N ASP J 135 19.91 53.75 66.95
CA ASP J 135 19.34 52.47 66.54
C ASP J 135 19.21 52.43 65.02
N PRO J 136 19.88 51.48 64.37
CA PRO J 136 19.87 51.31 62.90
C PRO J 136 18.45 51.26 62.35
N ALA J 137 17.51 50.77 63.14
CA ALA J 137 16.13 50.66 62.70
C ALA J 137 15.47 52.04 62.54
N ASP J 138 16.11 53.08 63.08
CA ASP J 138 15.58 54.44 62.97
C ASP J 138 16.38 55.34 62.05
N THR J 139 17.27 54.76 61.25
CA THR J 139 18.18 55.55 60.43
C THR J 139 18.21 55.14 58.98
N PRO J 140 17.98 56.10 58.07
CA PRO J 140 18.13 55.83 56.65
C PRO J 140 19.60 55.82 56.24
N VAL J 141 19.99 54.89 55.38
CA VAL J 141 21.27 54.99 54.72
C VAL J 141 20.97 55.24 53.25
N VAL J 142 21.64 56.23 52.70
CA VAL J 142 21.36 56.68 51.35
C VAL J 142 22.60 56.59 50.48
N GLY J 143 22.46 55.97 49.33
CA GLY J 143 23.57 55.78 48.42
C GLY J 143 23.02 55.62 47.02
N ASP J 144 23.92 55.45 46.06
CA ASP J 144 23.51 55.23 44.67
C ASP J 144 23.99 53.86 44.23
N SER J 145 24.49 53.09 45.19
CA SER J 145 25.13 51.82 44.88
C SER J 145 24.59 50.64 45.68
N LEU J 146 24.74 49.46 45.09
CA LEU J 146 24.30 48.20 45.68
C LEU J 146 25.13 47.86 46.91
N ARG J 147 26.44 48.04 46.76
CA ARG J 147 27.43 47.78 47.80
C ARG J 147 26.98 48.30 49.16
N ASP J 148 26.55 49.56 49.14
CA ASP J 148 26.20 50.32 50.34
C ASP J 148 24.91 49.91 51.04
N LEU J 149 23.85 49.78 50.26
CA LEU J 149 22.52 49.55 50.82
C LEU J 149 22.33 48.17 51.44
N GLN J 150 22.94 47.15 50.86
CA GLN J 150 22.81 45.79 51.39
C GLN J 150 23.50 45.65 52.73
N ALA J 151 24.63 46.32 52.89
CA ALA J 151 25.33 46.34 54.17
C ALA J 151 24.46 46.97 55.25
N GLY J 152 23.88 48.12 54.94
CA GLY J 152 23.03 48.81 55.89
C GLY J 152 21.80 47.99 56.19
N ALA J 153 21.18 47.44 55.14
CA ALA J 153 19.95 46.69 55.31
C ALA J 153 20.19 45.43 56.14
N ALA J 154 21.38 44.86 56.01
CA ALA J 154 21.75 43.67 56.77
C ALA J 154 21.82 43.96 58.27
N LEU J 155 21.94 45.25 58.61
CA LEU J 155 22.03 45.66 59.99
C LEU J 155 20.76 46.27 60.54
N GLY J 156 19.78 46.48 59.66
CA GLY J 156 18.51 47.03 60.08
C GLY J 156 18.27 48.41 59.53
N PHE J 157 19.31 49.00 58.93
CA PHE J 157 19.19 50.30 58.29
C PHE J 157 18.11 50.27 57.21
N ARG J 158 17.43 51.40 57.05
CA ARG J 158 16.40 51.54 56.04
C ARG J 158 17.04 52.11 54.77
N PRO J 159 17.22 51.26 53.74
CA PRO J 159 17.98 51.61 52.54
C PRO J 159 17.25 52.52 51.55
N HIS J 160 17.94 53.58 51.12
CA HIS J 160 17.44 54.50 50.12
C HIS J 160 18.40 54.62 48.94
N LEU J 161 17.84 54.60 47.73
CA LEU J 161 18.65 54.73 46.53
C LEU J 161 18.41 56.07 45.84
N VAL J 162 19.51 56.72 45.47
CA VAL J 162 19.42 57.91 44.65
C VAL J 162 19.87 57.56 43.23
N LEU J 163 19.18 58.09 42.23
CA LEU J 163 19.42 57.70 40.85
C LEU J 163 20.58 58.49 40.24
N THR J 164 21.20 59.32 41.07
CA THR J 164 22.39 60.06 40.67
C THR J 164 23.58 59.12 40.63
N GLY J 165 24.62 59.51 39.88
CA GLY J 165 25.81 58.70 39.73
C GLY J 165 25.51 57.30 39.23
N LYS J 166 25.95 56.30 40.00
CA LYS J 166 25.75 54.91 39.65
C LYS J 166 24.29 54.47 39.82
N GLY J 167 23.48 55.36 40.39
CA GLY J 167 22.13 55.04 40.78
C GLY J 167 21.16 54.41 39.80
N LYS J 168 21.08 54.94 38.58
CA LYS J 168 20.17 54.39 37.58
C LYS J 168 20.62 53.02 37.11
N LYS J 169 21.93 52.86 36.97
CA LYS J 169 22.54 51.59 36.60
C LYS J 169 22.35 50.57 37.74
N THR J 170 22.49 51.05 38.97
CA THR J 170 22.34 50.19 40.16
C THR J 170 20.92 49.62 40.25
N LEU J 171 19.94 50.49 40.02
CA LEU J 171 18.53 50.11 40.06
C LEU J 171 18.28 48.97 39.08
N ALA J 172 18.76 49.13 37.85
CA ALA J 172 18.59 48.14 36.80
C ALA J 172 19.29 46.82 37.11
N ALA J 173 20.44 46.90 37.79
CA ALA J 173 21.21 45.71 38.11
C ALA J 173 20.49 44.80 39.10
N GLY J 174 19.62 45.39 39.92
CA GLY J 174 18.85 44.64 40.89
C GLY J 174 19.69 43.91 41.92
N GLY J 175 19.03 43.08 42.72
CA GLY J 175 19.68 42.30 43.77
C GLY J 175 19.71 43.09 45.06
N LEU J 176 18.88 44.11 45.11
CA LEU J 176 18.79 45.03 46.25
C LEU J 176 17.80 44.57 47.32
N PRO J 177 18.03 44.97 48.59
CA PRO J 177 17.19 44.65 49.73
C PRO J 177 15.68 44.95 49.65
N GLU J 178 14.90 44.09 50.28
CA GLU J 178 13.44 44.08 50.16
C GLU J 178 12.67 45.40 50.24
N GLY J 179 13.05 46.25 51.19
CA GLY J 179 12.31 47.48 51.43
C GLY J 179 12.98 48.74 50.95
N THR J 180 13.68 48.65 49.82
CA THR J 180 14.43 49.78 49.31
C THR J 180 13.54 50.83 48.66
N ARG J 181 13.66 52.07 49.12
CA ARG J 181 12.94 53.19 48.51
C ARG J 181 13.86 53.95 47.56
N VAL J 182 13.28 54.45 46.46
CA VAL J 182 14.06 55.05 45.39
C VAL J 182 13.67 56.51 45.14
N HIS J 183 14.68 57.37 45.04
CA HIS J 183 14.46 58.79 44.85
C HIS J 183 15.34 59.26 43.71
N ASP J 184 14.87 60.24 42.93
CA ASP J 184 15.67 60.79 41.83
C ASP J 184 17.02 61.31 42.36
N ASP J 185 16.98 62.01 43.48
CA ASP J 185 18.21 62.52 44.09
C ASP J 185 18.02 62.79 45.59
N LEU J 186 19.06 63.36 46.20
CA LEU J 186 19.02 63.61 47.64
C LEU J 186 18.01 64.70 47.98
N ARG J 187 17.90 65.69 47.11
CA ARG J 187 16.88 66.72 47.28
C ARG J 187 15.49 66.08 47.37
N ALA J 188 15.27 65.09 46.52
CA ALA J 188 14.00 64.37 46.50
C ALA J 188 13.88 63.49 47.74
N PHE J 189 14.96 62.83 48.13
CA PHE J 189 14.98 61.99 49.32
C PHE J 189 14.51 62.76 50.55
N ALA J 190 15.09 63.95 50.74
CA ALA J 190 14.80 64.78 51.89
C ALA J 190 13.31 65.12 51.94
N LEU J 191 12.73 65.44 50.80
CA LEU J 191 11.31 65.76 50.73
C LEU J 191 10.45 64.56 51.13
N ASP J 192 10.76 63.40 50.59
CA ASP J 192 10.03 62.19 50.92
C ASP J 192 10.25 61.79 52.37
N PHE J 193 11.50 61.83 52.79
CA PHE J 193 11.88 61.43 54.14
C PHE J 193 11.20 62.28 55.20
N LEU J 194 11.11 63.58 54.94
CA LEU J 194 10.48 64.52 55.86
C LEU J 194 8.96 64.57 55.73
N SER J 195 8.29 63.47 56.06
CA SER J 195 6.84 63.45 55.96
C SER J 195 6.11 62.90 57.17
N LYS J 196 6.81 62.11 57.97
CA LYS J 196 6.23 61.50 59.16
C LYS J 196 7.29 60.78 60.01
N LYS K 19 54.29 14.99 43.49
CA LYS K 19 54.15 15.33 42.07
C LYS K 19 54.78 16.70 41.82
N LYS K 20 56.01 16.68 41.30
CA LYS K 20 56.80 17.89 41.08
C LYS K 20 56.46 18.54 39.75
N LEU K 21 56.77 19.83 39.63
CA LEU K 21 56.31 20.57 38.47
C LEU K 21 57.35 21.55 37.97
N VAL K 22 57.21 21.91 36.70
CA VAL K 22 58.08 22.87 36.02
C VAL K 22 57.22 23.70 35.08
N VAL K 23 57.23 25.01 35.24
CA VAL K 23 56.42 25.87 34.38
C VAL K 23 57.22 26.47 33.22
N LEU K 24 56.78 26.22 31.99
CA LEU K 24 57.44 26.74 30.80
C LEU K 24 56.55 27.68 29.97
N ASP K 25 57.13 28.79 29.52
CA ASP K 25 56.52 29.60 28.46
C ASP K 25 56.60 28.90 27.11
N ARG K 26 55.66 29.18 26.23
CA ARG K 26 55.70 28.58 24.91
C ARG K 26 56.62 29.35 23.95
N ASP K 27 56.31 30.62 23.72
CA ASP K 27 57.02 31.42 22.73
C ASP K 27 58.47 31.64 23.10
N GLY K 28 59.36 31.37 22.15
CA GLY K 28 60.78 31.60 22.35
C GLY K 28 61.45 30.66 23.34
N VAL K 29 60.68 29.74 23.90
CA VAL K 29 61.19 28.78 24.87
C VAL K 29 61.18 27.38 24.27
N ILE K 30 60.07 27.01 23.66
CA ILE K 30 59.97 25.69 23.05
C ILE K 30 60.04 25.83 21.53
N ASN K 31 59.33 26.83 21.00
CA ASN K 31 59.34 27.09 19.57
C ASN K 31 59.92 28.46 19.28
N VAL K 32 60.18 28.74 18.01
CA VAL K 32 60.70 30.04 17.59
C VAL K 32 59.63 31.12 17.70
N SER K 40 53.45 31.19 10.22
CA SER K 40 52.06 30.76 10.26
C SER K 40 51.77 29.88 11.47
N PRO K 41 50.67 30.17 12.18
CA PRO K 41 50.33 29.46 13.42
C PRO K 41 50.12 27.95 13.25
N ASP K 42 50.00 27.52 12.00
CA ASP K 42 49.80 26.12 11.69
C ASP K 42 51.11 25.52 11.21
N GLU K 43 52.09 26.37 10.97
CA GLU K 43 53.42 25.91 10.61
C GLU K 43 54.32 25.78 11.84
N TRP K 44 53.72 25.60 13.00
CA TRP K 44 54.50 25.52 14.24
C TRP K 44 55.71 24.60 14.39
N VAL K 45 56.84 25.17 14.78
CA VAL K 45 58.11 24.43 14.76
C VAL K 45 58.93 24.68 16.03
N ALA K 46 59.33 23.58 16.67
CA ALA K 46 60.05 23.64 17.93
C ALA K 46 61.57 23.68 17.76
N LEU K 47 62.23 24.32 18.71
CA LEU K 47 63.68 24.24 18.83
C LEU K 47 64.06 22.84 19.25
N PRO K 48 65.00 22.24 18.53
CA PRO K 48 65.43 20.85 18.71
C PRO K 48 65.98 20.56 20.10
N GLY K 49 66.65 21.54 20.71
CA GLY K 49 67.15 21.41 22.05
C GLY K 49 66.04 21.33 23.09
N SER K 50 64.88 21.90 22.78
CA SER K 50 63.75 21.96 23.71
C SER K 50 62.98 20.65 23.93
N LEU K 51 62.89 19.81 22.90
CA LEU K 51 62.25 18.51 23.07
C LEU K 51 63.09 17.62 23.96
N GLU K 52 64.39 17.67 23.74
CA GLU K 52 65.35 16.98 24.59
C GLU K 52 65.14 17.41 26.03
N ALA K 53 65.00 18.72 26.22
CA ALA K 53 64.80 19.27 27.56
C ALA K 53 63.60 18.66 28.28
N ILE K 54 62.46 18.62 27.60
CA ILE K 54 61.24 18.12 28.22
C ILE K 54 61.30 16.63 28.57
N ALA K 55 61.75 15.82 27.63
CA ALA K 55 61.89 14.38 27.84
C ALA K 55 62.88 14.05 28.95
N ARG K 56 64.03 14.71 28.93
CA ARG K 56 65.04 14.51 29.96
C ARG K 56 64.44 14.92 31.29
N LEU K 57 63.60 15.96 31.28
CA LEU K 57 62.87 16.37 32.48
C LEU K 57 61.90 15.27 32.91
N ASN K 58 61.28 14.60 31.94
CA ASN K 58 60.33 13.52 32.23
C ASN K 58 60.97 12.35 32.97
N HIS K 59 62.09 11.83 32.47
CA HIS K 59 62.72 10.69 33.11
C HIS K 59 63.17 11.05 34.53
N ALA K 60 63.41 12.33 34.79
CA ALA K 60 63.81 12.75 36.12
C ALA K 60 62.59 13.02 37.02
N GLY K 61 61.39 12.81 36.48
CA GLY K 61 60.18 12.79 37.28
C GLY K 61 59.39 14.07 37.46
N TYR K 62 59.57 15.04 36.58
CA TYR K 62 58.85 16.31 36.72
C TYR K 62 57.64 16.38 35.77
N ARG K 63 56.54 16.92 36.26
CA ARG K 63 55.42 17.23 35.37
C ARG K 63 55.64 18.59 34.73
N VAL K 64 55.60 18.63 33.40
CA VAL K 64 55.95 19.85 32.68
C VAL K 64 54.73 20.59 32.16
N VAL K 65 54.47 21.75 32.75
CA VAL K 65 53.34 22.58 32.34
C VAL K 65 53.83 23.67 31.39
N VAL K 66 53.25 23.70 30.20
CA VAL K 66 53.62 24.70 29.21
C VAL K 66 52.55 25.77 29.11
N ALA K 67 52.92 26.97 29.54
CA ALA K 67 51.97 28.08 29.61
C ALA K 67 52.04 28.88 28.32
N THR K 68 50.93 28.93 27.60
CA THR K 68 50.85 29.67 26.36
C THR K 68 50.09 30.98 26.57
N ASN K 69 50.81 32.09 26.48
CA ASN K 69 50.23 33.41 26.65
C ASN K 69 49.41 33.81 25.43
N GLN K 70 48.08 33.79 25.59
CA GLN K 70 47.15 33.99 24.47
C GLN K 70 47.14 35.37 23.82
N SER K 71 47.71 36.37 24.50
CA SER K 71 47.79 37.71 23.89
C SER K 71 48.57 37.67 22.58
N GLY K 72 49.39 36.64 22.41
CA GLY K 72 50.14 36.42 21.20
C GLY K 72 49.57 35.38 20.25
N ILE K 73 48.25 35.39 20.09
CA ILE K 73 47.59 34.49 19.15
C ILE K 73 47.02 35.24 17.95
N GLY K 74 47.69 36.29 17.52
CA GLY K 74 47.25 37.07 16.38
C GLY K 74 46.17 38.06 16.77
N ARG K 75 46.21 38.53 18.01
CA ARG K 75 45.24 39.49 18.54
C ARG K 75 43.82 38.90 18.58
N GLY K 76 43.69 37.68 19.10
CA GLY K 76 42.40 37.08 19.35
C GLY K 76 41.46 36.70 18.21
N LEU K 77 41.99 36.43 17.02
CA LEU K 77 41.11 36.00 15.93
C LEU K 77 41.33 34.51 15.61
N PHE K 78 40.46 33.65 16.13
CA PHE K 78 40.60 32.22 15.89
C PHE K 78 39.34 31.41 16.17
N ASP K 79 39.12 30.41 15.33
CA ASP K 79 38.10 29.39 15.56
C ASP K 79 38.69 28.21 16.33
N MET K 80 37.91 27.15 16.48
CA MET K 80 38.38 25.97 17.21
C MET K 80 39.42 25.21 16.40
N ALA K 81 39.30 25.27 15.09
CA ALA K 81 40.20 24.57 14.19
C ALA K 81 41.66 25.01 14.39
N THR K 82 41.88 26.31 14.47
CA THR K 82 43.22 26.85 14.68
C THR K 82 43.82 26.39 16.02
N LEU K 83 43.00 26.38 17.05
CA LEU K 83 43.42 25.99 18.39
C LEU K 83 43.80 24.51 18.51
N ASN K 84 42.98 23.64 17.92
CA ASN K 84 43.24 22.21 17.96
C ASN K 84 44.50 21.82 17.20
N ALA K 85 44.68 22.41 16.01
CA ALA K 85 45.86 22.15 15.20
C ALA K 85 47.13 22.49 15.97
N MET K 86 47.09 23.59 16.70
CA MET K 86 48.22 24.06 17.49
C MET K 86 48.57 23.16 18.66
N HIS K 87 47.55 22.72 19.40
CA HIS K 87 47.81 21.85 20.54
C HIS K 87 48.25 20.49 20.07
N LEU K 88 47.73 20.06 18.92
CA LEU K 88 48.09 18.76 18.37
C LEU K 88 49.52 18.79 17.85
N LYS K 89 49.88 19.87 17.17
CA LYS K 89 51.26 20.09 16.76
C LYS K 89 52.17 20.10 17.99
N MET K 90 51.76 20.85 19.02
CA MET K 90 52.49 20.90 20.27
C MET K 90 52.52 19.53 20.95
N HIS K 91 51.38 18.85 20.96
CA HIS K 91 51.26 17.57 21.67
C HIS K 91 52.09 16.48 21.00
N ARG K 92 52.07 16.45 19.67
CA ARG K 92 52.80 15.44 18.93
C ARG K 92 54.29 15.73 18.87
N ALA K 93 54.65 17.00 18.96
CA ALA K 93 56.06 17.39 18.99
C ALA K 93 56.74 16.78 20.22
N ALA K 94 56.11 16.93 21.38
CA ALA K 94 56.62 16.35 22.62
C ALA K 94 56.67 14.82 22.53
N ALA K 95 55.59 14.23 22.03
CA ALA K 95 55.46 12.79 21.92
C ALA K 95 56.51 12.16 21.00
N ALA K 96 56.95 12.93 20.01
CA ALA K 96 57.90 12.45 19.01
C ALA K 96 59.19 11.88 19.61
N VAL K 97 59.57 12.39 20.77
CA VAL K 97 60.75 11.92 21.47
C VAL K 97 60.42 11.30 22.83
N GLY K 98 59.14 11.04 23.07
CA GLY K 98 58.70 10.37 24.29
C GLY K 98 58.53 11.25 25.51
N GLY K 99 58.11 12.50 25.29
CA GLY K 99 57.90 13.46 26.37
C GLY K 99 56.42 13.69 26.67
N ARG K 100 56.12 14.28 27.82
CA ARG K 100 54.75 14.61 28.21
C ARG K 100 54.65 16.03 28.79
N ILE K 101 53.70 16.80 28.27
CA ILE K 101 53.47 18.15 28.79
C ILE K 101 52.00 18.34 29.19
N ASP K 102 51.76 19.33 30.04
CA ASP K 102 50.42 19.73 30.41
C ASP K 102 50.15 21.11 29.81
N ALA K 103 49.36 21.14 28.74
CA ALA K 103 49.16 22.38 28.01
C ALA K 103 48.08 23.26 28.62
N VAL K 104 48.47 24.46 29.03
CA VAL K 104 47.54 25.45 29.53
C VAL K 104 47.61 26.74 28.71
N PHE K 105 46.52 27.47 28.67
CA PHE K 105 46.41 28.68 27.85
C PHE K 105 45.86 29.82 28.71
N PHE K 106 46.49 30.98 28.63
CA PHE K 106 46.15 32.07 29.54
C PHE K 106 45.67 33.32 28.82
N CYS K 107 44.60 33.93 29.34
CA CYS K 107 44.04 35.14 28.75
C CYS K 107 43.64 36.15 29.82
N MET K 124 48.17 34.52 35.60
CA MET K 124 48.61 33.21 35.11
C MET K 124 49.31 32.41 36.21
N MET K 125 50.52 32.83 36.59
CA MET K 125 51.26 32.14 37.66
C MET K 125 50.41 32.04 38.91
N LYS K 126 49.54 33.03 39.08
CA LYS K 126 48.61 33.11 40.20
C LYS K 126 47.71 31.88 40.23
N LEU K 127 47.49 31.32 39.04
CA LEU K 127 46.56 30.20 38.87
C LEU K 127 47.28 28.87 38.65
N ILE K 128 48.47 28.92 38.06
CA ILE K 128 49.22 27.71 37.74
C ILE K 128 49.59 26.94 39.01
N ALA K 129 50.02 27.65 40.05
CA ALA K 129 50.33 27.02 41.32
C ALA K 129 49.07 26.48 41.99
N GLU K 130 47.91 26.92 41.49
CA GLU K 130 46.64 26.56 42.07
C GLU K 130 45.90 25.48 41.28
N ARG K 131 45.94 25.59 39.95
CA ARG K 131 45.34 24.60 39.06
C ARG K 131 46.06 23.26 39.20
N PHE K 132 47.35 23.37 39.53
CA PHE K 132 48.21 22.23 39.76
C PHE K 132 48.57 22.06 41.24
N GLU K 133 49.23 20.96 41.55
CA GLU K 133 49.42 20.55 42.93
C GLU K 133 50.87 20.91 43.21
N ILE K 134 51.10 22.13 43.70
CA ILE K 134 52.48 22.60 43.91
C ILE K 134 52.64 23.71 44.92
N ASP K 135 53.76 23.64 45.63
CA ASP K 135 54.27 24.78 46.39
C ASP K 135 55.13 25.60 45.42
N PRO K 136 54.75 26.86 45.19
CA PRO K 136 55.53 27.73 44.30
C PRO K 136 57.03 27.77 44.67
N ALA K 137 57.34 27.64 45.95
CA ALA K 137 58.71 27.69 46.43
C ALA K 137 59.51 26.47 45.98
N ASP K 138 58.82 25.44 45.53
CA ASP K 138 59.48 24.21 45.07
C ASP K 138 59.37 24.11 43.56
N THR K 139 59.02 25.21 42.92
CA THR K 139 58.73 25.18 41.49
C THR K 139 59.50 26.21 40.68
N PRO K 140 60.23 25.74 39.65
CA PRO K 140 60.87 26.64 38.69
C PRO K 140 59.91 27.20 37.65
N VAL K 141 60.06 28.48 37.31
CA VAL K 141 59.41 29.05 36.14
C VAL K 141 60.46 29.44 35.11
N VAL K 142 60.24 29.05 33.86
CA VAL K 142 61.23 29.27 32.81
C VAL K 142 60.63 30.10 31.69
N GLY K 143 61.30 31.19 31.33
CA GLY K 143 60.78 32.09 30.33
C GLY K 143 61.85 32.91 29.64
N ASP K 144 61.41 33.75 28.71
CA ASP K 144 62.30 34.62 27.95
C ASP K 144 61.98 36.10 28.12
N SER K 145 61.04 36.41 29.02
CA SER K 145 60.56 37.77 29.17
C SER K 145 60.60 38.22 30.62
N LEU K 146 60.65 39.54 30.84
CA LEU K 146 60.65 40.06 32.20
C LEU K 146 59.29 39.82 32.87
N ARG K 147 58.21 40.13 32.14
CA ARG K 147 56.85 40.07 32.68
C ARG K 147 56.58 38.78 33.47
N ASP K 148 56.91 37.64 32.88
CA ASP K 148 56.60 36.36 33.48
C ASP K 148 57.47 36.01 34.68
N LEU K 149 58.78 36.19 34.54
CA LEU K 149 59.75 35.81 35.57
C LEU K 149 59.58 36.68 36.80
N GLN K 150 59.27 37.94 36.55
CA GLN K 150 59.06 38.89 37.63
C GLN K 150 57.74 38.59 38.34
N ALA K 151 56.73 38.20 37.57
CA ALA K 151 55.45 37.79 38.13
C ALA K 151 55.59 36.54 39.00
N GLY K 152 56.29 35.54 38.48
CA GLY K 152 56.45 34.29 39.18
C GLY K 152 57.24 34.36 40.48
N ALA K 153 58.34 35.10 40.45
CA ALA K 153 59.23 35.21 41.60
C ALA K 153 58.56 35.85 42.80
N ALA K 154 57.60 36.73 42.54
CA ALA K 154 56.86 37.41 43.61
C ALA K 154 56.07 36.45 44.48
N LEU K 155 55.75 35.28 43.94
CA LEU K 155 54.97 34.28 44.66
C LEU K 155 55.85 33.18 45.21
N GLY K 156 57.14 33.23 44.88
CA GLY K 156 58.09 32.26 45.39
C GLY K 156 58.67 31.32 44.36
N PHE K 157 58.14 31.37 43.15
CA PHE K 157 58.63 30.55 42.05
C PHE K 157 60.11 30.77 41.83
N ARG K 158 60.83 29.73 41.40
CA ARG K 158 62.26 29.86 41.12
C ARG K 158 62.46 30.22 39.65
N PRO K 159 62.79 31.48 39.38
CA PRO K 159 62.84 32.00 38.01
C PRO K 159 64.10 31.60 37.24
N HIS K 160 63.92 31.09 36.02
CA HIS K 160 65.05 30.80 35.15
C HIS K 160 64.87 31.52 33.82
N LEU K 161 65.95 32.15 33.34
CA LEU K 161 65.88 32.85 32.07
C LEU K 161 66.69 32.12 31.00
N VAL K 162 66.07 31.93 29.84
CA VAL K 162 66.76 31.37 28.69
C VAL K 162 67.02 32.46 27.66
N LEU K 163 68.20 32.42 27.06
CA LEU K 163 68.66 33.48 26.18
C LEU K 163 68.20 33.31 24.73
N THR K 164 67.39 32.29 24.47
CA THR K 164 66.82 32.12 23.15
C THR K 164 65.71 33.15 22.97
N GLY K 165 65.38 33.47 21.72
CA GLY K 165 64.37 34.47 21.42
C GLY K 165 64.63 35.81 22.08
N LYS K 166 63.66 36.27 22.88
CA LYS K 166 63.74 37.55 23.56
C LYS K 166 64.72 37.53 24.72
N GLY K 167 65.24 36.34 25.03
CA GLY K 167 66.11 36.12 26.17
C GLY K 167 67.33 36.98 26.29
N LYS K 168 68.05 37.15 25.17
CA LYS K 168 69.26 37.96 25.15
C LYS K 168 68.91 39.43 25.35
N LYS K 169 67.79 39.85 24.80
CA LYS K 169 67.29 41.20 24.98
C LYS K 169 66.94 41.46 26.44
N THR K 170 66.27 40.48 27.05
CA THR K 170 65.83 40.61 28.43
C THR K 170 67.00 40.75 29.40
N LEU K 171 68.00 39.91 29.23
CA LEU K 171 69.19 39.93 30.08
C LEU K 171 69.89 41.28 30.10
N ALA K 172 70.17 41.83 28.91
CA ALA K 172 70.87 43.10 28.80
C ALA K 172 70.06 44.25 29.38
N ALA K 173 68.74 44.19 29.22
CA ALA K 173 67.86 45.23 29.71
C ALA K 173 67.82 45.28 31.24
N GLY K 174 68.11 44.14 31.87
CA GLY K 174 68.10 44.05 33.32
C GLY K 174 66.74 44.29 33.94
N GLY K 175 66.73 44.38 35.27
CA GLY K 175 65.50 44.58 36.02
C GLY K 175 64.89 43.24 36.42
N LEU K 176 65.73 42.21 36.42
CA LEU K 176 65.33 40.85 36.72
C LEU K 176 65.40 40.58 38.22
N PRO K 177 64.55 39.65 38.72
CA PRO K 177 64.55 39.24 40.13
C PRO K 177 65.90 38.80 40.69
N GLU K 178 66.12 39.07 41.98
CA GLU K 178 67.43 38.92 42.59
C GLU K 178 68.16 37.59 42.36
N GLY K 179 67.43 36.48 42.45
CA GLY K 179 68.06 35.17 42.36
C GLY K 179 67.84 34.38 41.07
N THR K 180 67.72 35.10 39.96
CA THR K 180 67.46 34.50 38.65
C THR K 180 68.69 33.84 38.03
N ARG K 181 68.57 32.57 37.64
CA ARG K 181 69.66 31.91 36.93
C ARG K 181 69.37 31.97 35.44
N VAL K 182 70.42 32.11 34.64
CA VAL K 182 70.28 32.36 33.22
C VAL K 182 70.95 31.26 32.38
N HIS K 183 70.24 30.78 31.37
CA HIS K 183 70.72 29.66 30.57
C HIS K 183 70.66 29.93 29.08
N ASP K 184 71.61 29.35 28.36
CA ASP K 184 71.70 29.48 26.92
C ASP K 184 70.40 29.07 26.25
N ASP K 185 69.84 27.95 26.69
CA ASP K 185 68.57 27.47 26.17
C ASP K 185 67.87 26.51 27.15
N LEU K 186 66.75 25.94 26.71
CA LEU K 186 65.98 25.03 27.57
C LEU K 186 66.73 23.74 27.79
N ARG K 187 67.45 23.29 26.75
CA ARG K 187 68.33 22.14 26.87
C ARG K 187 69.30 22.34 28.02
N ALA K 188 69.84 23.54 28.12
CA ALA K 188 70.80 23.87 29.17
C ALA K 188 70.11 23.94 30.53
N PHE K 189 68.93 24.56 30.57
CA PHE K 189 68.15 24.60 31.81
C PHE K 189 67.93 23.19 32.32
N ALA K 190 67.41 22.33 31.45
CA ALA K 190 67.08 20.96 31.81
C ALA K 190 68.31 20.23 32.30
N LEU K 191 69.43 20.43 31.61
CA LEU K 191 70.69 19.80 31.99
C LEU K 191 71.15 20.30 33.36
N ASP K 192 71.16 21.62 33.51
CA ASP K 192 71.60 22.23 34.76
C ASP K 192 70.62 21.98 35.90
N PHE K 193 69.35 22.28 35.65
CA PHE K 193 68.31 22.09 36.65
C PHE K 193 68.20 20.62 37.02
N LEU K 194 68.96 19.77 36.36
CA LEU K 194 68.87 18.33 36.62
C LEU K 194 69.98 17.72 37.50
N SER K 195 70.92 18.54 37.97
CA SER K 195 71.97 18.04 38.86
C SER K 195 71.63 17.86 40.35
N LYS K 196 71.20 18.94 40.99
CA LYS K 196 71.14 19.06 42.45
C LYS K 196 69.91 19.85 42.89
N LYS L 19 3.83 15.66 42.70
CA LYS L 19 4.64 15.94 41.52
C LYS L 19 3.73 16.05 40.28
N LYS L 20 3.59 17.26 39.77
CA LYS L 20 2.65 17.51 38.66
C LYS L 20 3.26 17.02 37.36
N LEU L 21 2.40 16.78 36.38
CA LEU L 21 2.83 16.12 35.16
C LEU L 21 2.20 16.73 33.92
N VAL L 22 2.88 16.53 32.78
CA VAL L 22 2.41 16.97 31.49
C VAL L 22 2.84 15.91 30.48
N VAL L 23 1.90 15.35 29.71
CA VAL L 23 2.24 14.33 28.73
C VAL L 23 2.38 14.93 27.34
N LEU L 24 3.55 14.78 26.73
CA LEU L 24 3.81 15.29 25.38
C LEU L 24 4.11 14.18 24.38
N ASP L 25 3.48 14.24 23.22
CA ASP L 25 3.92 13.44 22.07
C ASP L 25 5.24 13.98 21.54
N ARG L 26 6.07 13.12 20.96
CA ARG L 26 7.34 13.57 20.40
C ARG L 26 7.15 14.19 19.02
N ASP L 27 6.62 13.40 18.08
CA ASP L 27 6.45 13.84 16.70
C ASP L 27 5.41 14.94 16.53
N GLY L 28 5.77 15.99 15.80
CA GLY L 28 4.88 17.08 15.47
C GLY L 28 4.51 17.99 16.62
N VAL L 29 5.03 17.71 17.80
CA VAL L 29 4.78 18.54 18.97
C VAL L 29 6.08 19.21 19.37
N ILE L 30 7.14 18.40 19.42
CA ILE L 30 8.45 18.89 19.82
C ILE L 30 9.36 19.04 18.62
N ASN L 31 9.33 18.06 17.73
CA ASN L 31 10.16 18.10 16.52
C ASN L 31 9.31 18.19 15.26
N VAL L 32 9.97 18.47 14.14
CA VAL L 32 9.31 18.56 12.84
C VAL L 32 8.91 17.18 12.33
N SER L 40 15.47 10.42 8.44
CA SER L 40 16.33 9.61 9.28
C SER L 40 16.10 9.93 10.75
N PRO L 41 15.91 8.88 11.58
CA PRO L 41 15.62 9.03 13.00
C PRO L 41 16.72 9.73 13.79
N ASP L 42 17.94 9.73 13.26
CA ASP L 42 19.04 10.34 13.98
C ASP L 42 19.22 11.80 13.59
N GLU L 43 18.81 12.13 12.36
CA GLU L 43 18.78 13.51 11.88
C GLU L 43 17.53 14.17 12.42
N TRP L 44 17.44 14.19 13.74
CA TRP L 44 16.25 14.64 14.48
C TRP L 44 16.36 16.10 14.96
N VAL L 45 15.36 16.93 14.66
CA VAL L 45 15.45 18.36 14.98
C VAL L 45 14.13 18.96 15.54
N ALA L 46 14.25 19.61 16.69
CA ALA L 46 13.10 20.19 17.43
C ALA L 46 12.79 21.65 17.12
N LEU L 47 11.52 22.01 17.21
CA LEU L 47 11.13 23.41 17.19
C LEU L 47 11.56 24.08 18.48
N PRO L 48 12.26 25.22 18.36
CA PRO L 48 12.82 25.98 19.50
C PRO L 48 11.77 26.43 20.51
N GLY L 49 10.57 26.75 20.03
CA GLY L 49 9.50 27.16 20.92
C GLY L 49 9.08 26.04 21.85
N SER L 50 9.25 24.81 21.40
CA SER L 50 8.91 23.65 22.20
C SER L 50 9.97 23.47 23.28
N LEU L 51 11.20 23.83 22.95
CA LEU L 51 12.27 23.80 23.94
C LEU L 51 12.00 24.86 25.01
N GLU L 52 11.62 26.06 24.57
CA GLU L 52 11.21 27.11 25.48
C GLU L 52 10.08 26.61 26.38
N ALA L 53 9.09 25.98 25.77
CA ALA L 53 7.93 25.45 26.48
C ALA L 53 8.37 24.48 27.56
N ILE L 54 9.25 23.55 27.19
CA ILE L 54 9.72 22.53 28.12
C ILE L 54 10.47 23.18 29.27
N ALA L 55 11.35 24.12 28.95
CA ALA L 55 12.08 24.86 29.97
C ALA L 55 11.12 25.64 30.86
N ARG L 56 10.14 26.31 30.24
CA ARG L 56 9.13 27.07 30.98
C ARG L 56 8.28 26.18 31.89
N LEU L 57 7.91 24.99 31.39
CA LEU L 57 7.15 24.04 32.21
C LEU L 57 7.99 23.49 33.35
N ASN L 58 9.27 23.24 33.09
CA ASN L 58 10.18 22.75 34.12
C ASN L 58 10.34 23.74 35.25
N HIS L 59 10.58 25.00 34.91
CA HIS L 59 10.73 26.02 35.94
C HIS L 59 9.46 26.16 36.76
N ALA L 60 8.32 25.79 36.18
CA ALA L 60 7.06 25.87 36.90
C ALA L 60 6.78 24.59 37.70
N GLY L 61 7.72 23.65 37.68
CA GLY L 61 7.66 22.52 38.57
C GLY L 61 6.93 21.29 38.08
N TYR L 62 6.80 21.15 36.76
CA TYR L 62 6.07 20.01 36.20
C TYR L 62 7.08 18.94 35.79
N ARG L 63 6.77 17.67 36.03
CA ARG L 63 7.61 16.63 35.47
C ARG L 63 7.09 16.41 34.05
N VAL L 64 7.98 16.52 33.07
CA VAL L 64 7.55 16.47 31.68
C VAL L 64 7.87 15.13 31.03
N VAL L 65 6.82 14.40 30.71
CA VAL L 65 6.94 13.10 30.06
C VAL L 65 6.77 13.24 28.56
N VAL L 66 7.78 12.79 27.81
CA VAL L 66 7.70 12.84 26.35
C VAL L 66 7.38 11.45 25.83
N ALA L 67 6.18 11.29 25.30
CA ALA L 67 5.69 9.98 24.85
C ALA L 67 5.94 9.79 23.37
N THR L 68 6.74 8.79 23.04
CA THR L 68 7.09 8.50 21.65
C THR L 68 6.36 7.28 21.08
N ASN L 69 5.50 7.53 20.10
CA ASN L 69 4.79 6.47 19.40
C ASN L 69 5.74 5.72 18.47
N GLN L 70 6.08 4.48 18.85
CA GLN L 70 7.12 3.71 18.16
C GLN L 70 6.85 3.34 16.70
N SER L 71 5.59 3.38 16.27
CA SER L 71 5.26 3.13 14.87
C SER L 71 5.72 4.27 13.96
N GLY L 72 6.33 5.28 14.56
CA GLY L 72 6.85 6.43 13.84
C GLY L 72 8.35 6.64 13.89
N ILE L 73 9.06 5.56 14.19
CA ILE L 73 10.51 5.50 14.11
C ILE L 73 10.82 4.85 12.78
N GLY L 74 10.78 5.67 11.73
CA GLY L 74 10.76 5.21 10.36
C GLY L 74 9.86 4.03 10.06
N ARG L 75 8.64 4.09 10.59
CA ARG L 75 7.62 3.06 10.38
C ARG L 75 8.10 1.66 10.81
N GLY L 76 8.52 1.60 12.08
CA GLY L 76 8.90 0.38 12.78
C GLY L 76 10.17 -0.34 12.37
N LEU L 77 11.12 0.39 11.78
CA LEU L 77 12.42 -0.16 11.40
C LEU L 77 13.61 0.44 12.18
N PHE L 78 14.15 -0.29 13.16
CA PHE L 78 15.29 0.26 13.90
C PHE L 78 16.14 -0.76 14.66
N ASP L 79 17.44 -0.48 14.70
CA ASP L 79 18.37 -1.14 15.62
C ASP L 79 18.47 -0.30 16.89
N MET L 80 19.31 -0.70 17.84
CA MET L 80 19.45 0.06 19.08
C MET L 80 20.28 1.33 18.95
N ALA L 81 21.28 1.31 18.08
CA ALA L 81 22.16 2.46 17.88
C ALA L 81 21.35 3.68 17.48
N THR L 82 20.42 3.47 16.55
CA THR L 82 19.52 4.52 16.09
C THR L 82 18.65 5.03 17.25
N LEU L 83 18.20 4.12 18.11
CA LEU L 83 17.39 4.48 19.25
C LEU L 83 18.16 5.32 20.26
N ASN L 84 19.40 4.91 20.52
CA ASN L 84 20.26 5.62 21.46
C ASN L 84 20.59 7.02 20.97
N ALA L 85 20.95 7.14 19.70
CA ALA L 85 21.23 8.43 19.08
C ALA L 85 20.03 9.36 19.15
N MET L 86 18.84 8.81 18.93
CA MET L 86 17.62 9.61 18.97
C MET L 86 17.33 10.09 20.39
N HIS L 87 17.58 9.22 21.37
CA HIS L 87 17.37 9.55 22.77
C HIS L 87 18.35 10.60 23.27
N LEU L 88 19.58 10.52 22.79
CA LEU L 88 20.59 11.48 23.19
C LEU L 88 20.35 12.80 22.48
N LYS L 89 19.97 12.71 21.20
CA LYS L 89 19.55 13.88 20.44
C LYS L 89 18.42 14.59 21.18
N MET L 90 17.45 13.81 21.66
CA MET L 90 16.33 14.37 22.42
C MET L 90 16.79 15.04 23.72
N HIS L 91 17.66 14.39 24.48
CA HIS L 91 18.07 14.93 25.77
C HIS L 91 18.96 16.16 25.63
N ARG L 92 19.82 16.14 24.62
CA ARG L 92 20.80 17.21 24.44
C ARG L 92 20.06 18.45 23.98
N ALA L 93 18.96 18.25 23.27
CA ALA L 93 18.09 19.34 22.86
C ALA L 93 17.50 19.99 24.11
N ALA L 94 16.98 19.14 25.00
CA ALA L 94 16.41 19.58 26.27
C ALA L 94 17.46 20.25 27.15
N ALA L 95 18.62 19.63 27.25
CA ALA L 95 19.71 20.13 28.07
C ALA L 95 20.21 21.49 27.60
N ALA L 96 20.12 21.73 26.30
CA ALA L 96 20.62 22.97 25.70
C ALA L 96 20.03 24.23 26.32
N VAL L 97 18.80 24.14 26.82
CA VAL L 97 18.14 25.29 27.44
C VAL L 97 17.88 25.06 28.92
N GLY L 98 18.49 24.01 29.48
CA GLY L 98 18.37 23.72 30.89
C GLY L 98 17.10 22.97 31.23
N GLY L 99 16.65 22.14 30.32
CA GLY L 99 15.41 21.39 30.49
C GLY L 99 15.60 19.93 30.86
N ARG L 100 14.52 19.34 31.36
CA ARG L 100 14.48 17.94 31.75
C ARG L 100 13.21 17.26 31.27
N ILE L 101 13.37 16.13 30.59
CA ILE L 101 12.22 15.33 30.18
C ILE L 101 12.38 13.88 30.61
N ASP L 102 11.26 13.16 30.71
CA ASP L 102 11.30 11.73 30.91
C ASP L 102 10.78 11.03 29.66
N ALA L 103 11.70 10.57 28.81
CA ALA L 103 11.32 9.98 27.54
C ALA L 103 11.02 8.51 27.68
N VAL L 104 9.77 8.15 27.38
CA VAL L 104 9.33 6.77 27.42
C VAL L 104 8.83 6.35 26.04
N PHE L 105 8.87 5.05 25.77
CA PHE L 105 8.62 4.53 24.43
C PHE L 105 7.53 3.46 24.45
N PHE L 106 6.58 3.59 23.54
CA PHE L 106 5.36 2.79 23.58
C PHE L 106 5.09 1.90 22.37
N CYS L 107 4.58 0.70 22.65
CA CYS L 107 4.08 -0.18 21.60
C CYS L 107 2.81 -0.89 22.07
N MET L 124 -1.45 3.50 25.46
CA MET L 124 -0.39 4.40 25.92
C MET L 124 -0.77 5.12 27.20
N MET L 125 -1.68 6.08 27.09
CA MET L 125 -2.16 6.86 28.22
C MET L 125 -2.69 5.97 29.33
N LYS L 126 -3.21 4.81 28.94
CA LYS L 126 -3.75 3.82 29.86
C LYS L 126 -2.70 3.37 30.87
N LEU L 127 -1.44 3.43 30.46
CA LEU L 127 -0.33 2.97 31.28
C LEU L 127 0.52 4.11 31.86
N ILE L 128 0.57 5.23 31.15
CA ILE L 128 1.44 6.35 31.53
C ILE L 128 1.09 6.96 32.88
N ALA L 129 -0.20 7.14 33.15
CA ALA L 129 -0.65 7.70 34.43
C ALA L 129 -0.36 6.78 35.61
N GLU L 130 -0.04 5.53 35.32
CA GLU L 130 0.19 4.53 36.35
C GLU L 130 1.69 4.29 36.49
N ARG L 131 2.41 4.33 35.36
CA ARG L 131 3.86 4.21 35.36
C ARG L 131 4.45 5.40 36.14
N PHE L 132 3.74 6.50 36.08
CA PHE L 132 4.00 7.72 36.83
C PHE L 132 2.89 7.86 37.87
N GLU L 133 3.07 8.72 38.88
CA GLU L 133 2.12 8.74 39.99
C GLU L 133 1.34 10.03 39.76
N ILE L 134 0.12 9.90 39.23
CA ILE L 134 -0.70 11.06 38.90
C ILE L 134 -2.17 10.68 38.89
N ASP L 135 -3.01 11.62 39.31
CA ASP L 135 -4.43 11.54 39.05
C ASP L 135 -4.57 12.07 37.63
N PRO L 136 -5.07 11.25 36.70
CA PRO L 136 -5.21 11.64 35.30
C PRO L 136 -5.90 12.99 35.14
N ALA L 137 -6.81 13.30 36.05
CA ALA L 137 -7.56 14.55 36.02
C ALA L 137 -6.71 15.80 36.33
N ASP L 138 -5.49 15.61 36.81
CA ASP L 138 -4.64 16.74 37.15
C ASP L 138 -3.52 16.92 36.14
N THR L 139 -3.63 16.24 35.01
CA THR L 139 -2.58 16.21 34.01
C THR L 139 -3.10 16.49 32.60
N PRO L 140 -2.49 17.48 31.92
CA PRO L 140 -2.79 17.73 30.50
C PRO L 140 -2.10 16.73 29.61
N VAL L 141 -2.76 16.31 28.53
CA VAL L 141 -2.07 15.58 27.48
C VAL L 141 -2.03 16.46 26.24
N VAL L 142 -0.85 16.56 25.64
CA VAL L 142 -0.66 17.46 24.51
C VAL L 142 -0.23 16.65 23.31
N GLY L 143 -0.92 16.83 22.19
CA GLY L 143 -0.65 16.04 21.01
C GLY L 143 -1.10 16.71 19.73
N ASP L 144 -0.90 16.01 18.61
CA ASP L 144 -1.31 16.53 17.31
C ASP L 144 -2.32 15.62 16.63
N SER L 145 -2.76 14.57 17.33
CA SER L 145 -3.61 13.56 16.73
C SER L 145 -4.87 13.27 17.54
N LEU L 146 -5.91 12.80 16.86
CA LEU L 146 -7.17 12.48 17.51
C LEU L 146 -7.03 11.28 18.43
N ARG L 147 -6.39 10.24 17.92
CA ARG L 147 -6.25 8.97 18.60
C ARG L 147 -5.87 9.06 20.08
N ASP L 148 -4.76 9.75 20.35
CA ASP L 148 -4.22 9.81 21.71
C ASP L 148 -5.00 10.77 22.60
N LEU L 149 -5.37 11.93 22.04
CA LEU L 149 -6.06 12.96 22.81
C LEU L 149 -7.42 12.44 23.24
N GLN L 150 -8.06 11.70 22.35
CA GLN L 150 -9.35 11.09 22.63
C GLN L 150 -9.18 9.93 23.63
N ALA L 151 -8.07 9.20 23.49
CA ALA L 151 -7.73 8.13 24.42
C ALA L 151 -7.49 8.66 25.84
N GLY L 152 -6.68 9.71 25.93
CA GLY L 152 -6.36 10.30 27.22
C GLY L 152 -7.58 10.91 27.90
N ALA L 153 -8.38 11.63 27.11
CA ALA L 153 -9.55 12.32 27.64
C ALA L 153 -10.57 11.33 28.17
N ALA L 154 -10.63 10.15 27.56
CA ALA L 154 -11.53 9.09 28.00
C ALA L 154 -11.13 8.62 29.39
N LEU L 155 -9.89 8.89 29.76
CA LEU L 155 -9.34 8.48 31.04
C LEU L 155 -9.36 9.61 32.06
N GLY L 156 -9.74 10.80 31.59
CA GLY L 156 -9.86 11.94 32.48
C GLY L 156 -8.81 13.00 32.23
N PHE L 157 -7.82 12.64 31.42
CA PHE L 157 -6.75 13.55 31.05
C PHE L 157 -7.35 14.79 30.44
N ARG L 158 -6.72 15.95 30.66
CA ARG L 158 -7.20 17.19 30.05
C ARG L 158 -6.49 17.40 28.72
N PRO L 159 -7.21 17.18 27.61
CA PRO L 159 -6.64 17.11 26.26
C PRO L 159 -6.30 18.46 25.65
N HIS L 160 -5.08 18.57 25.12
CA HIS L 160 -4.67 19.78 24.42
C HIS L 160 -4.16 19.44 23.02
N LEU L 161 -4.60 20.23 22.04
CA LEU L 161 -4.18 20.05 20.66
C LEU L 161 -3.26 21.21 20.24
N VAL L 162 -2.13 20.87 19.62
CA VAL L 162 -1.27 21.88 19.05
C VAL L 162 -1.41 21.83 17.53
N LEU L 163 -1.44 23.01 16.92
CA LEU L 163 -1.74 23.12 15.50
C LEU L 163 -0.51 22.99 14.61
N THR L 164 0.65 22.76 15.22
CA THR L 164 1.85 22.48 14.46
C THR L 164 1.78 21.06 13.91
N GLY L 165 2.55 20.78 12.86
CA GLY L 165 2.52 19.48 12.20
C GLY L 165 1.12 19.14 11.69
N LYS L 166 0.59 18.01 12.14
CA LYS L 166 -0.75 17.57 11.71
C LYS L 166 -1.87 18.39 12.33
N GLY L 167 -1.51 19.32 13.21
CA GLY L 167 -2.48 20.08 13.97
C GLY L 167 -3.61 20.72 13.18
N LYS L 168 -3.28 21.31 12.04
CA LYS L 168 -4.29 21.93 11.20
C LYS L 168 -5.21 20.87 10.60
N LYS L 169 -4.64 19.73 10.26
CA LYS L 169 -5.39 18.59 9.73
C LYS L 169 -6.36 17.96 10.73
N THR L 170 -5.88 17.76 11.96
CA THR L 170 -6.68 17.12 12.99
C THR L 170 -7.91 17.95 13.33
N LEU L 171 -7.68 19.26 13.49
CA LEU L 171 -8.74 20.20 13.79
C LEU L 171 -9.83 20.22 12.73
N ALA L 172 -9.41 20.30 11.46
CA ALA L 172 -10.35 20.35 10.33
C ALA L 172 -11.15 19.07 10.19
N ALA L 173 -10.51 17.94 10.49
CA ALA L 173 -11.18 16.65 10.40
C ALA L 173 -12.25 16.56 11.50
N GLY L 174 -12.05 17.36 12.55
CA GLY L 174 -12.99 17.43 13.66
C GLY L 174 -13.15 16.13 14.42
N GLY L 175 -14.12 16.10 15.33
CA GLY L 175 -14.37 14.90 16.11
C GLY L 175 -13.56 14.87 17.39
N LEU L 176 -13.10 16.03 17.83
CA LEU L 176 -12.26 16.10 19.04
C LEU L 176 -13.13 16.16 20.28
N PRO L 177 -12.61 15.64 21.41
CA PRO L 177 -13.33 15.65 22.70
C PRO L 177 -13.86 17.01 23.15
N GLU L 178 -14.99 16.97 23.86
CA GLU L 178 -15.76 18.17 24.16
C GLU L 178 -14.98 19.33 24.75
N GLY L 179 -14.05 19.05 25.66
CA GLY L 179 -13.32 20.11 26.34
C GLY L 179 -11.89 20.30 25.86
N THR L 180 -11.67 20.06 24.56
CA THR L 180 -10.34 20.15 23.98
C THR L 180 -9.91 21.61 23.79
N ARG L 181 -8.74 21.95 24.32
CA ARG L 181 -8.21 23.31 24.19
C ARG L 181 -7.22 23.34 23.03
N VAL L 182 -7.19 24.43 22.28
CA VAL L 182 -6.39 24.46 21.04
C VAL L 182 -5.36 25.59 21.03
N HIS L 183 -4.12 25.25 20.68
CA HIS L 183 -3.01 26.21 20.69
C HIS L 183 -2.18 26.17 19.41
N ASP L 184 -1.66 27.33 19.02
CA ASP L 184 -0.81 27.44 17.84
C ASP L 184 0.36 26.47 17.88
N ASP L 185 1.01 26.40 19.03
CA ASP L 185 2.14 25.49 19.23
C ASP L 185 2.36 25.17 20.71
N LEU L 186 3.44 24.45 21.00
CA LEU L 186 3.73 24.05 22.38
C LEU L 186 4.13 25.27 23.20
N ARG L 187 4.82 26.21 22.56
CA ARG L 187 5.14 27.50 23.17
C ARG L 187 3.89 28.20 23.65
N ALA L 188 2.85 28.15 22.82
CA ALA L 188 1.57 28.76 23.16
C ALA L 188 0.87 27.96 24.24
N PHE L 189 0.91 26.63 24.12
CA PHE L 189 0.33 25.77 25.14
C PHE L 189 0.90 26.09 26.50
N ALA L 190 2.22 26.13 26.57
CA ALA L 190 2.93 26.35 27.82
C ALA L 190 2.55 27.70 28.44
N LEU L 191 2.46 28.74 27.62
CA LEU L 191 2.11 30.06 28.13
C LEU L 191 0.71 30.07 28.72
N ASP L 192 -0.24 29.52 27.98
CA ASP L 192 -1.63 29.45 28.42
C ASP L 192 -1.80 28.53 29.62
N PHE L 193 -1.17 27.37 29.56
CA PHE L 193 -1.28 26.37 30.62
C PHE L 193 -0.78 26.88 31.96
N LEU L 194 0.29 27.67 31.95
CA LEU L 194 0.85 28.17 33.19
C LEU L 194 0.08 29.40 33.66
N SER L 195 -1.16 29.17 34.07
CA SER L 195 -2.01 30.22 34.61
C SER L 195 -2.76 29.69 35.83
N LYS L 196 -3.03 28.38 35.81
CA LYS L 196 -3.69 27.69 36.91
C LYS L 196 -3.49 26.18 36.74
#